data_6PRE
#
_entry.id   6PRE
#
_cell.length_a   48.918
_cell.length_b   145.877
_cell.length_c   118.371
_cell.angle_alpha   90.000
_cell.angle_beta   93.640
_cell.angle_gamma   90.000
#
_symmetry.space_group_name_H-M   'P 1 21 1'
#
loop_
_entity.id
_entity.type
_entity.pdbx_description
1 polymer 'ABC transporter sugar-binding protein'
2 branched alpha-D-galactopyranose-(1-6)-alpha-D-galactopyranose-(1-6)-alpha-D-galactopyranose-(1-6)-[beta-D-fructofuranose-(2-1)]alpha-D-glucopyranose
3 non-polymer 1,2-ETHANEDIOL
4 water water
#
_entity_poly.entity_id   1
_entity_poly.type   'polypeptide(L)'
_entity_poly.pdbx_seq_one_letter_code
;MGSSHHHHHHSSGLVPRGSHSNYGKSADGTVTIEYFNQKKEMTKTLEEITRDFEKENPKIKVKVVNVPNAGEVLKTRVLA
GDVPDVVNIYPQSIELQEWAKAGVFEDLSNKDYLKRVKNGYAEKYAVNEKVYNVPFTANAYGIYYNKDKFEELGLKVPET
WDEFEQLVKDIVAKGQTPFGIAGADAWTLNGYNQLAFATATGGGKEANQYLRYSQPNAIKLSDPIMKDDIKVMDILRING
SKQKNWEGAGYTDVIGAFARGDVLMTPNGSWAITAINEQKPNFKIGTFMIPGKEKGQSLTVGAGDLAWSISATTKHPKEA
NAFVEYMTRPEVMQKYYDVDGSPTAIEGVKQAGEDSPLAGMTEYAFTDRHLVWLQQYWTSEADFHTLTMNYVLTGDKQGM
VNDLNAFFNPMKADVD
;
_entity_poly.pdbx_strand_id   A,B,C,D
#
loop_
_chem_comp.id
_chem_comp.type
_chem_comp.name
_chem_comp.formula
EDO non-polymer 1,2-ETHANEDIOL 'C2 H6 O2'
FRU D-saccharide, beta linking beta-D-fructofuranose 'C6 H12 O6'
GLA D-saccharide, alpha linking alpha-D-galactopyranose 'C6 H12 O6'
GLC D-saccharide, alpha linking alpha-D-glucopyranose 'C6 H12 O6'
#
# COMPACT_ATOMS: atom_id res chain seq x y z
N ASP A 28 -5.92 -52.46 -61.42
CA ASP A 28 -5.20 -52.12 -60.16
C ASP A 28 -6.14 -52.31 -58.96
N GLY A 29 -7.33 -51.73 -59.06
CA GLY A 29 -8.33 -51.78 -58.01
C GLY A 29 -8.26 -50.57 -57.09
N THR A 30 -7.04 -50.23 -56.68
CA THR A 30 -6.78 -49.12 -55.77
C THR A 30 -6.83 -47.80 -56.54
N VAL A 31 -7.38 -46.76 -55.91
CA VAL A 31 -7.45 -45.43 -56.47
C VAL A 31 -6.49 -44.52 -55.72
N THR A 32 -6.02 -43.46 -56.39
CA THR A 32 -5.01 -42.57 -55.84
C THR A 32 -5.54 -41.14 -55.82
N ILE A 33 -5.55 -40.55 -54.61
CA ILE A 33 -5.89 -39.15 -54.42
C ILE A 33 -4.65 -38.41 -53.93
N GLU A 34 -4.61 -37.10 -54.21
CA GLU A 34 -3.47 -36.27 -53.85
C GLU A 34 -3.88 -35.32 -52.73
N TYR A 35 -3.01 -35.19 -51.73
CA TYR A 35 -3.14 -34.15 -50.72
C TYR A 35 -2.00 -33.15 -50.88
N PHE A 36 -2.36 -31.91 -51.20
CA PHE A 36 -1.41 -30.82 -51.36
C PHE A 36 -1.25 -30.09 -50.03
N ASN A 37 -0.10 -30.31 -49.38
CA ASN A 37 0.14 -29.83 -48.03
C ASN A 37 0.94 -28.54 -48.06
N GLN A 38 0.65 -27.65 -47.09
CA GLN A 38 1.37 -26.41 -46.92
C GLN A 38 2.01 -26.38 -45.53
N LYS A 39 1.52 -27.27 -44.65
CA LYS A 39 2.06 -27.43 -43.31
C LYS A 39 3.38 -28.21 -43.39
N LYS A 40 4.45 -27.50 -43.76
CA LYS A 40 5.74 -28.10 -44.04
C LYS A 40 6.42 -28.55 -42.74
N GLU A 41 6.03 -27.91 -41.62
CA GLU A 41 6.60 -28.21 -40.31
C GLU A 41 6.05 -29.53 -39.79
N MET A 42 4.88 -29.93 -40.30
CA MET A 42 4.16 -31.08 -39.79
C MET A 42 4.13 -32.21 -40.81
N THR A 43 5.18 -32.26 -41.65
CA THR A 43 5.27 -33.21 -42.75
C THR A 43 5.28 -34.65 -42.21
N LYS A 44 6.05 -34.88 -41.15
CA LYS A 44 6.29 -36.21 -40.61
C LYS A 44 5.00 -36.79 -40.02
N THR A 45 4.29 -35.96 -39.25
CA THR A 45 3.10 -36.40 -38.53
C THR A 45 1.95 -36.62 -39.50
N LEU A 46 1.82 -35.73 -40.50
CA LEU A 46 0.72 -35.78 -41.45
C LEU A 46 0.86 -37.02 -42.35
N GLU A 47 2.11 -37.45 -42.59
CA GLU A 47 2.38 -38.63 -43.40
C GLU A 47 2.05 -39.89 -42.61
N GLU A 48 2.28 -39.84 -41.28
CA GLU A 48 2.01 -40.95 -40.39
C GLU A 48 0.50 -41.14 -40.26
N ILE A 49 -0.24 -40.02 -40.21
CA ILE A 49 -1.69 -40.03 -40.16
C ILE A 49 -2.23 -40.59 -41.49
N THR A 50 -1.56 -40.23 -42.59
CA THR A 50 -1.92 -40.67 -43.92
C THR A 50 -1.76 -42.19 -44.04
N ARG A 51 -0.67 -42.72 -43.46
CA ARG A 51 -0.37 -44.15 -43.49
C ARG A 51 -1.40 -44.90 -42.66
N ASP A 52 -1.87 -44.28 -41.57
CA ASP A 52 -2.88 -44.85 -40.71
C ASP A 52 -4.20 -44.97 -41.47
N PHE A 53 -4.49 -43.95 -42.31
CA PHE A 53 -5.68 -43.92 -43.14
C PHE A 53 -5.59 -44.98 -44.22
N GLU A 54 -4.38 -45.15 -44.78
CA GLU A 54 -4.13 -46.08 -45.87
C GLU A 54 -4.26 -47.53 -45.40
N LYS A 55 -3.93 -47.76 -44.12
CA LYS A 55 -3.98 -49.08 -43.53
C LYS A 55 -5.44 -49.47 -43.28
N GLU A 56 -6.29 -48.47 -43.04
CA GLU A 56 -7.70 -48.68 -42.76
C GLU A 56 -8.49 -48.68 -44.07
N ASN A 57 -7.91 -48.08 -45.12
CA ASN A 57 -8.53 -48.04 -46.43
C ASN A 57 -7.55 -48.62 -47.45
N PRO A 58 -7.51 -49.97 -47.61
CA PRO A 58 -6.56 -50.62 -48.52
C PRO A 58 -6.74 -50.24 -49.99
N LYS A 59 -7.95 -49.80 -50.35
CA LYS A 59 -8.30 -49.50 -51.73
C LYS A 59 -8.00 -48.04 -52.05
N ILE A 60 -7.49 -47.29 -51.06
CA ILE A 60 -7.20 -45.88 -51.23
C ILE A 60 -5.71 -45.64 -50.96
N LYS A 61 -5.05 -44.96 -51.90
CA LYS A 61 -3.67 -44.53 -51.74
C LYS A 61 -3.63 -43.01 -51.81
N VAL A 62 -2.86 -42.39 -50.90
CA VAL A 62 -2.79 -40.94 -50.79
C VAL A 62 -1.34 -40.50 -51.01
N LYS A 63 -1.15 -39.63 -52.02
CA LYS A 63 0.14 -39.03 -52.28
C LYS A 63 0.20 -37.66 -51.62
N VAL A 64 1.15 -37.51 -50.69
CA VAL A 64 1.34 -36.26 -49.96
C VAL A 64 2.38 -35.43 -50.70
N VAL A 65 1.98 -34.20 -51.07
CA VAL A 65 2.83 -33.29 -51.83
C VAL A 65 3.31 -32.19 -50.90
N ASN A 66 4.63 -32.01 -50.84
CA ASN A 66 5.27 -30.98 -50.03
C ASN A 66 6.33 -30.27 -50.87
N VAL A 67 5.92 -29.22 -51.59
CA VAL A 67 6.81 -28.45 -52.44
C VAL A 67 7.03 -27.07 -51.81
N PRO A 68 8.23 -26.46 -51.97
CA PRO A 68 8.48 -25.11 -51.48
C PRO A 68 7.67 -24.07 -52.26
N ASN A 69 7.26 -23.00 -51.56
CA ASN A 69 6.43 -21.95 -52.12
C ASN A 69 5.12 -22.57 -52.61
N ALA A 70 4.47 -23.33 -51.72
CA ALA A 70 3.30 -24.13 -52.03
C ALA A 70 2.13 -23.24 -52.45
N GLY A 71 2.08 -22.02 -51.89
CA GLY A 71 1.04 -21.06 -52.18
C GLY A 71 1.03 -20.65 -53.66
N GLU A 72 2.22 -20.45 -54.22
CA GLU A 72 2.40 -20.02 -55.59
C GLU A 72 2.16 -21.20 -56.54
N VAL A 73 2.60 -22.39 -56.12
CA VAL A 73 2.44 -23.60 -56.91
C VAL A 73 0.95 -23.95 -57.01
N LEU A 74 0.20 -23.64 -55.95
CA LEU A 74 -1.24 -23.89 -55.90
C LEU A 74 -1.96 -23.00 -56.90
N LYS A 75 -1.55 -21.72 -56.98
CA LYS A 75 -2.09 -20.78 -57.94
C LYS A 75 -1.87 -21.30 -59.35
N THR A 76 -0.67 -21.83 -59.60
CA THR A 76 -0.25 -22.34 -60.89
C THR A 76 -1.10 -23.54 -61.28
N ARG A 77 -1.39 -24.41 -60.30
CA ARG A 77 -2.04 -25.69 -60.57
C ARG A 77 -3.54 -25.51 -60.76
N VAL A 78 -4.13 -24.56 -60.02
CA VAL A 78 -5.56 -24.29 -60.10
C VAL A 78 -5.89 -23.72 -61.48
N LEU A 79 -5.05 -22.77 -61.94
CA LEU A 79 -5.23 -22.12 -63.23
C LEU A 79 -5.01 -23.13 -64.35
N ALA A 80 -4.08 -24.07 -64.13
CA ALA A 80 -3.73 -25.09 -65.11
C ALA A 80 -4.84 -26.14 -65.19
N GLY A 81 -5.76 -26.12 -64.23
CA GLY A 81 -6.86 -27.07 -64.17
C GLY A 81 -6.43 -28.43 -63.65
N ASP A 82 -5.34 -28.44 -62.87
CA ASP A 82 -4.84 -29.64 -62.23
C ASP A 82 -4.94 -29.47 -60.72
N VAL A 83 -6.19 -29.37 -60.23
CA VAL A 83 -6.46 -29.12 -58.83
C VAL A 83 -6.28 -30.41 -58.05
N PRO A 84 -5.43 -30.44 -57.01
CA PRO A 84 -5.28 -31.61 -56.14
C PRO A 84 -6.60 -31.98 -55.48
N ASP A 85 -6.78 -33.28 -55.23
CA ASP A 85 -8.01 -33.84 -54.69
C ASP A 85 -8.36 -33.16 -53.38
N VAL A 86 -7.39 -33.15 -52.45
CA VAL A 86 -7.53 -32.45 -51.18
C VAL A 86 -6.45 -31.38 -51.10
N VAL A 87 -6.87 -30.14 -50.84
CA VAL A 87 -5.99 -28.99 -50.88
C VAL A 87 -5.92 -28.35 -49.49
N ASN A 88 -4.70 -28.19 -48.98
CA ASN A 88 -4.46 -27.39 -47.79
C ASN A 88 -4.41 -25.91 -48.21
N ILE A 89 -5.50 -25.20 -47.93
CA ILE A 89 -5.65 -23.81 -48.32
C ILE A 89 -6.18 -23.02 -47.11
N TYR A 90 -5.66 -21.80 -46.94
CA TYR A 90 -6.05 -20.94 -45.82
C TYR A 90 -7.38 -20.27 -46.13
N PRO A 91 -8.41 -20.46 -45.28
CA PRO A 91 -9.79 -20.12 -45.64
C PRO A 91 -10.13 -18.63 -45.59
N GLN A 92 -9.14 -17.81 -45.19
CA GLN A 92 -9.33 -16.36 -45.11
C GLN A 92 -8.79 -15.71 -46.38
N SER A 93 -8.02 -16.49 -47.16
CA SER A 93 -7.31 -15.99 -48.32
C SER A 93 -8.29 -15.56 -49.42
N ILE A 94 -7.84 -14.62 -50.25
CA ILE A 94 -8.60 -14.14 -51.40
C ILE A 94 -8.67 -15.26 -52.44
N GLU A 95 -7.69 -16.16 -52.41
CA GLU A 95 -7.61 -17.29 -53.33
C GLU A 95 -8.79 -18.22 -53.09
N LEU A 96 -9.07 -18.51 -51.81
CA LEU A 96 -10.17 -19.39 -51.42
C LEU A 96 -11.50 -18.75 -51.82
N GLN A 97 -11.61 -17.43 -51.59
CA GLN A 97 -12.83 -16.68 -51.85
C GLN A 97 -13.15 -16.69 -53.34
N GLU A 98 -12.13 -16.47 -54.17
CA GLU A 98 -12.30 -16.32 -55.61
C GLU A 98 -12.58 -17.68 -56.24
N TRP A 99 -11.85 -18.71 -55.80
CA TRP A 99 -11.94 -20.04 -56.39
C TRP A 99 -13.24 -20.74 -55.98
N ALA A 100 -13.77 -20.38 -54.81
CA ALA A 100 -15.02 -20.93 -54.31
C ALA A 100 -16.18 -20.46 -55.17
N LYS A 101 -16.13 -19.18 -55.57
CA LYS A 101 -17.16 -18.56 -56.40
C LYS A 101 -17.08 -19.11 -57.82
N ALA A 102 -15.87 -19.46 -58.25
CA ALA A 102 -15.62 -19.97 -59.59
C ALA A 102 -16.08 -21.42 -59.70
N GLY A 103 -16.21 -22.09 -58.55
CA GLY A 103 -16.66 -23.47 -58.50
C GLY A 103 -15.51 -24.47 -58.61
N VAL A 104 -14.37 -24.10 -58.00
CA VAL A 104 -13.17 -24.92 -58.01
C VAL A 104 -13.28 -25.97 -56.90
N PHE A 105 -13.94 -25.61 -55.81
CA PHE A 105 -14.01 -26.47 -54.63
C PHE A 105 -15.44 -26.99 -54.43
N GLU A 106 -15.53 -28.13 -53.75
CA GLU A 106 -16.78 -28.80 -53.46
C GLU A 106 -17.48 -28.11 -52.29
N ASP A 107 -18.81 -28.00 -52.37
CA ASP A 107 -19.62 -27.47 -51.29
C ASP A 107 -19.68 -28.51 -50.17
N LEU A 108 -19.28 -28.09 -48.97
CA LEU A 108 -19.15 -28.99 -47.84
C LEU A 108 -20.17 -28.64 -46.75
N SER A 109 -21.14 -27.80 -47.12
CA SER A 109 -22.10 -27.23 -46.17
C SER A 109 -22.90 -28.33 -45.47
N ASN A 110 -23.31 -29.36 -46.23
CA ASN A 110 -24.19 -30.38 -45.73
C ASN A 110 -23.44 -31.71 -45.58
N LYS A 111 -22.24 -31.63 -44.99
CA LYS A 111 -21.46 -32.81 -44.65
C LYS A 111 -21.63 -33.11 -43.17
N ASP A 112 -21.69 -34.40 -42.83
CA ASP A 112 -21.96 -34.85 -41.47
C ASP A 112 -20.77 -34.56 -40.56
N TYR A 113 -19.57 -34.63 -41.13
CA TYR A 113 -18.33 -34.49 -40.36
C TYR A 113 -18.07 -33.03 -40.00
N LEU A 114 -18.83 -32.12 -40.62
CA LEU A 114 -18.69 -30.69 -40.40
C LEU A 114 -19.26 -30.31 -39.04
N LYS A 115 -20.06 -31.22 -38.46
CA LYS A 115 -20.68 -31.01 -37.15
C LYS A 115 -19.64 -31.23 -36.05
N ARG A 116 -18.46 -31.70 -36.44
CA ARG A 116 -17.37 -31.95 -35.50
C ARG A 116 -16.52 -30.69 -35.36
N VAL A 117 -16.88 -29.64 -36.11
CA VAL A 117 -16.20 -28.36 -36.07
C VAL A 117 -16.98 -27.43 -35.14
N LYS A 118 -16.35 -27.08 -34.00
CA LYS A 118 -16.96 -26.23 -33.00
C LYS A 118 -16.50 -24.78 -33.22
N ASN A 119 -16.99 -23.88 -32.36
CA ASN A 119 -16.65 -22.46 -32.37
C ASN A 119 -17.17 -21.79 -33.63
N GLY A 120 -18.12 -22.45 -34.30
CA GLY A 120 -18.68 -21.98 -35.56
C GLY A 120 -17.60 -21.54 -36.54
N TYR A 121 -16.48 -22.27 -36.54
CA TYR A 121 -15.26 -21.84 -37.20
C TYR A 121 -15.33 -22.13 -38.70
N ALA A 122 -16.13 -23.13 -39.08
CA ALA A 122 -16.34 -23.46 -40.48
C ALA A 122 -17.25 -22.42 -41.14
N GLU A 123 -18.18 -21.87 -40.34
CA GLU A 123 -19.15 -20.90 -40.81
C GLU A 123 -18.50 -19.53 -40.95
N LYS A 124 -17.38 -19.32 -40.24
CA LYS A 124 -16.68 -18.05 -40.20
C LYS A 124 -16.14 -17.70 -41.59
N TYR A 125 -15.70 -18.71 -42.34
CA TYR A 125 -15.07 -18.51 -43.63
C TYR A 125 -15.98 -18.99 -44.75
N ALA A 126 -17.29 -18.78 -44.57
CA ALA A 126 -18.28 -19.13 -45.58
C ALA A 126 -18.22 -18.15 -46.73
N VAL A 127 -18.42 -18.67 -47.95
CA VAL A 127 -18.47 -17.85 -49.16
C VAL A 127 -19.85 -18.03 -49.80
N ASN A 128 -20.62 -16.93 -49.79
CA ASN A 128 -22.00 -16.92 -50.24
C ASN A 128 -22.84 -17.84 -49.34
N GLU A 129 -22.51 -17.84 -48.05
CA GLU A 129 -23.20 -18.59 -47.00
C GLU A 129 -23.06 -20.09 -47.24
N LYS A 130 -21.92 -20.48 -47.82
CA LYS A 130 -21.62 -21.90 -48.08
C LYS A 130 -20.20 -22.20 -47.64
N VAL A 131 -20.02 -23.38 -47.02
CA VAL A 131 -18.74 -23.80 -46.45
C VAL A 131 -17.98 -24.59 -47.52
N TYR A 132 -16.76 -24.12 -47.83
CA TYR A 132 -15.94 -24.73 -48.86
C TYR A 132 -14.62 -25.22 -48.26
N ASN A 133 -14.45 -25.03 -46.95
CA ASN A 133 -13.20 -25.35 -46.29
C ASN A 133 -13.47 -25.86 -44.87
N VAL A 134 -12.68 -26.85 -44.45
CA VAL A 134 -12.74 -27.39 -43.10
C VAL A 134 -11.47 -26.94 -42.35
N PRO A 135 -11.56 -25.87 -41.52
CA PRO A 135 -10.41 -25.43 -40.74
C PRO A 135 -10.29 -26.20 -39.41
N PHE A 136 -9.40 -27.20 -39.42
CA PHE A 136 -9.19 -28.09 -38.29
C PHE A 136 -8.54 -27.32 -37.14
N THR A 137 -7.55 -26.49 -37.47
CA THR A 137 -6.79 -25.74 -36.48
C THR A 137 -6.81 -24.26 -36.82
N ALA A 138 -6.47 -23.43 -35.82
CA ALA A 138 -6.34 -22.00 -35.98
C ALA A 138 -4.94 -21.57 -35.54
N ASN A 139 -4.24 -20.84 -36.41
CA ASN A 139 -2.91 -20.32 -36.08
C ASN A 139 -3.06 -19.00 -35.34
N ALA A 140 -2.00 -18.63 -34.60
CA ALA A 140 -1.93 -17.39 -33.87
C ALA A 140 -0.53 -16.80 -33.99
N TYR A 141 -0.37 -15.53 -33.62
CA TYR A 141 0.91 -14.85 -33.70
C TYR A 141 1.24 -14.18 -32.36
N GLY A 142 2.52 -14.22 -32.00
CA GLY A 142 3.01 -13.60 -30.78
C GLY A 142 4.54 -13.59 -30.74
N ILE A 143 5.08 -13.55 -29.52
CA ILE A 143 6.52 -13.55 -29.31
C ILE A 143 6.90 -14.78 -28.48
N TYR A 144 7.72 -15.65 -29.07
CA TYR A 144 8.35 -16.74 -28.33
C TYR A 144 9.43 -16.15 -27.43
N TYR A 145 9.57 -16.72 -26.22
CA TYR A 145 10.57 -16.24 -25.28
C TYR A 145 11.10 -17.39 -24.41
N ASN A 146 12.34 -17.21 -23.94
CA ASN A 146 13.02 -18.16 -23.07
C ASN A 146 12.63 -17.88 -21.62
N LYS A 147 11.86 -18.79 -21.03
CA LYS A 147 11.34 -18.62 -19.68
C LYS A 147 12.48 -18.71 -18.66
N ASP A 148 13.46 -19.58 -18.94
CA ASP A 148 14.57 -19.84 -18.04
C ASP A 148 15.41 -18.58 -17.85
N LYS A 149 15.80 -17.95 -18.97
CA LYS A 149 16.69 -16.81 -18.95
C LYS A 149 15.94 -15.55 -18.50
N PHE A 150 14.61 -15.56 -18.67
CA PHE A 150 13.76 -14.48 -18.19
C PHE A 150 13.75 -14.48 -16.66
N GLU A 151 13.74 -15.69 -16.07
CA GLU A 151 13.75 -15.86 -14.63
C GLU A 151 15.14 -15.54 -14.09
N GLU A 152 16.17 -15.88 -14.87
CA GLU A 152 17.56 -15.69 -14.49
C GLU A 152 17.90 -14.21 -14.38
N LEU A 153 17.37 -13.41 -15.32
CA LEU A 153 17.72 -12.00 -15.43
C LEU A 153 16.64 -11.15 -14.77
N GLY A 154 15.61 -11.80 -14.23
CA GLY A 154 14.53 -11.13 -13.51
C GLY A 154 13.66 -10.29 -14.43
N LEU A 155 13.43 -10.80 -15.65
CA LEU A 155 12.64 -10.11 -16.66
C LEU A 155 11.21 -10.63 -16.62
N LYS A 156 10.25 -9.75 -16.93
CA LYS A 156 8.84 -10.06 -16.90
C LYS A 156 8.23 -9.84 -18.28
N VAL A 157 7.09 -10.47 -18.53
CA VAL A 157 6.33 -10.32 -19.75
C VAL A 157 5.80 -8.88 -19.83
N PRO A 158 6.03 -8.15 -20.94
CA PRO A 158 5.55 -6.77 -21.07
C PRO A 158 4.05 -6.70 -21.35
N GLU A 159 3.43 -5.61 -20.89
CA GLU A 159 1.99 -5.42 -20.99
C GLU A 159 1.67 -4.16 -21.79
N THR A 160 2.72 -3.37 -22.10
CA THR A 160 2.58 -2.16 -22.88
C THR A 160 3.70 -2.08 -23.91
N TRP A 161 3.60 -1.09 -24.82
CA TRP A 161 4.64 -0.81 -25.79
C TRP A 161 5.91 -0.35 -25.09
N ASP A 162 5.74 0.50 -24.06
CA ASP A 162 6.85 1.09 -23.32
C ASP A 162 7.60 0.02 -22.55
N GLU A 163 6.86 -0.97 -22.03
CA GLU A 163 7.44 -2.07 -21.26
C GLU A 163 8.20 -3.00 -22.21
N PHE A 164 7.66 -3.18 -23.42
CA PHE A 164 8.26 -4.04 -24.43
C PHE A 164 9.53 -3.40 -24.96
N GLU A 165 9.55 -2.07 -25.02
CA GLU A 165 10.75 -1.31 -25.37
C GLU A 165 11.82 -1.54 -24.31
N GLN A 166 11.42 -1.43 -23.03
CA GLN A 166 12.33 -1.50 -21.90
C GLN A 166 12.92 -2.91 -21.77
N LEU A 167 12.07 -3.91 -21.99
CA LEU A 167 12.47 -5.32 -21.88
C LEU A 167 13.64 -5.58 -22.84
N VAL A 168 13.52 -5.08 -24.07
CA VAL A 168 14.53 -5.26 -25.10
C VAL A 168 15.82 -4.58 -24.68
N LYS A 169 15.69 -3.37 -24.11
CA LYS A 169 16.84 -2.57 -23.70
C LYS A 169 17.54 -3.21 -22.51
N ASP A 170 16.76 -3.82 -21.62
CA ASP A 170 17.27 -4.46 -20.43
C ASP A 170 18.09 -5.69 -20.80
N ILE A 171 17.65 -6.40 -21.85
CA ILE A 171 18.31 -7.61 -22.32
C ILE A 171 19.64 -7.24 -22.97
N VAL A 172 19.65 -6.15 -23.74
CA VAL A 172 20.83 -5.66 -24.43
C VAL A 172 21.91 -5.32 -23.40
N ALA A 173 21.49 -4.64 -22.32
CA ALA A 173 22.40 -4.17 -21.27
C ALA A 173 22.98 -5.35 -20.50
N LYS A 174 22.29 -6.49 -20.53
CA LYS A 174 22.72 -7.70 -19.84
C LYS A 174 23.68 -8.50 -20.72
N GLY A 175 23.89 -8.03 -21.95
CA GLY A 175 24.83 -8.64 -22.88
C GLY A 175 24.22 -9.84 -23.59
N GLN A 176 22.89 -9.85 -23.73
CA GLN A 176 22.16 -10.91 -24.41
C GLN A 176 21.44 -10.31 -25.60
N THR A 177 21.18 -11.15 -26.62
CA THR A 177 20.46 -10.74 -27.82
C THR A 177 18.97 -10.94 -27.60
N PRO A 178 18.15 -9.86 -27.67
CA PRO A 178 16.70 -9.95 -27.48
C PRO A 178 15.98 -10.76 -28.56
N PHE A 179 16.13 -10.35 -29.83
CA PHE A 179 15.32 -10.89 -30.91
C PHE A 179 16.17 -11.71 -31.88
N GLY A 180 15.55 -12.77 -32.42
CA GLY A 180 16.03 -13.47 -33.60
C GLY A 180 15.11 -13.18 -34.79
N ILE A 181 15.65 -12.51 -35.81
CA ILE A 181 14.86 -12.04 -36.93
C ILE A 181 15.34 -12.70 -38.21
N ALA A 182 14.39 -13.22 -39.00
CA ALA A 182 14.67 -13.85 -40.28
C ALA A 182 14.55 -12.82 -41.40
N GLY A 183 15.68 -12.17 -41.72
CA GLY A 183 15.72 -11.08 -42.69
C GLY A 183 15.39 -11.54 -44.10
N ALA A 184 15.71 -12.80 -44.41
CA ALA A 184 15.51 -13.36 -45.74
C ALA A 184 14.07 -13.79 -45.94
N ASP A 185 13.36 -14.04 -44.83
CA ASP A 185 11.97 -14.46 -44.88
C ASP A 185 11.09 -13.37 -44.25
N ALA A 186 10.59 -12.48 -45.12
CA ALA A 186 9.87 -11.28 -44.69
C ALA A 186 8.50 -11.63 -44.14
N TRP A 187 8.00 -12.82 -44.48
CA TRP A 187 6.67 -13.25 -44.10
C TRP A 187 6.57 -13.52 -42.59
N THR A 188 7.73 -13.63 -41.94
CA THR A 188 7.81 -13.94 -40.52
C THR A 188 7.31 -12.76 -39.70
N LEU A 189 7.39 -11.54 -40.26
CA LEU A 189 7.04 -10.33 -39.54
C LEU A 189 5.67 -9.83 -39.98
N ASN A 190 4.97 -10.63 -40.79
CA ASN A 190 3.64 -10.28 -41.28
C ASN A 190 2.71 -10.02 -40.10
N GLY A 191 2.70 -10.96 -39.15
CA GLY A 191 1.84 -10.89 -37.97
C GLY A 191 2.22 -9.75 -37.04
N TYR A 192 3.51 -9.37 -37.04
CA TYR A 192 4.02 -8.34 -36.15
C TYR A 192 3.47 -6.98 -36.55
N ASN A 193 3.59 -6.65 -37.84
CA ASN A 193 3.20 -5.34 -38.36
C ASN A 193 1.68 -5.23 -38.37
N GLN A 194 1.00 -6.35 -38.64
CA GLN A 194 -0.46 -6.38 -38.68
C GLN A 194 -1.02 -6.13 -37.27
N LEU A 195 -0.31 -6.63 -36.26
CA LEU A 195 -0.71 -6.44 -34.87
C LEU A 195 -0.26 -5.06 -34.38
N ALA A 196 0.77 -4.51 -35.03
CA ALA A 196 1.23 -3.15 -34.74
C ALA A 196 0.14 -2.15 -35.08
N PHE A 197 -0.52 -2.37 -36.22
CA PHE A 197 -1.64 -1.55 -36.68
C PHE A 197 -2.88 -1.85 -35.84
N ALA A 198 -3.06 -3.14 -35.49
CA ALA A 198 -4.25 -3.60 -34.80
C ALA A 198 -4.35 -2.99 -33.40
N THR A 199 -3.24 -3.04 -32.66
CA THR A 199 -3.20 -2.54 -31.28
C THR A 199 -3.27 -1.02 -31.26
N ALA A 200 -2.79 -0.39 -32.35
CA ALA A 200 -2.77 1.05 -32.47
C ALA A 200 -4.17 1.58 -32.79
N THR A 201 -4.92 0.84 -33.61
CA THR A 201 -6.22 1.28 -34.09
C THR A 201 -7.32 0.80 -33.15
N GLY A 202 -7.28 -0.47 -32.76
CA GLY A 202 -8.27 -1.02 -31.84
C GLY A 202 -8.57 -2.50 -32.11
N GLY A 203 -8.49 -2.90 -33.38
CA GLY A 203 -8.76 -4.27 -33.79
C GLY A 203 -8.52 -4.50 -35.27
N GLY A 204 -9.06 -5.60 -35.79
CA GLY A 204 -8.88 -6.02 -37.17
C GLY A 204 -9.62 -5.12 -38.15
N LYS A 205 -10.87 -4.77 -37.80
CA LYS A 205 -11.72 -3.93 -38.64
C LYS A 205 -11.16 -2.52 -38.67
N GLU A 206 -10.64 -2.05 -37.53
CA GLU A 206 -10.15 -0.70 -37.36
C GLU A 206 -8.84 -0.52 -38.12
N ALA A 207 -8.05 -1.60 -38.21
CA ALA A 207 -6.77 -1.59 -38.90
C ALA A 207 -6.98 -1.52 -40.41
N ASN A 208 -8.00 -2.24 -40.90
CA ASN A 208 -8.30 -2.29 -42.32
C ASN A 208 -9.02 -1.01 -42.75
N GLN A 209 -9.63 -0.32 -41.79
CA GLN A 209 -10.28 0.96 -42.05
C GLN A 209 -9.23 2.02 -42.34
N TYR A 210 -8.09 1.93 -41.64
CA TYR A 210 -7.01 2.89 -41.78
C TYR A 210 -6.20 2.59 -43.04
N LEU A 211 -6.00 1.29 -43.33
CA LEU A 211 -5.08 0.86 -44.36
C LEU A 211 -5.80 0.68 -45.69
N ARG A 212 -6.86 -0.13 -45.69
CA ARG A 212 -7.44 -0.67 -46.92
C ARG A 212 -8.62 0.18 -47.37
N TYR A 213 -9.52 0.50 -46.44
CA TYR A 213 -10.82 1.08 -46.80
C TYR A 213 -10.78 2.61 -46.67
N SER A 214 -9.60 3.16 -46.44
CA SER A 214 -9.40 4.60 -46.43
C SER A 214 -9.30 5.12 -47.86
N GLN A 215 -9.22 6.45 -48.02
CA GLN A 215 -9.08 7.07 -49.32
C GLN A 215 -7.65 6.87 -49.82
N PRO A 216 -7.41 6.96 -51.15
CA PRO A 216 -6.04 6.90 -51.69
C PRO A 216 -5.16 8.00 -51.11
N ASN A 217 -3.94 7.62 -50.72
CA ASN A 217 -2.92 8.52 -50.19
C ASN A 217 -3.36 9.10 -48.84
N ALA A 218 -4.11 8.31 -48.07
CA ALA A 218 -4.59 8.72 -46.77
C ALA A 218 -3.53 8.48 -45.70
N ILE A 219 -2.71 7.44 -45.92
CA ILE A 219 -1.66 7.07 -44.99
C ILE A 219 -0.54 8.11 -45.07
N LYS A 220 -0.36 8.85 -43.97
CA LYS A 220 0.65 9.90 -43.88
C LYS A 220 1.50 9.68 -42.64
N LEU A 221 2.71 10.27 -42.65
CA LEU A 221 3.68 10.13 -41.58
C LEU A 221 3.19 10.87 -40.33
N SER A 222 2.37 11.91 -40.55
CA SER A 222 1.90 12.77 -39.47
C SER A 222 0.78 12.12 -38.69
N ASP A 223 0.13 11.10 -39.28
CA ASP A 223 -0.99 10.39 -38.68
C ASP A 223 -0.54 9.72 -37.38
N PRO A 224 -1.22 9.98 -36.24
CA PRO A 224 -0.85 9.38 -34.96
C PRO A 224 -0.82 7.86 -34.96
N ILE A 225 -1.71 7.26 -35.75
CA ILE A 225 -1.79 5.81 -35.90
C ILE A 225 -0.48 5.31 -36.53
N MET A 226 0.02 6.04 -37.53
CA MET A 226 1.24 5.71 -38.23
C MET A 226 2.43 5.89 -37.28
N LYS A 227 2.37 6.94 -36.45
CA LYS A 227 3.41 7.22 -35.47
C LYS A 227 3.47 6.11 -34.43
N ASP A 228 2.31 5.52 -34.14
CA ASP A 228 2.20 4.40 -33.21
C ASP A 228 2.75 3.14 -33.87
N ASP A 229 2.47 2.97 -35.17
CA ASP A 229 2.91 1.83 -35.94
C ASP A 229 4.44 1.78 -35.97
N ILE A 230 5.04 2.94 -36.23
CA ILE A 230 6.49 3.11 -36.30
C ILE A 230 7.10 2.74 -34.96
N LYS A 231 6.46 3.19 -33.87
CA LYS A 231 6.92 2.98 -32.52
C LYS A 231 7.03 1.49 -32.21
N VAL A 232 6.00 0.72 -32.61
CA VAL A 232 5.95 -0.71 -32.35
C VAL A 232 7.00 -1.41 -33.21
N MET A 233 7.18 -0.92 -34.45
CA MET A 233 8.14 -1.47 -35.39
C MET A 233 9.56 -1.14 -34.92
N ASP A 234 9.71 -0.02 -34.20
CA ASP A 234 11.00 0.48 -33.75
C ASP A 234 11.53 -0.37 -32.59
N ILE A 235 10.66 -1.20 -32.01
CA ILE A 235 11.04 -2.11 -30.94
C ILE A 235 12.04 -3.13 -31.50
N LEU A 236 11.88 -3.46 -32.79
CA LEU A 236 12.79 -4.38 -33.48
C LEU A 236 14.03 -3.62 -33.94
N ARG A 237 13.99 -2.29 -33.85
CA ARG A 237 15.05 -1.44 -34.36
C ARG A 237 15.90 -0.87 -33.22
N ILE A 238 15.59 -1.27 -31.99
CA ILE A 238 16.35 -0.85 -30.82
C ILE A 238 17.79 -1.34 -30.98
N ASN A 239 18.73 -0.49 -30.54
CA ASN A 239 20.16 -0.75 -30.70
C ASN A 239 20.51 -2.11 -30.12
N GLY A 240 21.04 -2.99 -30.98
CA GLY A 240 21.55 -4.29 -30.59
C GLY A 240 20.42 -5.28 -30.26
N SER A 241 19.25 -5.09 -30.89
CA SER A 241 18.09 -5.90 -30.60
C SER A 241 18.12 -7.21 -31.38
N LYS A 242 18.87 -7.23 -32.49
CA LYS A 242 18.86 -8.36 -33.40
C LYS A 242 20.23 -9.05 -33.42
N GLN A 243 20.23 -10.31 -33.86
CA GLN A 243 21.43 -11.14 -33.86
C GLN A 243 22.32 -10.75 -35.03
N LYS A 244 23.56 -11.26 -35.01
CA LYS A 244 24.54 -10.99 -36.04
C LYS A 244 24.17 -11.75 -37.32
N ASN A 245 24.34 -11.08 -38.46
CA ASN A 245 24.08 -11.63 -39.79
C ASN A 245 22.61 -12.00 -39.93
N TRP A 246 21.73 -11.16 -39.37
CA TRP A 246 20.30 -11.41 -39.37
C TRP A 246 19.70 -11.10 -40.75
N GLU A 247 20.37 -10.22 -41.49
CA GLU A 247 19.88 -9.70 -42.76
C GLU A 247 19.60 -10.84 -43.74
N GLY A 248 20.49 -11.84 -43.75
CA GLY A 248 20.38 -12.96 -44.67
C GLY A 248 20.00 -14.26 -43.96
N ALA A 249 19.44 -14.14 -42.76
CA ALA A 249 19.03 -15.29 -41.97
C ALA A 249 17.63 -15.73 -42.39
N GLY A 250 17.43 -17.05 -42.45
CA GLY A 250 16.16 -17.64 -42.86
C GLY A 250 15.30 -18.03 -41.67
N TYR A 251 14.15 -18.65 -41.97
CA TYR A 251 13.18 -19.09 -40.99
C TYR A 251 13.78 -20.21 -40.15
N THR A 252 14.50 -21.13 -40.80
CA THR A 252 15.12 -22.27 -40.15
C THR A 252 16.26 -21.82 -39.25
N ASP A 253 17.01 -20.80 -39.72
CA ASP A 253 18.17 -20.28 -39.01
C ASP A 253 17.77 -19.70 -37.65
N VAL A 254 16.61 -19.03 -37.62
CA VAL A 254 16.14 -18.33 -36.45
C VAL A 254 15.53 -19.33 -35.45
N ILE A 255 14.92 -20.39 -35.97
CA ILE A 255 14.39 -21.47 -35.15
C ILE A 255 15.53 -22.08 -34.34
N GLY A 256 16.65 -22.37 -35.02
CA GLY A 256 17.83 -22.94 -34.39
C GLY A 256 18.46 -22.00 -33.37
N ALA A 257 18.53 -20.70 -33.74
CA ALA A 257 19.16 -19.68 -32.93
C ALA A 257 18.41 -19.53 -31.59
N PHE A 258 17.08 -19.61 -31.64
CA PHE A 258 16.24 -19.50 -30.46
C PHE A 258 16.35 -20.77 -29.61
N ALA A 259 16.42 -21.92 -30.30
CA ALA A 259 16.44 -23.22 -29.65
C ALA A 259 17.76 -23.44 -28.91
N ARG A 260 18.86 -22.94 -29.49
CA ARG A 260 20.18 -23.06 -28.90
C ARG A 260 20.32 -22.11 -27.71
N GLY A 261 19.59 -21.00 -27.76
CA GLY A 261 19.59 -20.00 -26.69
C GLY A 261 20.47 -18.81 -27.04
N ASP A 262 20.66 -18.57 -28.34
CA ASP A 262 21.47 -17.47 -28.83
C ASP A 262 20.65 -16.17 -28.79
N VAL A 263 19.33 -16.30 -28.98
CA VAL A 263 18.41 -15.18 -28.85
C VAL A 263 17.36 -15.54 -27.81
N LEU A 264 16.83 -14.51 -27.12
CA LEU A 264 15.91 -14.70 -26.02
C LEU A 264 14.47 -14.74 -26.53
N MET A 265 14.21 -14.07 -27.65
CA MET A 265 12.87 -13.96 -28.21
C MET A 265 12.93 -14.10 -29.73
N THR A 266 11.78 -14.46 -30.32
CA THR A 266 11.58 -14.43 -31.76
C THR A 266 10.10 -14.22 -32.08
N PRO A 267 9.75 -13.19 -32.88
CA PRO A 267 8.37 -13.00 -33.32
C PRO A 267 8.02 -13.91 -34.49
N ASN A 268 7.03 -14.78 -34.29
CA ASN A 268 6.59 -15.73 -35.30
C ASN A 268 5.20 -16.25 -34.93
N GLY A 269 4.62 -17.05 -35.85
CA GLY A 269 3.32 -17.65 -35.64
C GLY A 269 3.40 -18.93 -34.81
N SER A 270 2.24 -19.47 -34.45
CA SER A 270 2.12 -20.65 -33.61
C SER A 270 2.62 -21.89 -34.34
N TRP A 271 2.91 -21.74 -35.63
CA TRP A 271 3.33 -22.83 -36.50
C TRP A 271 4.80 -23.20 -36.23
N ALA A 272 5.49 -22.34 -35.47
CA ALA A 272 6.94 -22.43 -35.31
C ALA A 272 7.33 -23.40 -34.20
N ILE A 273 6.43 -23.59 -33.22
CA ILE A 273 6.76 -24.26 -31.98
C ILE A 273 7.15 -25.73 -32.22
N THR A 274 6.50 -26.37 -33.20
CA THR A 274 6.74 -27.77 -33.49
C THR A 274 8.15 -27.95 -34.06
N ALA A 275 8.63 -26.91 -34.78
CA ALA A 275 9.96 -26.92 -35.35
C ALA A 275 11.00 -26.60 -34.29
N ILE A 276 10.60 -25.77 -33.31
CA ILE A 276 11.48 -25.38 -32.21
C ILE A 276 11.68 -26.58 -31.28
N ASN A 277 10.59 -27.30 -31.00
CA ASN A 277 10.59 -28.45 -30.12
C ASN A 277 11.50 -29.55 -30.69
N GLU A 278 11.56 -29.63 -32.02
CA GLU A 278 12.28 -30.67 -32.72
C GLU A 278 13.79 -30.45 -32.61
N GLN A 279 14.18 -29.22 -32.26
CA GLN A 279 15.58 -28.84 -32.15
C GLN A 279 16.12 -29.19 -30.76
N LYS A 280 15.22 -29.67 -29.88
CA LYS A 280 15.53 -30.11 -28.53
C LYS A 280 16.20 -28.99 -27.75
N PRO A 281 15.46 -27.91 -27.36
CA PRO A 281 16.02 -26.85 -26.53
C PRO A 281 16.17 -27.27 -25.07
N ASN A 282 17.17 -26.71 -24.41
CA ASN A 282 17.45 -27.03 -23.01
C ASN A 282 16.91 -25.92 -22.12
N PHE A 283 15.62 -25.58 -22.33
CA PHE A 283 14.91 -24.59 -21.52
C PHE A 283 13.41 -24.73 -21.77
N LYS A 284 12.62 -24.19 -20.83
CA LYS A 284 11.17 -24.15 -20.96
C LYS A 284 10.79 -22.96 -21.85
N ILE A 285 9.94 -23.21 -22.85
CA ILE A 285 9.54 -22.21 -23.82
C ILE A 285 8.22 -21.59 -23.37
N GLY A 286 8.08 -20.29 -23.62
CA GLY A 286 6.83 -19.57 -23.40
C GLY A 286 6.52 -18.62 -24.54
N THR A 287 5.33 -18.01 -24.49
CA THR A 287 4.92 -17.00 -25.45
C THR A 287 4.19 -15.87 -24.72
N PHE A 288 4.10 -14.71 -25.40
CA PHE A 288 3.24 -13.61 -24.98
C PHE A 288 2.76 -12.85 -26.21
N MET A 289 1.59 -12.23 -26.07
CA MET A 289 0.98 -11.46 -27.16
C MET A 289 1.66 -10.10 -27.25
N ILE A 290 1.69 -9.56 -28.47
CA ILE A 290 2.15 -8.19 -28.70
C ILE A 290 1.18 -7.25 -28.01
N PRO A 291 1.63 -6.48 -27.00
CA PRO A 291 0.72 -5.65 -26.19
C PRO A 291 0.32 -4.36 -26.91
N GLY A 292 -0.69 -3.68 -26.35
CA GLY A 292 -1.13 -2.40 -26.86
C GLY A 292 -0.39 -1.24 -26.20
N LYS A 293 -0.96 -0.03 -26.32
CA LYS A 293 -0.41 1.17 -25.72
C LYS A 293 -0.50 1.06 -24.20
N GLU A 294 -1.66 0.61 -23.73
CA GLU A 294 -1.93 0.47 -22.30
C GLU A 294 -2.26 -1.00 -22.00
N LYS A 295 -2.22 -1.36 -20.71
CA LYS A 295 -2.39 -2.73 -20.27
C LYS A 295 -3.80 -3.22 -20.62
N GLY A 296 -3.88 -4.49 -21.06
CA GLY A 296 -5.14 -5.13 -21.40
C GLY A 296 -5.64 -4.77 -22.79
N GLN A 297 -4.70 -4.44 -23.68
CA GLN A 297 -5.02 -4.06 -25.05
C GLN A 297 -4.28 -4.97 -26.03
N SER A 298 -3.76 -6.08 -25.52
CA SER A 298 -2.99 -7.03 -26.32
C SER A 298 -3.91 -7.79 -27.27
N LEU A 299 -3.41 -8.06 -28.48
CA LEU A 299 -4.17 -8.73 -29.52
C LEU A 299 -3.32 -9.83 -30.15
N THR A 300 -3.99 -10.74 -30.87
CA THR A 300 -3.32 -11.75 -31.69
C THR A 300 -4.04 -11.85 -33.04
N VAL A 301 -3.33 -12.37 -34.04
CA VAL A 301 -3.86 -12.51 -35.38
C VAL A 301 -3.66 -13.94 -35.86
N GLY A 302 -4.63 -14.44 -36.64
CA GLY A 302 -4.54 -15.78 -37.21
C GLY A 302 -5.81 -16.19 -37.96
N ALA A 303 -5.75 -17.38 -38.57
CA ALA A 303 -6.87 -17.99 -39.25
C ALA A 303 -6.66 -19.51 -39.32
N GLY A 304 -7.44 -20.17 -40.18
CA GLY A 304 -7.34 -21.61 -40.38
C GLY A 304 -5.94 -22.03 -40.83
N ASP A 305 -5.30 -22.88 -40.02
CA ASP A 305 -3.94 -23.32 -40.25
C ASP A 305 -3.97 -24.60 -41.09
N LEU A 306 -4.23 -25.73 -40.41
CA LEU A 306 -4.56 -26.97 -41.10
C LEU A 306 -6.02 -26.87 -41.55
N ALA A 307 -6.20 -26.47 -42.81
CA ALA A 307 -7.53 -26.21 -43.37
C ALA A 307 -7.59 -26.81 -44.77
N TRP A 308 -8.54 -27.74 -44.97
CA TRP A 308 -8.59 -28.51 -46.20
C TRP A 308 -9.84 -28.15 -47.02
N SER A 309 -9.68 -28.22 -48.34
CA SER A 309 -10.77 -28.09 -49.29
C SER A 309 -10.68 -29.24 -50.30
N ILE A 310 -11.84 -29.62 -50.86
CA ILE A 310 -11.91 -30.70 -51.82
C ILE A 310 -12.18 -30.13 -53.20
N SER A 311 -11.45 -30.64 -54.21
CA SER A 311 -11.63 -30.27 -55.59
C SER A 311 -13.02 -30.68 -56.06
N ALA A 312 -13.65 -29.82 -56.87
CA ALA A 312 -14.97 -30.07 -57.41
C ALA A 312 -14.87 -30.97 -58.65
N THR A 313 -13.66 -31.03 -59.22
CA THR A 313 -13.42 -31.75 -60.47
C THR A 313 -12.63 -33.02 -60.21
N THR A 314 -12.65 -33.49 -58.96
CA THR A 314 -11.95 -34.71 -58.57
C THR A 314 -12.64 -35.93 -59.18
N LYS A 315 -11.82 -36.92 -59.54
CA LYS A 315 -12.32 -38.17 -60.10
C LYS A 315 -12.77 -39.10 -58.98
N HIS A 316 -12.31 -38.83 -57.76
CA HIS A 316 -12.60 -39.66 -56.61
C HIS A 316 -13.12 -38.78 -55.46
N PRO A 317 -14.39 -38.32 -55.51
CA PRO A 317 -14.93 -37.46 -54.46
C PRO A 317 -15.27 -38.19 -53.17
N LYS A 318 -15.51 -39.49 -53.26
CA LYS A 318 -15.86 -40.32 -52.11
C LYS A 318 -14.61 -40.59 -51.27
N GLU A 319 -13.48 -40.77 -51.95
CA GLU A 319 -12.21 -41.06 -51.31
C GLU A 319 -11.64 -39.79 -50.68
N ALA A 320 -11.84 -38.66 -51.36
CA ALA A 320 -11.36 -37.36 -50.90
C ALA A 320 -12.11 -36.95 -49.62
N ASN A 321 -13.41 -37.25 -49.60
CA ASN A 321 -14.27 -36.94 -48.46
C ASN A 321 -13.92 -37.82 -47.27
N ALA A 322 -13.48 -39.06 -47.56
CA ALA A 322 -13.12 -40.03 -46.53
C ALA A 322 -11.84 -39.61 -45.83
N PHE A 323 -10.95 -38.93 -46.58
CA PHE A 323 -9.68 -38.47 -46.06
C PHE A 323 -9.90 -37.27 -45.13
N VAL A 324 -10.80 -36.37 -45.54
CA VAL A 324 -11.14 -35.19 -44.77
C VAL A 324 -11.88 -35.60 -43.50
N GLU A 325 -12.84 -36.52 -43.66
CA GLU A 325 -13.65 -37.03 -42.57
C GLU A 325 -12.76 -37.69 -41.51
N TYR A 326 -11.70 -38.36 -41.98
CA TYR A 326 -10.77 -39.08 -41.11
C TYR A 326 -10.06 -38.10 -40.18
N MET A 327 -9.77 -36.89 -40.68
CA MET A 327 -9.02 -35.89 -39.95
C MET A 327 -9.91 -35.20 -38.92
N THR A 328 -11.24 -35.30 -39.10
CA THR A 328 -12.19 -34.67 -38.20
C THR A 328 -12.39 -35.54 -36.96
N ARG A 329 -11.87 -36.77 -37.01
CA ARG A 329 -11.98 -37.72 -35.90
C ARG A 329 -11.10 -37.25 -34.74
N PRO A 330 -11.62 -37.25 -33.50
CA PRO A 330 -10.90 -36.70 -32.35
C PRO A 330 -9.57 -37.41 -32.04
N GLU A 331 -9.54 -38.73 -32.24
CA GLU A 331 -8.37 -39.53 -31.91
C GLU A 331 -7.29 -39.35 -32.98
N VAL A 332 -7.71 -38.93 -34.18
CA VAL A 332 -6.80 -38.66 -35.28
C VAL A 332 -6.26 -37.24 -35.13
N MET A 333 -7.15 -36.30 -34.77
CA MET A 333 -6.81 -34.90 -34.61
C MET A 333 -5.88 -34.72 -33.41
N GLN A 334 -6.06 -35.56 -32.38
CA GLN A 334 -5.24 -35.53 -31.18
C GLN A 334 -3.79 -35.82 -31.55
N LYS A 335 -3.59 -36.77 -32.48
CA LYS A 335 -2.27 -37.20 -32.91
C LYS A 335 -1.55 -36.05 -33.60
N TYR A 336 -2.30 -35.20 -34.33
CA TYR A 336 -1.77 -34.03 -34.99
C TYR A 336 -1.49 -32.94 -33.96
N TYR A 337 -2.44 -32.74 -33.03
CA TYR A 337 -2.40 -31.66 -32.07
C TYR A 337 -1.24 -31.82 -31.11
N ASP A 338 -0.95 -33.07 -30.72
CA ASP A 338 0.07 -33.38 -29.73
C ASP A 338 1.44 -32.94 -30.23
N VAL A 339 1.58 -32.80 -31.55
CA VAL A 339 2.84 -32.41 -32.17
C VAL A 339 2.79 -30.93 -32.54
N ASP A 340 1.67 -30.51 -33.15
CA ASP A 340 1.51 -29.17 -33.69
C ASP A 340 1.38 -28.17 -32.54
N GLY A 341 0.24 -28.20 -31.84
CA GLY A 341 0.04 -27.40 -30.65
C GLY A 341 -0.91 -26.23 -30.86
N SER A 342 -1.13 -25.86 -32.13
CA SER A 342 -2.00 -24.75 -32.48
C SER A 342 -3.45 -25.08 -32.09
N PRO A 343 -4.23 -24.10 -31.59
CA PRO A 343 -5.62 -24.35 -31.16
C PRO A 343 -6.45 -25.01 -32.25
N THR A 344 -7.26 -25.99 -31.84
CA THR A 344 -8.09 -26.76 -32.76
C THR A 344 -9.57 -26.43 -32.52
N ALA A 345 -10.37 -26.59 -33.57
CA ALA A 345 -11.81 -26.39 -33.51
C ALA A 345 -12.53 -27.72 -33.57
N ILE A 346 -11.75 -28.81 -33.61
CA ILE A 346 -12.27 -30.17 -33.74
C ILE A 346 -12.74 -30.65 -32.36
N GLU A 347 -13.93 -31.26 -32.35
CA GLU A 347 -14.61 -31.69 -31.14
C GLU A 347 -13.94 -32.93 -30.56
N GLY A 348 -13.83 -32.96 -29.24
CA GLY A 348 -13.37 -34.13 -28.50
C GLY A 348 -11.85 -34.23 -28.42
N VAL A 349 -11.18 -33.08 -28.56
CA VAL A 349 -9.72 -33.04 -28.49
C VAL A 349 -9.32 -32.39 -27.18
N LYS A 350 -8.51 -33.11 -26.40
CA LYS A 350 -7.98 -32.62 -25.13
C LYS A 350 -6.82 -31.65 -25.42
N GLN A 351 -7.02 -30.38 -25.07
CA GLN A 351 -6.05 -29.33 -25.34
C GLN A 351 -5.24 -29.04 -24.09
N ALA A 352 -4.06 -28.45 -24.30
CA ALA A 352 -3.10 -28.18 -23.23
C ALA A 352 -3.54 -26.99 -22.40
N GLY A 353 -2.98 -26.88 -21.18
CA GLY A 353 -3.32 -25.83 -20.25
C GLY A 353 -2.40 -24.61 -20.39
N GLU A 354 -2.29 -23.84 -19.30
CA GLU A 354 -1.57 -22.58 -19.28
C GLU A 354 -0.08 -22.80 -19.05
N ASP A 355 0.32 -24.08 -18.95
CA ASP A 355 1.70 -24.45 -18.69
C ASP A 355 2.43 -24.72 -20.00
N SER A 356 1.65 -24.75 -21.10
CA SER A 356 2.16 -25.06 -22.43
C SER A 356 2.90 -23.86 -23.02
N PRO A 357 3.80 -24.06 -24.00
CA PRO A 357 4.55 -22.97 -24.63
C PRO A 357 3.69 -21.92 -25.34
N LEU A 358 2.56 -22.35 -25.92
CA LEU A 358 1.72 -21.47 -26.72
C LEU A 358 0.61 -20.84 -25.87
N ALA A 359 0.76 -20.93 -24.55
CA ALA A 359 -0.28 -20.49 -23.62
C ALA A 359 -0.54 -19.00 -23.76
N GLY A 360 0.53 -18.21 -23.77
CA GLY A 360 0.44 -16.75 -23.81
C GLY A 360 -0.05 -16.24 -25.16
N MET A 361 0.33 -16.93 -26.24
CA MET A 361 0.05 -16.52 -27.60
C MET A 361 -1.40 -16.83 -27.94
N THR A 362 -1.89 -17.98 -27.47
CA THR A 362 -3.19 -18.50 -27.87
C THR A 362 -4.20 -18.34 -26.72
N GLU A 363 -3.99 -17.29 -25.91
CA GLU A 363 -4.76 -17.06 -24.70
C GLU A 363 -6.19 -16.67 -25.04
N TYR A 364 -6.35 -15.92 -26.14
CA TYR A 364 -7.65 -15.40 -26.55
C TYR A 364 -8.07 -16.02 -27.87
N ALA A 365 -7.76 -17.31 -28.04
CA ALA A 365 -8.08 -18.05 -29.26
C ALA A 365 -9.59 -18.20 -29.40
N PHE A 366 -10.09 -17.98 -30.62
CA PHE A 366 -11.49 -18.10 -30.98
C PHE A 366 -12.34 -17.04 -30.30
N THR A 367 -11.74 -15.88 -30.03
CA THR A 367 -12.45 -14.73 -29.49
C THR A 367 -12.26 -13.53 -30.42
N ASP A 368 -12.72 -12.36 -29.96
CA ASP A 368 -12.65 -11.13 -30.73
C ASP A 368 -11.22 -10.62 -30.79
N ARG A 369 -10.43 -10.96 -29.77
CA ARG A 369 -9.06 -10.51 -29.65
C ARG A 369 -8.14 -11.42 -30.47
N HIS A 370 -8.74 -12.38 -31.16
CA HIS A 370 -8.06 -13.18 -32.16
C HIS A 370 -8.62 -12.83 -33.54
N LEU A 371 -8.15 -11.69 -34.08
CA LEU A 371 -8.65 -11.14 -35.33
C LEU A 371 -8.07 -11.92 -36.51
N VAL A 372 -8.83 -11.92 -37.62
CA VAL A 372 -8.45 -12.64 -38.82
C VAL A 372 -7.37 -11.85 -39.54
N TRP A 373 -6.49 -12.57 -40.27
CA TRP A 373 -5.46 -11.97 -41.11
C TRP A 373 -6.08 -10.85 -41.95
N LEU A 374 -5.36 -9.73 -42.04
CA LEU A 374 -5.88 -8.52 -42.65
C LEU A 374 -5.95 -8.68 -44.17
N GLN A 375 -5.15 -9.61 -44.72
CA GLN A 375 -5.10 -9.83 -46.16
C GLN A 375 -6.36 -10.56 -46.63
N GLN A 376 -7.32 -10.75 -45.71
CA GLN A 376 -8.63 -11.29 -46.02
C GLN A 376 -9.35 -10.34 -46.98
N TYR A 377 -9.02 -9.05 -46.88
CA TYR A 377 -9.63 -8.01 -47.70
C TYR A 377 -8.57 -7.28 -48.52
N TRP A 378 -7.42 -7.93 -48.73
CA TRP A 378 -6.41 -7.43 -49.64
C TRP A 378 -6.35 -8.30 -50.89
N THR A 379 -5.76 -7.77 -51.96
CA THR A 379 -5.57 -8.50 -53.20
C THR A 379 -4.30 -9.34 -53.14
N SER A 380 -3.36 -8.93 -52.28
CA SER A 380 -2.12 -9.65 -52.03
C SER A 380 -1.57 -9.27 -50.65
N GLU A 381 -0.45 -9.90 -50.26
CA GLU A 381 0.14 -9.64 -48.96
C GLU A 381 1.67 -9.63 -49.07
N ALA A 382 2.20 -10.06 -50.22
CA ALA A 382 3.62 -10.25 -50.43
C ALA A 382 4.37 -8.92 -50.23
N ASP A 383 3.83 -7.84 -50.77
CA ASP A 383 4.47 -6.54 -50.73
C ASP A 383 4.40 -5.94 -49.32
N PHE A 384 3.38 -6.35 -48.55
CA PHE A 384 3.24 -5.90 -47.17
C PHE A 384 4.34 -6.50 -46.30
N HIS A 385 4.76 -7.73 -46.65
CA HIS A 385 5.86 -8.39 -45.98
C HIS A 385 7.16 -7.62 -46.24
N THR A 386 7.34 -7.23 -47.50
CA THR A 386 8.57 -6.60 -47.98
C THR A 386 8.77 -5.26 -47.27
N LEU A 387 7.71 -4.43 -47.24
CA LEU A 387 7.80 -3.09 -46.70
C LEU A 387 7.97 -3.13 -45.18
N THR A 388 7.52 -4.24 -44.57
CA THR A 388 7.69 -4.46 -43.15
C THR A 388 9.16 -4.72 -42.84
N MET A 389 9.76 -5.65 -43.59
CA MET A 389 11.14 -6.07 -43.39
C MET A 389 12.10 -4.96 -43.83
N ASN A 390 11.72 -4.22 -44.87
CA ASN A 390 12.53 -3.16 -45.43
C ASN A 390 12.76 -2.05 -44.39
N TYR A 391 11.76 -1.83 -43.53
CA TYR A 391 11.87 -0.81 -42.49
C TYR A 391 12.84 -1.28 -41.39
N VAL A 392 12.85 -2.59 -41.12
CA VAL A 392 13.74 -3.17 -40.13
C VAL A 392 15.17 -3.10 -40.66
N LEU A 393 15.31 -3.12 -41.99
CA LEU A 393 16.60 -3.10 -42.66
C LEU A 393 17.13 -1.68 -42.77
N THR A 394 16.24 -0.71 -43.06
CA THR A 394 16.67 0.63 -43.42
C THR A 394 16.31 1.62 -42.32
N GLY A 395 15.09 1.53 -41.79
CA GLY A 395 14.58 2.50 -40.82
C GLY A 395 14.03 3.73 -41.52
N ASP A 396 13.70 3.59 -42.81
CA ASP A 396 13.16 4.65 -43.62
C ASP A 396 11.67 4.81 -43.32
N LYS A 397 11.34 5.85 -42.55
CA LYS A 397 9.98 6.08 -42.07
C LYS A 397 9.08 6.53 -43.21
N GLN A 398 9.55 7.53 -43.96
CA GLN A 398 8.81 8.08 -45.09
C GLN A 398 8.71 7.03 -46.20
N GLY A 399 9.78 6.26 -46.37
CA GLY A 399 9.83 5.19 -47.37
C GLY A 399 8.77 4.11 -47.12
N MET A 400 8.55 3.78 -45.84
CA MET A 400 7.56 2.80 -45.44
C MET A 400 6.16 3.33 -45.75
N VAL A 401 5.94 4.62 -45.45
CA VAL A 401 4.67 5.28 -45.70
C VAL A 401 4.38 5.27 -47.20
N ASN A 402 5.43 5.51 -48.01
CA ASN A 402 5.32 5.53 -49.45
C ASN A 402 5.02 4.13 -49.98
N ASP A 403 5.60 3.12 -49.31
CA ASP A 403 5.41 1.72 -49.68
C ASP A 403 3.98 1.29 -49.40
N LEU A 404 3.41 1.81 -48.30
CA LEU A 404 2.07 1.46 -47.85
C LEU A 404 1.04 2.00 -48.85
N ASN A 405 1.25 3.24 -49.30
CA ASN A 405 0.34 3.89 -50.24
C ASN A 405 0.41 3.19 -51.59
N ALA A 406 1.64 2.89 -52.05
CA ALA A 406 1.85 2.23 -53.33
C ALA A 406 1.23 0.84 -53.35
N PHE A 407 1.06 0.25 -52.16
CA PHE A 407 0.54 -1.10 -52.01
C PHE A 407 -0.99 -1.07 -51.99
N PHE A 408 -1.56 -0.08 -51.29
CA PHE A 408 -2.99 -0.06 -51.00
C PHE A 408 -3.78 0.72 -52.04
N ASN A 409 -3.12 1.64 -52.74
CA ASN A 409 -3.76 2.49 -53.74
C ASN A 409 -4.42 1.66 -54.83
N PRO A 410 -3.73 0.66 -55.44
CA PRO A 410 -4.33 -0.17 -56.50
C PRO A 410 -5.58 -0.92 -56.08
N MET A 411 -5.70 -1.21 -54.77
CA MET A 411 -6.82 -1.93 -54.22
C MET A 411 -8.02 -1.00 -54.06
N LYS A 412 -7.73 0.27 -53.75
CA LYS A 412 -8.75 1.29 -53.55
C LYS A 412 -9.34 1.73 -54.88
N ALA A 413 -8.53 1.60 -55.95
CA ALA A 413 -8.95 1.94 -57.30
C ALA A 413 -9.77 0.80 -57.89
N THR B 30 -54.60 -5.88 -31.88
CA THR B 30 -53.16 -5.99 -31.48
C THR B 30 -52.88 -7.39 -30.96
N VAL B 31 -51.59 -7.74 -30.91
CA VAL B 31 -51.13 -9.06 -30.49
C VAL B 31 -50.27 -8.90 -29.23
N THR B 32 -50.54 -9.72 -28.22
CA THR B 32 -49.83 -9.69 -26.96
C THR B 32 -49.01 -10.97 -26.78
N ILE B 33 -47.73 -10.81 -26.41
CA ILE B 33 -46.84 -11.91 -26.09
C ILE B 33 -46.20 -11.65 -24.74
N GLU B 34 -45.73 -12.74 -24.10
CA GLU B 34 -45.14 -12.67 -22.78
C GLU B 34 -43.64 -12.99 -22.86
N TYR B 35 -42.84 -12.17 -22.20
CA TYR B 35 -41.43 -12.47 -21.97
C TYR B 35 -41.20 -12.72 -20.48
N PHE B 36 -40.77 -13.94 -20.16
CA PHE B 36 -40.45 -14.33 -18.79
C PHE B 36 -38.99 -13.97 -18.51
N ASN B 37 -38.78 -13.05 -17.56
CA ASN B 37 -37.47 -12.50 -17.28
C ASN B 37 -36.90 -13.14 -16.01
N GLN B 38 -35.60 -13.42 -16.04
CA GLN B 38 -34.88 -13.90 -14.87
C GLN B 38 -33.79 -12.91 -14.50
N LYS B 39 -33.47 -12.00 -15.43
CA LYS B 39 -32.49 -10.95 -15.22
C LYS B 39 -33.16 -9.80 -14.47
N LYS B 40 -33.29 -9.96 -13.15
CA LYS B 40 -34.07 -9.07 -12.31
C LYS B 40 -33.33 -7.75 -12.08
N GLU B 41 -32.00 -7.78 -12.24
CA GLU B 41 -31.17 -6.60 -12.03
C GLU B 41 -31.31 -5.64 -13.21
N MET B 42 -31.75 -6.17 -14.36
CA MET B 42 -31.76 -5.42 -15.61
C MET B 42 -33.20 -5.11 -16.03
N THR B 43 -34.12 -5.19 -15.06
CA THR B 43 -35.55 -5.03 -15.31
C THR B 43 -35.84 -3.72 -16.03
N LYS B 44 -35.26 -2.63 -15.52
CA LYS B 44 -35.53 -1.28 -15.99
C LYS B 44 -35.13 -1.14 -17.46
N THR B 45 -33.91 -1.60 -17.79
CA THR B 45 -33.35 -1.45 -19.12
C THR B 45 -34.11 -2.34 -20.11
N LEU B 46 -34.50 -3.54 -19.66
CA LEU B 46 -35.21 -4.49 -20.49
C LEU B 46 -36.61 -3.99 -20.83
N GLU B 47 -37.19 -3.21 -19.90
CA GLU B 47 -38.51 -2.63 -20.10
C GLU B 47 -38.40 -1.44 -21.07
N GLU B 48 -37.26 -0.76 -21.05
CA GLU B 48 -36.99 0.36 -21.95
C GLU B 48 -36.86 -0.17 -23.38
N ILE B 49 -36.14 -1.29 -23.53
CA ILE B 49 -35.92 -1.93 -24.81
C ILE B 49 -37.25 -2.45 -25.35
N THR B 50 -38.10 -2.94 -24.45
CA THR B 50 -39.41 -3.48 -24.79
C THR B 50 -40.30 -2.38 -25.35
N ARG B 51 -40.28 -1.21 -24.71
CA ARG B 51 -41.10 -0.07 -25.11
C ARG B 51 -40.65 0.45 -26.46
N ASP B 52 -39.35 0.35 -26.74
CA ASP B 52 -38.76 0.78 -28.00
C ASP B 52 -39.23 -0.15 -29.12
N PHE B 53 -39.36 -1.44 -28.81
CA PHE B 53 -39.81 -2.45 -29.75
C PHE B 53 -41.30 -2.25 -30.05
N GLU B 54 -42.05 -1.80 -29.05
CA GLU B 54 -43.49 -1.59 -29.16
C GLU B 54 -43.78 -0.36 -30.02
N LYS B 55 -42.89 0.63 -29.94
CA LYS B 55 -43.05 1.87 -30.70
C LYS B 55 -42.75 1.63 -32.17
N GLU B 56 -41.95 0.60 -32.45
CA GLU B 56 -41.54 0.27 -33.81
C GLU B 56 -42.50 -0.77 -34.40
N ASN B 57 -43.16 -1.54 -33.52
CA ASN B 57 -44.17 -2.51 -33.92
C ASN B 57 -45.46 -2.21 -33.15
N PRO B 58 -46.33 -1.30 -33.66
CA PRO B 58 -47.50 -0.84 -32.93
C PRO B 58 -48.60 -1.89 -32.73
N LYS B 59 -48.56 -2.95 -33.53
CA LYS B 59 -49.55 -4.01 -33.46
C LYS B 59 -49.07 -5.13 -32.53
N ILE B 60 -47.92 -4.92 -31.88
CA ILE B 60 -47.35 -5.90 -30.98
C ILE B 60 -47.14 -5.25 -29.60
N LYS B 61 -47.70 -5.90 -28.57
CA LYS B 61 -47.49 -5.52 -27.18
C LYS B 61 -46.78 -6.67 -26.47
N VAL B 62 -45.87 -6.33 -25.55
CA VAL B 62 -45.06 -7.31 -24.85
C VAL B 62 -45.22 -7.10 -23.35
N LYS B 63 -45.65 -8.15 -22.65
CA LYS B 63 -45.75 -8.14 -21.20
C LYS B 63 -44.50 -8.79 -20.61
N VAL B 64 -43.78 -8.02 -19.80
CA VAL B 64 -42.56 -8.49 -19.15
C VAL B 64 -42.91 -8.98 -17.75
N VAL B 65 -42.59 -10.24 -17.47
CA VAL B 65 -42.90 -10.88 -16.20
C VAL B 65 -41.63 -10.94 -15.35
N ASN B 66 -41.72 -10.35 -14.16
CA ASN B 66 -40.63 -10.38 -13.18
C ASN B 66 -41.18 -10.84 -11.83
N VAL B 67 -40.91 -12.11 -11.50
CA VAL B 67 -41.33 -12.69 -10.24
C VAL B 67 -40.10 -13.20 -9.49
N PRO B 68 -40.10 -13.15 -8.13
CA PRO B 68 -39.01 -13.75 -7.36
C PRO B 68 -39.04 -15.28 -7.45
N ASN B 69 -37.85 -15.88 -7.39
CA ASN B 69 -37.66 -17.33 -7.55
C ASN B 69 -38.21 -17.75 -8.91
N ALA B 70 -37.77 -17.03 -9.95
CA ALA B 70 -38.29 -17.18 -11.31
C ALA B 70 -37.94 -18.55 -11.87
N GLY B 71 -36.79 -19.10 -11.43
CA GLY B 71 -36.32 -20.41 -11.86
C GLY B 71 -37.30 -21.52 -11.53
N GLU B 72 -37.92 -21.42 -10.35
CA GLU B 72 -38.85 -22.43 -9.87
C GLU B 72 -40.23 -22.20 -10.48
N VAL B 73 -40.59 -20.93 -10.69
CA VAL B 73 -41.87 -20.56 -11.28
C VAL B 73 -41.91 -21.06 -12.72
N LEU B 74 -40.81 -20.87 -13.45
CA LEU B 74 -40.68 -21.30 -14.82
C LEU B 74 -40.81 -22.81 -14.91
N LYS B 75 -40.13 -23.51 -13.98
CA LYS B 75 -40.16 -24.97 -13.90
C LYS B 75 -41.60 -25.45 -13.69
N THR B 76 -42.30 -24.78 -12.77
CA THR B 76 -43.67 -25.13 -12.43
C THR B 76 -44.59 -24.94 -13.63
N ARG B 77 -44.33 -23.88 -14.41
CA ARG B 77 -45.19 -23.48 -15.51
C ARG B 77 -44.93 -24.34 -16.75
N VAL B 78 -43.66 -24.65 -17.02
CA VAL B 78 -43.28 -25.41 -18.21
C VAL B 78 -43.75 -26.85 -18.06
N LEU B 79 -43.64 -27.39 -16.84
CA LEU B 79 -44.08 -28.76 -16.53
C LEU B 79 -45.60 -28.82 -16.60
N ALA B 80 -46.25 -27.67 -16.38
CA ALA B 80 -47.70 -27.56 -16.41
C ALA B 80 -48.20 -27.31 -17.83
N GLY B 81 -47.27 -27.07 -18.76
CA GLY B 81 -47.61 -26.84 -20.15
C GLY B 81 -48.11 -25.41 -20.39
N ASP B 82 -47.74 -24.50 -19.48
CA ASP B 82 -48.02 -23.08 -19.63
C ASP B 82 -46.71 -22.35 -19.89
N VAL B 83 -46.24 -22.45 -21.14
CA VAL B 83 -44.94 -21.95 -21.53
C VAL B 83 -45.09 -20.52 -22.04
N PRO B 84 -44.33 -19.54 -21.48
CA PRO B 84 -44.29 -18.18 -22.03
C PRO B 84 -43.77 -18.17 -23.46
N ASP B 85 -44.13 -17.13 -24.21
CA ASP B 85 -43.77 -17.00 -25.61
C ASP B 85 -42.25 -16.90 -25.76
N VAL B 86 -41.64 -15.98 -24.99
CA VAL B 86 -40.20 -15.83 -24.94
C VAL B 86 -39.74 -16.10 -23.50
N VAL B 87 -38.79 -17.02 -23.36
CA VAL B 87 -38.37 -17.51 -22.05
C VAL B 87 -36.88 -17.20 -21.86
N ASN B 88 -36.56 -16.53 -20.75
CA ASN B 88 -35.18 -16.34 -20.32
C ASN B 88 -34.75 -17.58 -19.54
N ILE B 89 -34.06 -18.49 -20.24
CA ILE B 89 -33.57 -19.73 -19.65
C ILE B 89 -32.07 -19.85 -19.93
N TYR B 90 -31.32 -20.29 -18.92
CA TYR B 90 -29.88 -20.46 -19.03
C TYR B 90 -29.59 -21.71 -19.86
N PRO B 91 -28.81 -21.58 -20.96
CA PRO B 91 -28.74 -22.62 -22.00
C PRO B 91 -27.89 -23.85 -21.66
N GLN B 92 -27.28 -23.85 -20.46
CA GLN B 92 -26.48 -24.97 -20.00
C GLN B 92 -27.31 -25.85 -19.07
N SER B 93 -28.42 -25.31 -18.57
CA SER B 93 -29.24 -25.95 -17.56
C SER B 93 -29.79 -27.27 -18.07
N ILE B 94 -29.98 -28.21 -17.14
CA ILE B 94 -30.56 -29.52 -17.44
C ILE B 94 -32.01 -29.32 -17.88
N GLU B 95 -32.61 -28.21 -17.46
CA GLU B 95 -33.98 -27.86 -17.78
C GLU B 95 -34.15 -27.74 -19.29
N LEU B 96 -33.29 -26.91 -19.93
CA LEU B 96 -33.36 -26.70 -21.36
C LEU B 96 -33.07 -28.00 -22.10
N GLN B 97 -32.07 -28.76 -21.62
CA GLN B 97 -31.67 -30.01 -22.24
C GLN B 97 -32.87 -30.96 -22.31
N GLU B 98 -33.63 -31.04 -21.22
CA GLU B 98 -34.77 -31.92 -21.12
C GLU B 98 -35.93 -31.39 -21.97
N TRP B 99 -36.17 -30.08 -21.88
CA TRP B 99 -37.35 -29.47 -22.48
C TRP B 99 -37.19 -29.32 -24.00
N ALA B 100 -35.95 -29.20 -24.45
CA ALA B 100 -35.65 -29.10 -25.88
C ALA B 100 -35.88 -30.44 -26.56
N LYS B 101 -35.59 -31.52 -25.84
CA LYS B 101 -35.78 -32.88 -26.33
C LYS B 101 -37.26 -33.21 -26.36
N ALA B 102 -38.04 -32.59 -25.47
CA ALA B 102 -39.47 -32.82 -25.35
C ALA B 102 -40.23 -32.04 -26.43
N GLY B 103 -39.58 -31.02 -27.00
CA GLY B 103 -40.15 -30.21 -28.07
C GLY B 103 -40.93 -29.02 -27.53
N VAL B 104 -40.47 -28.47 -26.40
CA VAL B 104 -41.10 -27.34 -25.75
C VAL B 104 -40.69 -26.05 -26.48
N PHE B 105 -39.44 -26.02 -26.98
CA PHE B 105 -38.87 -24.82 -27.56
C PHE B 105 -38.72 -24.97 -29.07
N GLU B 106 -38.83 -23.82 -29.77
CA GLU B 106 -38.72 -23.74 -31.21
C GLU B 106 -37.26 -23.93 -31.63
N ASP B 107 -37.07 -24.63 -32.75
CA ASP B 107 -35.76 -24.84 -33.36
C ASP B 107 -35.33 -23.54 -34.05
N LEU B 108 -34.19 -22.99 -33.61
CA LEU B 108 -33.73 -21.69 -34.08
C LEU B 108 -32.47 -21.87 -34.93
N SER B 109 -32.22 -23.10 -35.39
CA SER B 109 -30.99 -23.46 -36.09
C SER B 109 -30.80 -22.62 -37.35
N ASN B 110 -31.85 -22.56 -38.19
CA ASN B 110 -31.75 -21.94 -39.50
C ASN B 110 -32.40 -20.55 -39.50
N LYS B 111 -32.26 -19.84 -38.36
CA LYS B 111 -32.70 -18.46 -38.26
C LYS B 111 -31.58 -17.55 -38.77
N ASP B 112 -31.98 -16.44 -39.41
CA ASP B 112 -31.04 -15.52 -40.03
C ASP B 112 -30.34 -14.69 -38.95
N TYR B 113 -31.04 -14.42 -37.84
CA TYR B 113 -30.53 -13.55 -36.80
C TYR B 113 -29.51 -14.28 -35.93
N LEU B 114 -29.44 -15.62 -36.06
CA LEU B 114 -28.57 -16.44 -35.25
C LEU B 114 -27.11 -16.28 -35.72
N LYS B 115 -26.94 -15.78 -36.94
CA LYS B 115 -25.62 -15.58 -37.54
C LYS B 115 -24.97 -14.34 -36.94
N ARG B 116 -25.71 -13.61 -36.11
CA ARG B 116 -25.22 -12.44 -35.41
C ARG B 116 -24.51 -12.86 -34.12
N VAL B 117 -24.72 -14.12 -33.72
CA VAL B 117 -24.01 -14.71 -32.59
C VAL B 117 -22.63 -15.16 -33.09
N LYS B 118 -21.59 -14.65 -32.43
CA LYS B 118 -20.22 -14.82 -32.89
C LYS B 118 -19.60 -16.09 -32.30
N ASN B 119 -18.71 -16.70 -33.08
CA ASN B 119 -17.86 -17.81 -32.66
C ASN B 119 -18.71 -19.01 -32.26
N GLY B 120 -19.86 -19.18 -32.93
CA GLY B 120 -20.74 -20.31 -32.75
C GLY B 120 -21.09 -20.56 -31.28
N TYR B 121 -21.45 -19.47 -30.57
CA TYR B 121 -21.72 -19.54 -29.15
C TYR B 121 -23.11 -20.11 -28.89
N ALA B 122 -24.01 -19.95 -29.87
CA ALA B 122 -25.35 -20.52 -29.79
C ALA B 122 -25.28 -22.04 -30.01
N GLU B 123 -24.34 -22.45 -30.87
CA GLU B 123 -24.16 -23.86 -31.22
C GLU B 123 -23.45 -24.59 -30.09
N LYS B 124 -22.89 -23.83 -29.14
CA LYS B 124 -22.16 -24.37 -28.00
C LYS B 124 -23.13 -25.10 -27.06
N TYR B 125 -24.38 -24.63 -27.01
CA TYR B 125 -25.39 -25.16 -26.12
C TYR B 125 -26.46 -25.90 -26.90
N ALA B 126 -26.08 -26.49 -28.03
CA ALA B 126 -27.00 -27.18 -28.92
C ALA B 126 -27.45 -28.50 -28.30
N VAL B 127 -28.71 -28.87 -28.56
CA VAL B 127 -29.30 -30.11 -28.10
C VAL B 127 -29.67 -30.95 -29.32
N ASN B 128 -29.03 -32.12 -29.44
CA ASN B 128 -29.18 -33.02 -30.58
C ASN B 128 -28.83 -32.28 -31.87
N GLU B 129 -27.75 -31.50 -31.82
CA GLU B 129 -27.17 -30.78 -32.95
C GLU B 129 -28.15 -29.71 -33.46
N LYS B 130 -28.99 -29.20 -32.55
CA LYS B 130 -29.96 -28.18 -32.91
C LYS B 130 -29.97 -27.08 -31.84
N VAL B 131 -30.04 -25.82 -32.29
CA VAL B 131 -29.99 -24.66 -31.43
C VAL B 131 -31.41 -24.29 -31.00
N TYR B 132 -31.61 -24.13 -29.68
CA TYR B 132 -32.91 -23.84 -29.12
C TYR B 132 -32.86 -22.55 -28.30
N ASN B 133 -31.68 -21.93 -28.21
CA ASN B 133 -31.48 -20.79 -27.33
C ASN B 133 -30.48 -19.81 -27.97
N VAL B 134 -30.77 -18.51 -27.79
CA VAL B 134 -29.89 -17.45 -28.24
C VAL B 134 -29.22 -16.83 -27.00
N PRO B 135 -27.95 -17.17 -26.71
CA PRO B 135 -27.21 -16.58 -25.58
C PRO B 135 -26.59 -15.25 -25.98
N PHE B 136 -27.28 -14.15 -25.63
CA PHE B 136 -26.84 -12.81 -25.97
C PHE B 136 -25.59 -12.45 -25.18
N THR B 137 -25.61 -12.77 -23.88
CA THR B 137 -24.49 -12.48 -22.99
C THR B 137 -24.06 -13.77 -22.28
N ALA B 138 -22.89 -13.71 -21.64
CA ALA B 138 -22.39 -14.78 -20.80
C ALA B 138 -21.96 -14.20 -19.46
N ASN B 139 -22.40 -14.84 -18.37
CA ASN B 139 -22.01 -14.43 -17.03
C ASN B 139 -20.65 -15.04 -16.68
N ALA B 140 -19.94 -14.39 -15.75
CA ALA B 140 -18.69 -14.89 -15.21
C ALA B 140 -18.71 -14.73 -13.69
N TYR B 141 -17.80 -15.44 -13.01
CA TYR B 141 -17.72 -15.39 -11.57
C TYR B 141 -16.29 -15.04 -11.14
N GLY B 142 -16.19 -14.19 -10.12
CA GLY B 142 -14.91 -13.79 -9.55
C GLY B 142 -15.08 -13.10 -8.20
N ILE B 143 -14.10 -12.26 -7.85
CA ILE B 143 -14.11 -11.51 -6.60
C ILE B 143 -14.08 -10.02 -6.94
N TYR B 144 -15.15 -9.31 -6.54
CA TYR B 144 -15.19 -7.86 -6.60
C TYR B 144 -14.27 -7.31 -5.50
N TYR B 145 -13.54 -6.24 -5.81
CA TYR B 145 -12.63 -5.65 -4.84
C TYR B 145 -12.55 -4.13 -5.02
N ASN B 146 -12.23 -3.45 -3.92
CA ASN B 146 -12.08 -2.00 -3.87
C ASN B 146 -10.64 -1.66 -4.24
N LYS B 147 -10.47 -0.96 -5.37
CA LYS B 147 -9.16 -0.60 -5.89
C LYS B 147 -8.52 0.47 -5.01
N ASP B 148 -9.34 1.41 -4.55
CA ASP B 148 -8.89 2.57 -3.78
C ASP B 148 -8.26 2.12 -2.47
N LYS B 149 -8.97 1.26 -1.74
CA LYS B 149 -8.53 0.76 -0.44
C LYS B 149 -7.35 -0.19 -0.60
N PHE B 150 -7.32 -0.91 -1.73
CA PHE B 150 -6.25 -1.84 -2.05
C PHE B 150 -4.95 -1.07 -2.29
N GLU B 151 -5.04 0.05 -3.02
CA GLU B 151 -3.90 0.89 -3.32
C GLU B 151 -3.47 1.64 -2.07
N GLU B 152 -4.44 1.97 -1.21
CA GLU B 152 -4.21 2.72 0.02
C GLU B 152 -3.45 1.85 1.02
N LEU B 153 -3.84 0.58 1.11
CA LEU B 153 -3.26 -0.34 2.08
C LEU B 153 -2.07 -1.07 1.45
N GLY B 154 -1.88 -0.90 0.14
CA GLY B 154 -0.77 -1.49 -0.58
C GLY B 154 -0.93 -3.00 -0.76
N LEU B 155 -2.18 -3.42 -1.06
CA LEU B 155 -2.50 -4.82 -1.26
C LEU B 155 -2.56 -5.10 -2.76
N LYS B 156 -2.21 -6.34 -3.13
CA LYS B 156 -2.17 -6.74 -4.53
C LYS B 156 -3.15 -7.89 -4.76
N VAL B 157 -3.54 -8.06 -6.02
CA VAL B 157 -4.38 -9.17 -6.45
C VAL B 157 -3.59 -10.48 -6.28
N PRO B 158 -4.16 -11.48 -5.57
CA PRO B 158 -3.46 -12.75 -5.34
C PRO B 158 -3.39 -13.61 -6.60
N GLU B 159 -2.33 -14.43 -6.67
CA GLU B 159 -2.09 -15.28 -7.83
C GLU B 159 -2.18 -16.75 -7.42
N THR B 160 -2.19 -17.00 -6.10
CA THR B 160 -2.26 -18.34 -5.56
C THR B 160 -3.26 -18.38 -4.40
N TRP B 161 -3.53 -19.60 -3.89
CA TRP B 161 -4.39 -19.80 -2.73
C TRP B 161 -3.73 -19.20 -1.49
N ASP B 162 -2.41 -19.42 -1.36
CA ASP B 162 -1.63 -18.97 -0.22
C ASP B 162 -1.63 -17.45 -0.14
N GLU B 163 -1.57 -16.80 -1.32
CA GLU B 163 -1.57 -15.35 -1.41
C GLU B 163 -2.96 -14.81 -1.09
N PHE B 164 -3.98 -15.59 -1.45
CA PHE B 164 -5.38 -15.22 -1.21
C PHE B 164 -5.71 -15.40 0.27
N GLU B 165 -5.06 -16.40 0.91
CA GLU B 165 -5.15 -16.61 2.34
C GLU B 165 -4.51 -15.43 3.07
N GLN B 166 -3.35 -14.99 2.56
CA GLN B 166 -2.55 -13.94 3.17
C GLN B 166 -3.24 -12.59 3.04
N LEU B 167 -3.85 -12.34 1.88
CA LEU B 167 -4.51 -11.09 1.57
C LEU B 167 -5.61 -10.82 2.59
N VAL B 168 -6.41 -11.85 2.89
CA VAL B 168 -7.56 -11.75 3.78
C VAL B 168 -7.07 -11.43 5.19
N LYS B 169 -6.00 -12.13 5.62
CA LYS B 169 -5.43 -11.95 6.94
C LYS B 169 -4.86 -10.53 7.09
N ASP B 170 -4.30 -10.01 5.98
CA ASP B 170 -3.68 -8.70 5.96
C ASP B 170 -4.74 -7.62 6.11
N ILE B 171 -5.90 -7.83 5.46
CA ILE B 171 -7.01 -6.87 5.48
C ILE B 171 -7.58 -6.80 6.90
N VAL B 172 -7.64 -7.97 7.56
CA VAL B 172 -8.13 -8.07 8.93
C VAL B 172 -7.21 -7.27 9.86
N ALA B 173 -5.90 -7.47 9.69
CA ALA B 173 -4.89 -6.89 10.55
C ALA B 173 -4.76 -5.39 10.32
N LYS B 174 -5.23 -4.92 9.15
CA LYS B 174 -5.12 -3.52 8.78
C LYS B 174 -6.37 -2.75 9.18
N GLY B 175 -7.38 -3.48 9.70
CA GLY B 175 -8.56 -2.87 10.28
C GLY B 175 -9.67 -2.62 9.26
N GLN B 176 -9.90 -3.61 8.39
CA GLN B 176 -11.00 -3.58 7.44
C GLN B 176 -11.63 -4.97 7.35
N THR B 177 -12.87 -5.01 6.83
CA THR B 177 -13.58 -6.27 6.63
C THR B 177 -13.29 -6.79 5.24
N PRO B 178 -12.64 -7.97 5.10
CA PRO B 178 -12.32 -8.54 3.79
C PRO B 178 -13.53 -8.83 2.91
N PHE B 179 -14.43 -9.70 3.40
CA PHE B 179 -15.51 -10.22 2.58
C PHE B 179 -16.87 -9.73 3.04
N GLY B 180 -17.78 -9.55 2.08
CA GLY B 180 -19.20 -9.40 2.34
C GLY B 180 -19.96 -10.62 1.84
N ILE B 181 -20.40 -11.47 2.79
CA ILE B 181 -21.02 -12.75 2.47
C ILE B 181 -22.52 -12.66 2.79
N ALA B 182 -23.34 -13.18 1.86
CA ALA B 182 -24.78 -13.22 2.03
C ALA B 182 -25.20 -14.62 2.45
N GLY B 183 -25.31 -14.82 3.78
CA GLY B 183 -25.61 -16.11 4.36
C GLY B 183 -27.03 -16.59 4.07
N ALA B 184 -27.92 -15.65 3.75
CA ALA B 184 -29.31 -15.94 3.45
C ALA B 184 -29.46 -16.42 2.00
N ASP B 185 -28.53 -15.97 1.14
CA ASP B 185 -28.54 -16.34 -0.26
C ASP B 185 -27.32 -17.21 -0.57
N ALA B 186 -27.52 -18.53 -0.47
CA ALA B 186 -26.46 -19.50 -0.59
C ALA B 186 -25.97 -19.63 -2.03
N TRP B 187 -26.81 -19.20 -2.98
CA TRP B 187 -26.53 -19.33 -4.40
C TRP B 187 -25.39 -18.41 -4.82
N THR B 188 -25.05 -17.44 -3.97
CA THR B 188 -24.05 -16.43 -4.27
C THR B 188 -22.64 -17.03 -4.20
N LEU B 189 -22.52 -18.16 -3.49
CA LEU B 189 -21.23 -18.81 -3.33
C LEU B 189 -21.13 -20.05 -4.21
N ASN B 190 -22.06 -20.18 -5.17
CA ASN B 190 -22.10 -21.31 -6.08
C ASN B 190 -20.82 -21.34 -6.91
N GLY B 191 -20.49 -20.20 -7.52
CA GLY B 191 -19.33 -20.08 -8.40
C GLY B 191 -18.00 -20.22 -7.65
N TYR B 192 -18.00 -19.86 -6.37
CA TYR B 192 -16.80 -19.88 -5.55
C TYR B 192 -16.36 -21.32 -5.31
N ASN B 193 -17.29 -22.15 -4.84
CA ASN B 193 -17.01 -23.53 -4.46
C ASN B 193 -16.75 -24.37 -5.71
N GLN B 194 -17.39 -23.99 -6.82
CA GLN B 194 -17.23 -24.69 -8.09
C GLN B 194 -15.81 -24.46 -8.62
N LEU B 195 -15.32 -23.24 -8.48
CA LEU B 195 -13.99 -22.88 -8.95
C LEU B 195 -12.93 -23.43 -7.98
N ALA B 196 -13.34 -23.66 -6.72
CA ALA B 196 -12.48 -24.25 -5.72
C ALA B 196 -12.12 -25.68 -6.13
N PHE B 197 -13.12 -26.42 -6.64
CA PHE B 197 -12.93 -27.77 -7.14
C PHE B 197 -12.20 -27.73 -8.48
N ALA B 198 -12.58 -26.77 -9.33
CA ALA B 198 -12.12 -26.69 -10.71
C ALA B 198 -10.62 -26.43 -10.77
N THR B 199 -10.15 -25.49 -9.94
CA THR B 199 -8.74 -25.13 -9.91
C THR B 199 -7.91 -26.26 -9.31
N ALA B 200 -8.53 -27.02 -8.40
CA ALA B 200 -7.87 -28.12 -7.70
C ALA B 200 -7.71 -29.32 -8.62
N THR B 201 -8.75 -29.59 -9.43
CA THR B 201 -8.79 -30.76 -10.28
C THR B 201 -8.05 -30.50 -11.59
N GLY B 202 -8.18 -29.27 -12.11
CA GLY B 202 -7.50 -28.86 -13.32
C GLY B 202 -8.42 -28.19 -14.33
N GLY B 203 -9.73 -28.28 -14.08
CA GLY B 203 -10.74 -27.67 -14.94
C GLY B 203 -12.15 -28.08 -14.56
N GLY B 204 -13.11 -27.74 -15.44
CA GLY B 204 -14.52 -28.02 -15.21
C GLY B 204 -14.86 -29.49 -15.42
N LYS B 205 -14.29 -30.08 -16.47
CA LYS B 205 -14.53 -31.47 -16.83
C LYS B 205 -13.91 -32.38 -15.77
N GLU B 206 -12.76 -31.96 -15.23
CA GLU B 206 -12.01 -32.71 -14.24
C GLU B 206 -12.74 -32.69 -12.90
N ALA B 207 -13.46 -31.59 -12.63
CA ALA B 207 -14.20 -31.41 -11.40
C ALA B 207 -15.42 -32.34 -11.38
N ASN B 208 -16.08 -32.46 -12.53
CA ASN B 208 -17.27 -33.30 -12.67
C ASN B 208 -16.88 -34.77 -12.65
N GLN B 209 -15.61 -35.07 -12.95
CA GLN B 209 -15.09 -36.43 -12.90
C GLN B 209 -14.93 -36.86 -11.44
N TYR B 210 -14.57 -35.91 -10.58
CA TYR B 210 -14.36 -36.18 -9.17
C TYR B 210 -15.70 -36.26 -8.43
N LEU B 211 -16.62 -35.35 -8.78
CA LEU B 211 -17.84 -35.14 -8.01
C LEU B 211 -18.99 -35.97 -8.58
N ARG B 212 -19.18 -35.91 -9.90
CA ARG B 212 -20.39 -36.40 -10.53
C ARG B 212 -20.18 -37.80 -11.10
N TYR B 213 -19.09 -37.99 -11.86
CA TYR B 213 -18.91 -39.20 -12.64
C TYR B 213 -18.00 -40.20 -11.91
N SER B 214 -17.85 -40.01 -10.60
CA SER B 214 -17.12 -40.95 -9.77
C SER B 214 -18.07 -42.05 -9.29
N GLN B 215 -17.54 -42.99 -8.51
CA GLN B 215 -18.33 -44.06 -7.91
C GLN B 215 -19.12 -43.50 -6.72
N PRO B 216 -20.21 -44.17 -6.27
CA PRO B 216 -20.92 -43.74 -5.07
C PRO B 216 -20.01 -43.75 -3.84
N ASN B 217 -20.10 -42.67 -3.05
CA ASN B 217 -19.37 -42.50 -1.80
C ASN B 217 -17.86 -42.48 -2.05
N ALA B 218 -17.46 -41.99 -3.23
CA ALA B 218 -16.06 -41.94 -3.62
C ALA B 218 -15.38 -40.72 -3.00
N ILE B 219 -16.17 -39.70 -2.69
CA ILE B 219 -15.67 -38.46 -2.10
C ILE B 219 -15.37 -38.73 -0.63
N LYS B 220 -14.09 -38.60 -0.26
CA LYS B 220 -13.61 -38.84 1.08
C LYS B 220 -12.82 -37.64 1.57
N LEU B 221 -12.69 -37.52 2.90
CA LEU B 221 -12.00 -36.42 3.55
C LEU B 221 -10.50 -36.52 3.31
N SER B 222 -10.02 -37.76 3.11
CA SER B 222 -8.59 -38.05 2.95
C SER B 222 -8.11 -37.66 1.56
N ASP B 223 -9.05 -37.55 0.61
CA ASP B 223 -8.75 -37.22 -0.78
C ASP B 223 -8.06 -35.86 -0.85
N PRO B 224 -6.89 -35.76 -1.52
CA PRO B 224 -6.15 -34.50 -1.64
C PRO B 224 -6.97 -33.40 -2.33
N ILE B 225 -7.85 -33.80 -3.24
CA ILE B 225 -8.75 -32.89 -3.95
C ILE B 225 -9.68 -32.22 -2.95
N MET B 226 -10.20 -33.03 -2.01
CA MET B 226 -11.14 -32.57 -1.01
C MET B 226 -10.43 -31.65 -0.02
N LYS B 227 -9.15 -31.92 0.22
CA LYS B 227 -8.34 -31.14 1.14
C LYS B 227 -8.01 -29.79 0.51
N ASP B 228 -7.90 -29.78 -0.83
CA ASP B 228 -7.65 -28.56 -1.58
C ASP B 228 -8.89 -27.68 -1.55
N ASP B 229 -10.07 -28.31 -1.73
CA ASP B 229 -11.34 -27.61 -1.76
C ASP B 229 -11.62 -26.96 -0.41
N ILE B 230 -11.28 -27.68 0.68
CA ILE B 230 -11.47 -27.22 2.04
C ILE B 230 -10.57 -26.01 2.29
N LYS B 231 -9.34 -26.07 1.77
CA LYS B 231 -8.34 -25.02 1.92
C LYS B 231 -8.86 -23.71 1.34
N VAL B 232 -9.50 -23.81 0.16
CA VAL B 232 -10.01 -22.64 -0.56
C VAL B 232 -11.24 -22.11 0.17
N MET B 233 -12.04 -23.03 0.73
CA MET B 233 -13.28 -22.67 1.42
C MET B 233 -12.97 -22.10 2.79
N ASP B 234 -11.79 -22.43 3.33
CA ASP B 234 -11.36 -21.98 4.66
C ASP B 234 -10.91 -20.52 4.61
N ILE B 235 -10.77 -19.98 3.39
CA ILE B 235 -10.40 -18.59 3.18
C ILE B 235 -11.56 -17.70 3.65
N LEU B 236 -12.79 -18.22 3.53
CA LEU B 236 -13.99 -17.51 3.93
C LEU B 236 -14.24 -17.73 5.43
N ARG B 237 -13.45 -18.61 6.04
CA ARG B 237 -13.64 -19.00 7.44
C ARG B 237 -12.55 -18.41 8.32
N ILE B 238 -11.73 -17.52 7.75
CA ILE B 238 -10.68 -16.84 8.49
C ILE B 238 -11.33 -15.90 9.50
N ASN B 239 -10.72 -15.81 10.69
CA ASN B 239 -11.27 -15.04 11.80
C ASN B 239 -11.36 -13.56 11.42
N GLY B 240 -12.59 -13.05 11.39
CA GLY B 240 -12.87 -11.64 11.11
C GLY B 240 -12.91 -11.33 9.62
N SER B 241 -13.15 -12.37 8.80
CA SER B 241 -13.13 -12.23 7.36
C SER B 241 -14.47 -11.71 6.84
N LYS B 242 -15.54 -11.96 7.61
CA LYS B 242 -16.89 -11.64 7.18
C LYS B 242 -17.44 -10.51 8.04
N GLN B 243 -18.39 -9.74 7.47
CA GLN B 243 -19.05 -8.65 8.17
C GLN B 243 -20.01 -9.23 9.21
N LYS B 244 -20.29 -8.45 10.25
CA LYS B 244 -21.19 -8.86 11.31
C LYS B 244 -22.61 -8.96 10.76
N ASN B 245 -23.32 -10.01 11.18
CA ASN B 245 -24.68 -10.33 10.74
C ASN B 245 -24.64 -10.79 9.29
N TRP B 246 -23.61 -11.58 8.93
CA TRP B 246 -23.48 -12.13 7.60
C TRP B 246 -24.43 -13.31 7.43
N GLU B 247 -24.82 -13.93 8.55
CA GLU B 247 -25.65 -15.13 8.57
C GLU B 247 -27.00 -14.84 7.93
N GLY B 248 -27.59 -13.68 8.27
CA GLY B 248 -28.89 -13.30 7.78
C GLY B 248 -28.83 -12.26 6.66
N ALA B 249 -27.60 -11.99 6.17
CA ALA B 249 -27.38 -11.00 5.12
C ALA B 249 -27.87 -11.54 3.79
N GLY B 250 -28.55 -10.67 3.03
CA GLY B 250 -29.10 -11.02 1.73
C GLY B 250 -28.22 -10.51 0.59
N TYR B 251 -28.66 -10.79 -0.64
CA TYR B 251 -27.94 -10.42 -1.85
C TYR B 251 -27.89 -8.89 -2.00
N THR B 252 -29.01 -8.23 -1.67
CA THR B 252 -29.12 -6.78 -1.76
C THR B 252 -28.27 -6.12 -0.68
N ASP B 253 -28.13 -6.81 0.46
CA ASP B 253 -27.41 -6.29 1.62
C ASP B 253 -25.91 -6.18 1.32
N VAL B 254 -25.36 -7.23 0.70
CA VAL B 254 -23.92 -7.33 0.47
C VAL B 254 -23.51 -6.42 -0.69
N ILE B 255 -24.46 -6.10 -1.57
CA ILE B 255 -24.24 -5.14 -2.64
C ILE B 255 -24.03 -3.76 -2.01
N GLY B 256 -24.93 -3.38 -1.10
CA GLY B 256 -24.87 -2.12 -0.40
C GLY B 256 -23.63 -2.01 0.49
N ALA B 257 -23.25 -3.13 1.09
CA ALA B 257 -22.11 -3.20 2.00
C ALA B 257 -20.81 -2.94 1.23
N PHE B 258 -20.73 -3.48 0.00
CA PHE B 258 -19.57 -3.31 -0.86
C PHE B 258 -19.55 -1.90 -1.44
N ALA B 259 -20.74 -1.35 -1.71
CA ALA B 259 -20.90 -0.04 -2.33
C ALA B 259 -20.53 1.07 -1.36
N ARG B 260 -20.83 0.85 -0.07
CA ARG B 260 -20.55 1.83 0.98
C ARG B 260 -19.08 1.76 1.38
N GLY B 261 -18.43 0.64 1.03
CA GLY B 261 -17.02 0.42 1.34
C GLY B 261 -16.83 -0.16 2.74
N ASP B 262 -17.89 -0.79 3.27
CA ASP B 262 -17.85 -1.45 4.57
C ASP B 262 -17.03 -2.72 4.46
N VAL B 263 -17.19 -3.42 3.32
CA VAL B 263 -16.39 -4.59 3.00
C VAL B 263 -15.53 -4.27 1.77
N LEU B 264 -14.35 -4.90 1.70
CA LEU B 264 -13.38 -4.61 0.66
C LEU B 264 -13.59 -5.55 -0.53
N MET B 265 -14.16 -6.73 -0.28
CA MET B 265 -14.38 -7.72 -1.31
C MET B 265 -15.76 -8.35 -1.15
N THR B 266 -16.26 -8.96 -2.24
CA THR B 266 -17.47 -9.77 -2.22
C THR B 266 -17.42 -10.78 -3.36
N PRO B 267 -17.48 -12.10 -3.07
CA PRO B 267 -17.51 -13.13 -4.10
C PRO B 267 -18.90 -13.26 -4.72
N ASN B 268 -19.01 -12.89 -6.00
CA ASN B 268 -20.28 -12.92 -6.72
C ASN B 268 -20.03 -13.00 -8.22
N GLY B 269 -21.12 -13.19 -8.98
CA GLY B 269 -21.07 -13.25 -10.43
C GLY B 269 -21.08 -11.86 -11.06
N SER B 270 -20.96 -11.84 -12.40
CA SER B 270 -20.82 -10.61 -13.17
C SER B 270 -22.15 -9.86 -13.26
N TRP B 271 -23.22 -10.50 -12.77
CA TRP B 271 -24.56 -9.95 -12.79
C TRP B 271 -24.72 -8.84 -11.74
N ALA B 272 -23.78 -8.79 -10.80
CA ALA B 272 -23.90 -7.97 -9.62
C ALA B 272 -23.49 -6.52 -9.90
N ILE B 273 -22.61 -6.33 -10.90
CA ILE B 273 -21.95 -5.05 -11.13
C ILE B 273 -22.96 -3.95 -11.42
N THR B 274 -24.04 -4.29 -12.14
CA THR B 274 -25.04 -3.32 -12.55
C THR B 274 -25.79 -2.78 -11.33
N ALA B 275 -25.96 -3.65 -10.31
CA ALA B 275 -26.64 -3.28 -9.09
C ALA B 275 -25.71 -2.47 -8.19
N ILE B 276 -24.42 -2.80 -8.22
CA ILE B 276 -23.39 -2.12 -7.45
C ILE B 276 -23.23 -0.70 -7.97
N ASN B 277 -23.26 -0.55 -9.31
CA ASN B 277 -23.10 0.74 -9.97
C ASN B 277 -24.28 1.64 -9.66
N GLU B 278 -25.45 1.04 -9.42
CA GLU B 278 -26.70 1.77 -9.20
C GLU B 278 -26.72 2.37 -7.80
N GLN B 279 -25.87 1.85 -6.91
CA GLN B 279 -25.76 2.35 -5.55
C GLN B 279 -24.81 3.54 -5.50
N LYS B 280 -24.18 3.83 -6.65
CA LYS B 280 -23.30 4.97 -6.85
C LYS B 280 -22.18 4.97 -5.82
N PRO B 281 -21.19 4.04 -5.93
CA PRO B 281 -20.09 3.97 -4.97
C PRO B 281 -19.02 5.03 -5.25
N ASN B 282 -18.31 5.44 -4.19
CA ASN B 282 -17.31 6.50 -4.26
C ASN B 282 -15.91 5.88 -4.27
N PHE B 283 -15.69 4.94 -5.20
CA PHE B 283 -14.39 4.32 -5.40
C PHE B 283 -14.38 3.59 -6.75
N LYS B 284 -13.18 3.32 -7.26
CA LYS B 284 -13.01 2.56 -8.48
C LYS B 284 -13.16 1.08 -8.16
N ILE B 285 -14.08 0.41 -8.87
CA ILE B 285 -14.37 -0.99 -8.66
C ILE B 285 -13.48 -1.82 -9.59
N GLY B 286 -13.05 -2.98 -9.09
CA GLY B 286 -12.29 -3.94 -9.88
C GLY B 286 -12.67 -5.38 -9.53
N THR B 287 -12.19 -6.33 -10.34
CA THR B 287 -12.43 -7.75 -10.12
C THR B 287 -11.14 -8.53 -10.35
N PHE B 288 -11.06 -9.71 -9.72
CA PHE B 288 -9.99 -10.65 -9.98
C PHE B 288 -10.54 -12.08 -9.94
N MET B 289 -9.95 -12.96 -10.75
CA MET B 289 -10.35 -14.35 -10.84
C MET B 289 -9.83 -15.09 -9.61
N ILE B 290 -10.62 -16.08 -9.15
CA ILE B 290 -10.21 -16.96 -8.06
C ILE B 290 -9.00 -17.76 -8.52
N PRO B 291 -7.83 -17.59 -7.87
CA PRO B 291 -6.58 -18.22 -8.33
C PRO B 291 -6.54 -19.71 -8.05
N GLY B 292 -5.53 -20.38 -8.64
CA GLY B 292 -5.29 -21.79 -8.42
C GLY B 292 -4.23 -22.02 -7.34
N LYS B 293 -3.61 -23.21 -7.37
CA LYS B 293 -2.58 -23.58 -6.42
C LYS B 293 -1.30 -22.82 -6.74
N GLU B 294 -0.89 -22.85 -8.01
CA GLU B 294 0.28 -22.11 -8.49
C GLU B 294 -0.19 -20.94 -9.33
N LYS B 295 0.77 -20.09 -9.73
CA LYS B 295 0.48 -18.89 -10.51
C LYS B 295 0.02 -19.27 -11.91
N GLY B 296 -0.97 -18.52 -12.42
CA GLY B 296 -1.47 -18.70 -13.77
C GLY B 296 -2.39 -19.91 -13.90
N GLN B 297 -3.01 -20.30 -12.78
CA GLN B 297 -3.93 -21.42 -12.75
C GLN B 297 -5.34 -20.94 -12.44
N SER B 298 -5.55 -19.63 -12.53
CA SER B 298 -6.83 -19.00 -12.23
C SER B 298 -7.86 -19.38 -13.28
N LEU B 299 -9.10 -19.62 -12.81
CA LEU B 299 -10.21 -19.98 -13.68
C LEU B 299 -11.42 -19.11 -13.32
N THR B 300 -12.37 -19.03 -14.27
CA THR B 300 -13.67 -18.41 -14.04
C THR B 300 -14.75 -19.37 -14.53
N VAL B 301 -15.96 -19.21 -13.98
CA VAL B 301 -17.08 -20.06 -14.32
C VAL B 301 -18.27 -19.19 -14.76
N GLY B 302 -19.07 -19.73 -15.68
CA GLY B 302 -20.29 -19.07 -16.14
C GLY B 302 -20.90 -19.75 -17.35
N ALA B 303 -21.98 -19.14 -17.86
CA ALA B 303 -22.67 -19.57 -19.07
C ALA B 303 -23.58 -18.45 -19.56
N GLY B 304 -24.43 -18.77 -20.54
CA GLY B 304 -25.38 -17.83 -21.10
C GLY B 304 -26.21 -17.15 -20.01
N ASP B 305 -26.12 -15.81 -19.97
CA ASP B 305 -26.75 -15.01 -18.93
C ASP B 305 -28.11 -14.54 -19.45
N LEU B 306 -28.09 -13.50 -20.30
CA LEU B 306 -29.28 -13.11 -21.06
C LEU B 306 -29.38 -14.06 -22.24
N ALA B 307 -30.27 -15.05 -22.10
CA ALA B 307 -30.42 -16.12 -23.09
C ALA B 307 -31.90 -16.45 -23.25
N TRP B 308 -32.41 -16.30 -24.49
CA TRP B 308 -33.82 -16.44 -24.75
C TRP B 308 -34.10 -17.69 -25.58
N SER B 309 -35.23 -18.34 -25.25
CA SER B 309 -35.80 -19.42 -26.04
C SER B 309 -37.25 -19.07 -26.40
N ILE B 310 -37.71 -19.59 -27.54
CA ILE B 310 -39.07 -19.35 -28.00
C ILE B 310 -39.86 -20.66 -27.87
N SER B 311 -41.08 -20.56 -27.34
CA SER B 311 -42.01 -21.68 -27.28
C SER B 311 -42.31 -22.18 -28.69
N ALA B 312 -42.33 -23.50 -28.85
CA ALA B 312 -42.59 -24.13 -30.14
C ALA B 312 -44.07 -24.05 -30.48
N THR B 313 -44.89 -23.79 -29.45
CA THR B 313 -46.34 -23.84 -29.57
C THR B 313 -46.94 -22.46 -29.30
N THR B 314 -46.14 -21.41 -29.54
CA THR B 314 -46.62 -20.04 -29.40
C THR B 314 -47.66 -19.75 -30.48
N LYS B 315 -48.70 -18.99 -30.09
CA LYS B 315 -49.80 -18.65 -30.98
C LYS B 315 -49.34 -17.57 -31.96
N HIS B 316 -48.28 -16.84 -31.58
CA HIS B 316 -47.76 -15.74 -32.38
C HIS B 316 -46.27 -15.95 -32.60
N PRO B 317 -45.86 -16.83 -33.55
CA PRO B 317 -44.46 -17.14 -33.77
C PRO B 317 -43.67 -16.02 -34.45
N LYS B 318 -44.34 -15.27 -35.33
CA LYS B 318 -43.71 -14.19 -36.07
C LYS B 318 -43.36 -13.04 -35.12
N GLU B 319 -44.23 -12.82 -34.13
CA GLU B 319 -44.10 -11.74 -33.18
C GLU B 319 -43.03 -12.10 -32.15
N ALA B 320 -42.96 -13.39 -31.78
CA ALA B 320 -42.01 -13.87 -30.79
C ALA B 320 -40.60 -13.89 -31.38
N ASN B 321 -40.50 -14.22 -32.68
CA ASN B 321 -39.23 -14.27 -33.39
C ASN B 321 -38.70 -12.86 -33.61
N ALA B 322 -39.62 -11.89 -33.75
CA ALA B 322 -39.28 -10.50 -34.00
C ALA B 322 -38.69 -9.86 -32.75
N PHE B 323 -39.18 -10.28 -31.58
CA PHE B 323 -38.73 -9.75 -30.30
C PHE B 323 -37.32 -10.25 -30.00
N VAL B 324 -37.03 -11.49 -30.41
CA VAL B 324 -35.73 -12.10 -30.20
C VAL B 324 -34.73 -11.51 -31.20
N GLU B 325 -35.20 -11.31 -32.45
CA GLU B 325 -34.39 -10.71 -33.51
C GLU B 325 -33.98 -9.30 -33.11
N TYR B 326 -34.91 -8.58 -32.48
CA TYR B 326 -34.71 -7.19 -32.07
C TYR B 326 -33.54 -7.09 -31.09
N MET B 327 -33.37 -8.14 -30.27
CA MET B 327 -32.36 -8.13 -29.22
C MET B 327 -30.98 -8.48 -29.79
N THR B 328 -30.95 -9.09 -30.99
CA THR B 328 -29.72 -9.46 -31.65
C THR B 328 -29.14 -8.27 -32.41
N ARG B 329 -29.92 -7.19 -32.50
CA ARG B 329 -29.51 -5.98 -33.22
C ARG B 329 -28.38 -5.30 -32.45
N PRO B 330 -27.31 -4.83 -33.14
CA PRO B 330 -26.16 -4.21 -32.49
C PRO B 330 -26.53 -3.05 -31.57
N GLU B 331 -27.39 -2.15 -32.06
CA GLU B 331 -27.73 -0.91 -31.37
C GLU B 331 -28.61 -1.19 -30.16
N VAL B 332 -29.38 -2.28 -30.22
CA VAL B 332 -30.29 -2.66 -29.15
C VAL B 332 -29.49 -3.36 -28.06
N MET B 333 -28.59 -4.26 -28.48
CA MET B 333 -27.74 -5.02 -27.57
C MET B 333 -26.78 -4.07 -26.85
N GLN B 334 -26.39 -2.99 -27.53
CA GLN B 334 -25.49 -1.98 -26.98
C GLN B 334 -26.12 -1.33 -25.76
N LYS B 335 -27.43 -1.07 -25.84
CA LYS B 335 -28.19 -0.41 -24.78
C LYS B 335 -28.18 -1.28 -23.52
N TYR B 336 -28.28 -2.61 -23.72
CA TYR B 336 -28.28 -3.56 -22.63
C TYR B 336 -26.88 -3.66 -22.03
N TYR B 337 -25.86 -3.74 -22.90
CA TYR B 337 -24.49 -4.00 -22.49
C TYR B 337 -23.94 -2.82 -21.68
N ASP B 338 -24.31 -1.60 -22.08
CA ASP B 338 -23.77 -0.39 -21.47
C ASP B 338 -24.18 -0.28 -20.01
N VAL B 339 -25.22 -1.03 -19.62
CA VAL B 339 -25.73 -1.03 -18.25
C VAL B 339 -25.33 -2.32 -17.57
N ASP B 340 -25.46 -3.45 -18.28
CA ASP B 340 -25.20 -4.77 -17.74
C ASP B 340 -23.69 -4.97 -17.57
N GLY B 341 -22.96 -5.02 -18.69
CA GLY B 341 -21.50 -5.07 -18.68
C GLY B 341 -20.95 -6.46 -18.90
N SER B 342 -21.81 -7.48 -18.79
CA SER B 342 -21.41 -8.87 -18.95
C SER B 342 -20.99 -9.14 -20.40
N PRO B 343 -19.96 -9.98 -20.63
CA PRO B 343 -19.47 -10.26 -21.98
C PRO B 343 -20.60 -10.71 -22.92
N THR B 344 -20.57 -10.17 -24.14
CA THR B 344 -21.60 -10.43 -25.14
C THR B 344 -21.03 -11.24 -26.30
N ALA B 345 -21.91 -11.99 -26.96
CA ALA B 345 -21.55 -12.81 -28.11
C ALA B 345 -22.29 -12.30 -29.36
N ILE B 346 -22.78 -11.06 -29.27
CA ILE B 346 -23.55 -10.45 -30.34
C ILE B 346 -22.62 -9.59 -31.21
N GLU B 347 -22.85 -9.65 -32.52
CA GLU B 347 -22.05 -8.95 -33.51
C GLU B 347 -22.29 -7.45 -33.44
N GLY B 348 -21.20 -6.68 -33.56
CA GLY B 348 -21.26 -5.24 -33.72
C GLY B 348 -21.53 -4.49 -32.41
N VAL B 349 -21.00 -5.05 -31.31
CA VAL B 349 -21.16 -4.44 -29.99
C VAL B 349 -19.79 -3.99 -29.50
N LYS B 350 -19.70 -2.72 -29.10
CA LYS B 350 -18.48 -2.15 -28.56
C LYS B 350 -18.33 -2.54 -27.10
N GLN B 351 -17.40 -3.46 -26.83
CA GLN B 351 -17.16 -3.98 -25.49
C GLN B 351 -16.22 -3.04 -24.73
N ALA B 352 -16.34 -3.06 -23.40
CA ALA B 352 -15.59 -2.19 -22.52
C ALA B 352 -14.13 -2.64 -22.45
N GLY B 353 -13.25 -1.69 -22.09
CA GLY B 353 -11.81 -1.92 -22.09
C GLY B 353 -11.30 -2.44 -20.75
N GLU B 354 -10.20 -1.84 -20.28
CA GLU B 354 -9.48 -2.32 -19.10
C GLU B 354 -9.91 -1.55 -17.86
N ASP B 355 -10.51 -0.37 -18.07
CA ASP B 355 -10.96 0.49 -16.98
C ASP B 355 -12.27 -0.05 -16.41
N SER B 356 -12.89 -0.98 -17.15
CA SER B 356 -14.13 -1.64 -16.75
C SER B 356 -13.90 -2.41 -15.44
N PRO B 357 -14.87 -2.40 -14.49
CA PRO B 357 -14.74 -3.14 -13.23
C PRO B 357 -14.67 -4.66 -13.41
N LEU B 358 -15.21 -5.16 -14.52
CA LEU B 358 -15.29 -6.59 -14.78
C LEU B 358 -14.06 -7.07 -15.55
N ALA B 359 -13.10 -6.17 -15.75
CA ALA B 359 -11.92 -6.42 -16.59
C ALA B 359 -11.19 -7.68 -16.13
N GLY B 360 -11.00 -7.81 -14.81
CA GLY B 360 -10.26 -8.92 -14.23
C GLY B 360 -11.03 -10.22 -14.26
N MET B 361 -12.35 -10.14 -14.04
CA MET B 361 -13.22 -11.29 -13.97
C MET B 361 -13.41 -11.88 -15.38
N THR B 362 -13.50 -10.99 -16.37
CA THR B 362 -13.91 -11.37 -17.71
C THR B 362 -12.72 -11.27 -18.68
N GLU B 363 -11.51 -11.30 -18.11
CA GLU B 363 -10.28 -11.19 -18.89
C GLU B 363 -10.22 -12.31 -19.91
N TYR B 364 -10.51 -13.54 -19.46
CA TYR B 364 -10.42 -14.72 -20.30
C TYR B 364 -11.81 -15.28 -20.54
N ALA B 365 -12.74 -14.41 -20.96
CA ALA B 365 -14.10 -14.78 -21.29
C ALA B 365 -14.13 -15.48 -22.66
N PHE B 366 -14.94 -16.54 -22.75
CA PHE B 366 -15.14 -17.34 -23.96
C PHE B 366 -13.89 -18.14 -24.30
N THR B 367 -13.04 -18.39 -23.29
CA THR B 367 -11.83 -19.17 -23.48
C THR B 367 -11.95 -20.49 -22.70
N ASP B 368 -10.85 -21.26 -22.69
CA ASP B 368 -10.80 -22.54 -22.00
C ASP B 368 -10.73 -22.32 -20.49
N ARG B 369 -10.45 -21.07 -20.09
CA ARG B 369 -10.35 -20.69 -18.69
C ARG B 369 -11.72 -20.25 -18.18
N HIS B 370 -12.68 -20.10 -19.10
CA HIS B 370 -14.07 -19.83 -18.76
C HIS B 370 -14.88 -21.11 -18.94
N LEU B 371 -15.01 -21.88 -17.86
CA LEU B 371 -15.67 -23.18 -17.91
C LEU B 371 -17.17 -23.01 -17.66
N VAL B 372 -17.95 -23.94 -18.21
CA VAL B 372 -19.40 -23.95 -18.10
C VAL B 372 -19.78 -24.37 -16.68
N TRP B 373 -20.88 -23.81 -16.18
CA TRP B 373 -21.45 -24.18 -14.89
C TRP B 373 -21.46 -25.71 -14.75
N LEU B 374 -21.08 -26.18 -13.56
CA LEU B 374 -20.89 -27.60 -13.31
C LEU B 374 -22.23 -28.34 -13.26
N GLN B 375 -23.31 -27.59 -12.99
CA GLN B 375 -24.64 -28.17 -12.86
C GLN B 375 -25.24 -28.45 -14.24
N GLN B 376 -24.40 -28.34 -15.27
CA GLN B 376 -24.77 -28.71 -16.63
C GLN B 376 -25.03 -30.21 -16.69
N TYR B 377 -24.35 -30.95 -15.81
CA TYR B 377 -24.43 -32.40 -15.78
C TYR B 377 -24.92 -32.88 -14.40
N TRP B 378 -25.56 -31.97 -13.65
CA TRP B 378 -26.21 -32.33 -12.40
C TRP B 378 -27.72 -32.32 -12.60
N THR B 379 -28.43 -32.99 -11.69
CA THR B 379 -29.89 -33.02 -11.71
C THR B 379 -30.44 -31.75 -11.06
N SER B 380 -29.74 -31.26 -10.04
CA SER B 380 -30.08 -30.01 -9.35
C SER B 380 -28.79 -29.29 -8.94
N GLU B 381 -28.94 -28.18 -8.20
CA GLU B 381 -27.80 -27.39 -7.78
C GLU B 381 -28.09 -26.72 -6.44
N ALA B 382 -29.36 -26.74 -6.02
CA ALA B 382 -29.82 -26.03 -4.84
C ALA B 382 -29.11 -26.52 -3.58
N ASP B 383 -28.89 -27.84 -3.49
CA ASP B 383 -28.30 -28.45 -2.31
C ASP B 383 -26.79 -28.25 -2.30
N PHE B 384 -26.22 -27.93 -3.47
CA PHE B 384 -24.79 -27.63 -3.57
C PHE B 384 -24.53 -26.25 -2.96
N HIS B 385 -25.48 -25.32 -3.16
CA HIS B 385 -25.39 -23.99 -2.59
C HIS B 385 -25.45 -24.08 -1.06
N THR B 386 -26.30 -24.99 -0.57
CA THR B 386 -26.59 -25.13 0.85
C THR B 386 -25.36 -25.68 1.58
N LEU B 387 -24.78 -26.77 1.05
CA LEU B 387 -23.66 -27.44 1.70
C LEU B 387 -22.42 -26.56 1.66
N THR B 388 -22.40 -25.61 0.71
CA THR B 388 -21.32 -24.64 0.59
C THR B 388 -21.40 -23.64 1.72
N MET B 389 -22.60 -23.07 1.91
CA MET B 389 -22.84 -22.00 2.88
C MET B 389 -22.84 -22.58 4.30
N ASN B 390 -23.26 -23.84 4.44
CA ASN B 390 -23.33 -24.51 5.72
C ASN B 390 -21.93 -24.74 6.29
N TYR B 391 -20.96 -24.93 5.39
CA TYR B 391 -19.58 -25.14 5.80
C TYR B 391 -18.94 -23.82 6.23
N VAL B 392 -19.37 -22.72 5.59
CA VAL B 392 -18.88 -21.39 5.94
C VAL B 392 -19.29 -21.06 7.38
N LEU B 393 -20.47 -21.57 7.77
CA LEU B 393 -21.04 -21.31 9.08
C LEU B 393 -20.42 -22.24 10.13
N THR B 394 -20.42 -23.55 9.83
CA THR B 394 -20.09 -24.56 10.83
C THR B 394 -18.60 -24.89 10.80
N GLY B 395 -18.07 -25.13 9.60
CA GLY B 395 -16.68 -25.55 9.44
C GLY B 395 -16.53 -27.06 9.62
N ASP B 396 -17.65 -27.78 9.49
CA ASP B 396 -17.70 -29.22 9.65
C ASP B 396 -17.15 -29.88 8.38
N LYS B 397 -15.88 -30.31 8.45
CA LYS B 397 -15.16 -30.85 7.32
C LYS B 397 -15.81 -32.16 6.87
N GLN B 398 -16.05 -33.06 7.83
CA GLN B 398 -16.65 -34.36 7.58
C GLN B 398 -18.10 -34.17 7.14
N GLY B 399 -18.75 -33.13 7.68
CA GLY B 399 -20.14 -32.83 7.39
C GLY B 399 -20.36 -32.46 5.92
N MET B 400 -19.44 -31.67 5.36
CA MET B 400 -19.53 -31.21 3.99
C MET B 400 -19.30 -32.39 3.03
N VAL B 401 -18.40 -33.30 3.41
CA VAL B 401 -18.09 -34.49 2.63
C VAL B 401 -19.35 -35.36 2.54
N ASN B 402 -20.06 -35.49 3.67
CA ASN B 402 -21.29 -36.26 3.76
C ASN B 402 -22.37 -35.62 2.89
N ASP B 403 -22.42 -34.29 2.91
CA ASP B 403 -23.41 -33.51 2.16
C ASP B 403 -23.20 -33.71 0.67
N LEU B 404 -21.94 -33.72 0.23
CA LEU B 404 -21.58 -33.86 -1.16
C LEU B 404 -22.03 -35.22 -1.68
N ASN B 405 -21.75 -36.27 -0.91
CA ASN B 405 -22.08 -37.64 -1.29
C ASN B 405 -23.59 -37.81 -1.36
N ALA B 406 -24.30 -37.27 -0.36
CA ALA B 406 -25.75 -37.36 -0.28
C ALA B 406 -26.40 -36.62 -1.45
N PHE B 407 -25.64 -35.70 -2.06
CA PHE B 407 -26.12 -34.88 -3.15
C PHE B 407 -25.83 -35.56 -4.50
N PHE B 408 -24.68 -36.24 -4.59
CA PHE B 408 -24.19 -36.75 -5.85
C PHE B 408 -24.54 -38.22 -6.05
N ASN B 409 -24.79 -38.94 -4.94
CA ASN B 409 -25.08 -40.37 -4.99
C ASN B 409 -26.33 -40.66 -5.81
N PRO B 410 -27.46 -39.93 -5.60
CA PRO B 410 -28.68 -40.16 -6.39
C PRO B 410 -28.49 -39.98 -7.90
N MET B 411 -27.51 -39.16 -8.28
CA MET B 411 -27.23 -38.87 -9.69
C MET B 411 -26.46 -40.03 -10.31
N LYS B 412 -25.65 -40.71 -9.49
CA LYS B 412 -24.85 -41.84 -9.92
C LYS B 412 -25.71 -43.09 -10.02
N ALA B 413 -26.75 -43.16 -9.16
CA ALA B 413 -27.68 -44.27 -9.12
C ALA B 413 -28.69 -44.14 -10.27
N ASP C 28 41.04 -11.68 54.77
CA ASP C 28 39.56 -11.53 54.91
C ASP C 28 39.27 -10.18 55.58
N GLY C 29 39.74 -9.10 54.96
CA GLY C 29 39.51 -7.75 55.44
C GLY C 29 38.46 -7.02 54.62
N THR C 30 37.43 -7.77 54.21
CA THR C 30 36.36 -7.25 53.36
C THR C 30 35.39 -6.42 54.19
N VAL C 31 34.68 -5.52 53.52
CA VAL C 31 33.72 -4.61 54.15
C VAL C 31 32.35 -4.82 53.50
N THR C 32 31.31 -4.85 54.33
CA THR C 32 29.95 -5.09 53.87
C THR C 32 29.13 -3.81 53.95
N ILE C 33 28.51 -3.44 52.83
CA ILE C 33 27.58 -2.32 52.76
C ILE C 33 26.24 -2.84 52.26
N GLU C 34 25.18 -2.06 52.50
CA GLU C 34 23.82 -2.45 52.14
C GLU C 34 23.26 -1.48 51.12
N TYR C 35 22.65 -2.03 50.07
CA TYR C 35 21.82 -1.26 49.15
C TYR C 35 20.36 -1.68 49.28
N PHE C 36 19.53 -0.76 49.76
CA PHE C 36 18.09 -0.96 49.87
C PHE C 36 17.45 -0.63 48.54
N ASN C 37 16.87 -1.65 47.89
CA ASN C 37 16.32 -1.51 46.56
C ASN C 37 14.80 -1.46 46.62
N GLN C 38 14.21 -0.59 45.79
CA GLN C 38 12.77 -0.47 45.65
C GLN C 38 12.38 -0.83 44.22
N LYS C 39 13.38 -0.93 43.34
CA LYS C 39 13.17 -1.30 41.95
C LYS C 39 13.07 -2.82 41.85
N LYS C 40 11.89 -3.35 42.19
CA LYS C 40 11.65 -4.77 42.34
C LYS C 40 11.64 -5.46 40.98
N GLU C 41 11.33 -4.69 39.92
CA GLU C 41 11.26 -5.22 38.57
C GLU C 41 12.66 -5.44 38.00
N MET C 42 13.64 -4.71 38.55
CA MET C 42 14.99 -4.70 38.02
C MET C 42 15.95 -5.42 38.98
N THR C 43 15.40 -6.38 39.73
CA THR C 43 16.14 -7.11 40.75
C THR C 43 17.33 -7.83 40.14
N LYS C 44 17.07 -8.60 39.07
CA LYS C 44 18.05 -9.48 38.46
C LYS C 44 19.21 -8.68 37.87
N THR C 45 18.89 -7.55 37.22
CA THR C 45 19.87 -6.74 36.52
C THR C 45 20.76 -6.00 37.51
N LEU C 46 20.14 -5.52 38.60
CA LEU C 46 20.86 -4.75 39.63
C LEU C 46 21.81 -5.67 40.40
N GLU C 47 21.44 -6.95 40.53
CA GLU C 47 22.25 -7.94 41.20
C GLU C 47 23.44 -8.33 40.34
N GLU C 48 23.26 -8.25 39.02
CA GLU C 48 24.32 -8.53 38.05
C GLU C 48 25.35 -7.41 38.09
N ILE C 49 24.88 -6.17 38.14
CA ILE C 49 25.72 -4.97 38.19
C ILE C 49 26.49 -4.98 39.50
N THR C 50 25.82 -5.40 40.58
CA THR C 50 26.42 -5.48 41.90
C THR C 50 27.58 -6.48 41.91
N ARG C 51 27.37 -7.61 41.22
CA ARG C 51 28.38 -8.66 41.13
C ARG C 51 29.56 -8.18 40.28
N ASP C 52 29.30 -7.29 39.33
CA ASP C 52 30.34 -6.69 38.50
C ASP C 52 31.18 -5.73 39.35
N PHE C 53 30.51 -5.03 40.27
CA PHE C 53 31.16 -4.07 41.16
C PHE C 53 32.02 -4.80 42.18
N GLU C 54 31.54 -5.97 42.63
CA GLU C 54 32.23 -6.76 43.64
C GLU C 54 33.51 -7.36 43.07
N LYS C 55 33.51 -7.64 41.76
CA LYS C 55 34.65 -8.22 41.07
C LYS C 55 35.75 -7.17 40.91
N GLU C 56 35.34 -5.90 40.78
CA GLU C 56 36.28 -4.81 40.56
C GLU C 56 36.76 -4.26 41.91
N ASN C 57 35.98 -4.52 42.96
CA ASN C 57 36.33 -4.11 44.31
C ASN C 57 36.28 -5.31 45.24
N PRO C 58 37.37 -6.13 45.31
CA PRO C 58 37.37 -7.37 46.07
C PRO C 58 37.21 -7.19 47.58
N LYS C 59 37.42 -5.96 48.06
CA LYS C 59 37.38 -5.65 49.49
C LYS C 59 36.03 -5.04 49.86
N ILE C 60 35.06 -5.11 48.94
CA ILE C 60 33.73 -4.57 49.17
C ILE C 60 32.68 -5.64 48.81
N LYS C 61 31.80 -5.91 49.77
CA LYS C 61 30.65 -6.79 49.55
C LYS C 61 29.37 -5.97 49.73
N VAL C 62 28.43 -6.15 48.78
CA VAL C 62 27.19 -5.40 48.78
C VAL C 62 26.01 -6.35 48.96
N LYS C 63 25.19 -6.08 49.97
CA LYS C 63 23.97 -6.83 50.21
C LYS C 63 22.80 -6.06 49.61
N VAL C 64 22.14 -6.67 48.62
CA VAL C 64 20.99 -6.07 47.97
C VAL C 64 19.73 -6.57 48.68
N VAL C 65 18.97 -5.62 49.26
CA VAL C 65 17.78 -5.92 50.03
C VAL C 65 16.55 -5.67 49.15
N ASN C 66 15.71 -6.69 49.04
CA ASN C 66 14.45 -6.61 48.31
C ASN C 66 13.33 -7.17 49.17
N VAL C 67 12.55 -6.26 49.77
CA VAL C 67 11.42 -6.63 50.62
C VAL C 67 10.15 -5.98 50.07
N PRO C 68 8.97 -6.65 50.18
CA PRO C 68 7.69 -6.03 49.81
C PRO C 68 7.37 -4.85 50.72
N ASN C 69 6.63 -3.89 50.18
CA ASN C 69 6.25 -2.66 50.88
C ASN C 69 7.51 -1.97 51.39
N ALA C 70 8.46 -1.75 50.47
CA ALA C 70 9.79 -1.26 50.80
C ALA C 70 9.72 0.14 51.40
N GLY C 71 8.74 0.93 50.94
CA GLY C 71 8.57 2.31 51.37
C GLY C 71 8.30 2.42 52.87
N GLU C 72 7.46 1.52 53.39
CA GLU C 72 7.09 1.51 54.80
C GLU C 72 8.23 0.92 55.63
N VAL C 73 8.87 -0.13 55.10
CA VAL C 73 9.97 -0.81 55.77
C VAL C 73 11.12 0.20 55.96
N LEU C 74 11.36 1.02 54.95
CA LEU C 74 12.41 2.03 54.98
C LEU C 74 12.08 3.08 56.03
N LYS C 75 10.83 3.56 56.03
CA LYS C 75 10.37 4.59 56.95
C LYS C 75 10.51 4.09 58.39
N THR C 76 10.18 2.81 58.60
CA THR C 76 10.25 2.17 59.91
C THR C 76 11.72 2.05 60.35
N ARG C 77 12.59 1.69 59.40
CA ARG C 77 13.99 1.43 59.69
C ARG C 77 14.74 2.73 59.96
N VAL C 78 14.39 3.79 59.22
CA VAL C 78 15.03 5.10 59.36
C VAL C 78 14.70 5.68 60.73
N LEU C 79 13.43 5.54 61.14
CA LEU C 79 12.95 6.04 62.42
C LEU C 79 13.55 5.22 63.57
N ALA C 80 13.93 3.97 63.26
CA ALA C 80 14.53 3.07 64.24
C ALA C 80 16.02 3.38 64.40
N GLY C 81 16.55 4.23 63.50
CA GLY C 81 17.96 4.58 63.50
C GLY C 81 18.79 3.59 62.69
N ASP C 82 18.10 2.71 61.94
CA ASP C 82 18.72 1.69 61.13
C ASP C 82 18.63 2.10 59.66
N VAL C 83 19.55 2.96 59.23
CA VAL C 83 19.57 3.49 57.88
C VAL C 83 20.50 2.62 57.03
N PRO C 84 20.01 2.10 55.88
CA PRO C 84 20.88 1.39 54.93
C PRO C 84 21.96 2.32 54.38
N ASP C 85 23.12 1.74 54.07
CA ASP C 85 24.28 2.48 53.60
C ASP C 85 23.91 3.28 52.35
N VAL C 86 23.39 2.57 51.34
CA VAL C 86 22.89 3.19 50.12
C VAL C 86 21.39 2.92 50.04
N VAL C 87 20.61 4.00 49.88
CA VAL C 87 19.16 3.93 49.95
C VAL C 87 18.58 4.33 48.60
N ASN C 88 17.71 3.46 48.06
CA ASN C 88 16.90 3.79 46.91
C ASN C 88 15.65 4.52 47.40
N ILE C 89 15.69 5.86 47.29
CA ILE C 89 14.58 6.71 47.71
C ILE C 89 14.25 7.66 46.56
N TYR C 90 12.95 7.90 46.37
CA TYR C 90 12.47 8.79 45.32
C TYR C 90 12.70 10.24 45.75
N PRO C 91 13.42 11.04 44.93
CA PRO C 91 13.97 12.32 45.38
C PRO C 91 12.97 13.46 45.51
N GLN C 92 11.73 13.22 45.06
CA GLN C 92 10.68 14.23 45.13
C GLN C 92 9.86 14.04 46.41
N SER C 93 10.03 12.87 47.04
CA SER C 93 9.20 12.46 48.17
C SER C 93 9.42 13.37 49.38
N ILE C 94 8.41 13.43 50.25
CA ILE C 94 8.46 14.20 51.48
C ILE C 94 9.44 13.54 52.45
N GLU C 95 9.64 12.23 52.28
CA GLU C 95 10.59 11.46 53.08
C GLU C 95 12.00 12.00 52.83
N LEU C 96 12.36 12.15 51.55
CA LEU C 96 13.67 12.62 51.15
C LEU C 96 13.90 14.05 51.65
N GLN C 97 12.87 14.88 51.51
CA GLN C 97 12.94 16.29 51.88
C GLN C 97 13.17 16.43 53.39
N GLU C 98 12.37 15.70 54.18
CA GLU C 98 12.39 15.81 55.63
C GLU C 98 13.66 15.19 56.20
N TRP C 99 14.06 14.03 55.65
CA TRP C 99 15.21 13.29 56.14
C TRP C 99 16.52 14.01 55.78
N ALA C 100 16.50 14.73 54.65
CA ALA C 100 17.66 15.49 54.20
C ALA C 100 17.93 16.65 55.16
N LYS C 101 16.85 17.29 55.62
CA LYS C 101 16.94 18.41 56.55
C LYS C 101 17.36 17.92 57.93
N ALA C 102 16.99 16.67 58.24
CA ALA C 102 17.23 16.08 59.54
C ALA C 102 18.67 15.58 59.66
N GLY C 103 19.34 15.45 58.52
CA GLY C 103 20.73 15.02 58.47
C GLY C 103 20.85 13.50 58.41
N VAL C 104 19.91 12.86 57.72
CA VAL C 104 19.88 11.41 57.59
C VAL C 104 20.77 11.01 56.41
N PHE C 105 20.84 11.86 55.39
CA PHE C 105 21.57 11.56 54.18
C PHE C 105 22.79 12.46 54.05
N GLU C 106 23.79 11.98 53.29
CA GLU C 106 25.04 12.68 53.06
C GLU C 106 24.84 13.73 51.97
N ASP C 107 25.50 14.88 52.13
CA ASP C 107 25.52 15.94 51.13
C ASP C 107 26.42 15.50 49.98
N LEU C 108 25.85 15.49 48.77
CA LEU C 108 26.54 14.97 47.59
C LEU C 108 26.79 16.10 46.60
N SER C 109 26.69 17.34 47.07
CA SER C 109 26.75 18.53 46.22
C SER C 109 28.10 18.67 45.54
N ASN C 110 29.17 18.27 46.23
CA ASN C 110 30.53 18.55 45.80
C ASN C 110 31.19 17.29 45.25
N LYS C 111 30.38 16.25 45.00
CA LYS C 111 30.87 14.99 44.47
C LYS C 111 31.16 15.14 42.98
N ASP C 112 32.22 14.47 42.52
CA ASP C 112 32.71 14.60 41.16
C ASP C 112 31.79 13.85 40.20
N TYR C 113 31.22 12.74 40.67
CA TYR C 113 30.41 11.86 39.84
C TYR C 113 29.03 12.48 39.57
N LEU C 114 28.71 13.54 40.31
CA LEU C 114 27.43 14.22 40.20
C LEU C 114 27.37 15.03 38.91
N LYS C 115 28.54 15.27 38.30
CA LYS C 115 28.65 16.02 37.07
C LYS C 115 28.19 15.18 35.88
N ARG C 116 28.06 13.86 36.09
CA ARG C 116 27.63 12.94 35.06
C ARG C 116 26.12 13.01 34.89
N VAL C 117 25.44 13.65 35.85
CA VAL C 117 24.00 13.84 35.79
C VAL C 117 23.71 15.07 34.94
N LYS C 118 23.02 14.85 33.82
CA LYS C 118 22.70 15.90 32.86
C LYS C 118 21.30 16.45 33.15
N ASN C 119 20.96 17.56 32.49
CA ASN C 119 19.66 18.20 32.57
C ASN C 119 19.46 18.84 33.95
N GLY C 120 20.56 18.97 34.71
CA GLY C 120 20.52 19.47 36.06
C GLY C 120 19.46 18.76 36.91
N TYR C 121 19.34 17.45 36.70
CA TYR C 121 18.26 16.65 37.25
C TYR C 121 18.52 16.35 38.72
N ALA C 122 19.79 16.46 39.14
CA ALA C 122 20.18 16.29 40.52
C ALA C 122 19.83 17.54 41.33
N GLU C 123 20.02 18.71 40.68
CA GLU C 123 19.77 20.00 41.30
C GLU C 123 18.26 20.26 41.38
N LYS C 124 17.49 19.48 40.60
CA LYS C 124 16.05 19.62 40.49
C LYS C 124 15.40 19.27 41.84
N TYR C 125 15.97 18.28 42.53
CA TYR C 125 15.42 17.80 43.79
C TYR C 125 16.35 18.20 44.95
N ALA C 126 16.94 19.40 44.86
CA ALA C 126 17.81 19.92 45.88
C ALA C 126 16.99 20.40 47.07
N VAL C 127 17.48 20.10 48.28
CA VAL C 127 16.87 20.54 49.52
C VAL C 127 17.80 21.54 50.19
N ASN C 128 17.32 22.77 50.37
CA ASN C 128 18.10 23.88 50.91
C ASN C 128 19.33 24.12 50.04
N GLU C 129 19.14 23.97 48.72
CA GLU C 129 20.16 24.21 47.70
C GLU C 129 21.31 23.21 47.84
N LYS C 130 20.99 22.01 48.32
CA LYS C 130 21.97 20.94 48.49
C LYS C 130 21.41 19.64 47.92
N VAL C 131 22.26 18.92 47.19
CA VAL C 131 21.90 17.66 46.54
C VAL C 131 22.17 16.51 47.51
N TYR C 132 21.13 15.70 47.75
CA TYR C 132 21.21 14.58 48.67
C TYR C 132 20.88 13.27 47.96
N ASN C 133 20.56 13.36 46.66
CA ASN C 133 20.09 12.21 45.91
C ASN C 133 20.63 12.26 44.48
N VAL C 134 20.98 11.09 43.95
CA VAL C 134 21.45 10.94 42.58
C VAL C 134 20.37 10.23 41.78
N PRO C 135 19.50 10.96 41.05
CA PRO C 135 18.46 10.34 40.21
C PRO C 135 18.99 9.91 38.84
N PHE C 136 19.30 8.62 38.73
CA PHE C 136 19.92 8.05 37.54
C PHE C 136 18.90 8.03 36.40
N THR C 137 17.66 7.65 36.71
CA THR C 137 16.60 7.52 35.72
C THR C 137 15.38 8.32 36.17
N ALA C 138 14.47 8.57 35.22
CA ALA C 138 13.21 9.23 35.48
C ALA C 138 12.07 8.36 34.97
N ASN C 139 11.06 8.14 35.83
CA ASN C 139 9.90 7.36 35.46
C ASN C 139 8.85 8.29 34.85
N ALA C 140 7.95 7.69 34.05
CA ALA C 140 6.84 8.40 33.45
C ALA C 140 5.58 7.55 33.60
N TYR C 141 4.42 8.13 33.26
CA TYR C 141 3.14 7.44 33.37
C TYR C 141 2.33 7.63 32.09
N GLY C 142 1.59 6.60 31.71
CA GLY C 142 0.72 6.62 30.54
C GLY C 142 -0.11 5.36 30.42
N ILE C 143 -0.59 5.09 29.19
CA ILE C 143 -1.41 3.93 28.91
C ILE C 143 -0.65 3.01 27.96
N TYR C 144 -0.42 1.77 28.40
CA TYR C 144 0.11 0.72 27.53
C TYR C 144 -1.03 0.21 26.64
N TYR C 145 -0.72 -0.05 25.36
CA TYR C 145 -1.73 -0.54 24.44
C TYR C 145 -1.14 -1.57 23.47
N ASN C 146 -2.02 -2.41 22.94
CA ASN C 146 -1.69 -3.44 21.97
C ASN C 146 -1.84 -2.85 20.56
N LYS C 147 -0.70 -2.72 19.87
CA LYS C 147 -0.65 -2.11 18.54
C LYS C 147 -1.33 -3.01 17.51
N ASP C 148 -1.13 -4.32 17.67
CA ASP C 148 -1.66 -5.32 16.74
C ASP C 148 -3.19 -5.29 16.75
N LYS C 149 -3.77 -5.25 17.96
CA LYS C 149 -5.20 -5.29 18.14
C LYS C 149 -5.84 -3.96 17.73
N PHE C 150 -5.11 -2.87 17.99
CA PHE C 150 -5.57 -1.52 17.69
C PHE C 150 -5.71 -1.33 16.18
N GLU C 151 -4.74 -1.86 15.43
CA GLU C 151 -4.75 -1.79 13.97
C GLU C 151 -5.81 -2.73 13.42
N GLU C 152 -6.04 -3.85 14.13
CA GLU C 152 -6.97 -4.88 13.72
C GLU C 152 -8.41 -4.37 13.80
N LEU C 153 -8.68 -3.56 14.83
CA LEU C 153 -10.03 -3.09 15.11
C LEU C 153 -10.21 -1.67 14.57
N GLY C 154 -9.16 -1.15 13.92
CA GLY C 154 -9.19 0.18 13.30
C GLY C 154 -9.31 1.29 14.34
N LEU C 155 -8.48 1.21 15.39
CA LEU C 155 -8.51 2.14 16.49
C LEU C 155 -7.25 3.01 16.46
N LYS C 156 -7.43 4.30 16.76
CA LYS C 156 -6.34 5.26 16.79
C LYS C 156 -6.05 5.67 18.23
N VAL C 157 -4.84 6.17 18.47
CA VAL C 157 -4.44 6.73 19.76
C VAL C 157 -5.29 7.99 19.99
N PRO C 158 -6.01 8.09 21.14
CA PRO C 158 -6.87 9.23 21.41
C PRO C 158 -6.09 10.51 21.73
N GLU C 159 -6.67 11.66 21.36
CA GLU C 159 -6.03 12.95 21.52
C GLU C 159 -6.89 13.85 22.41
N THR C 160 -8.12 13.40 22.70
CA THR C 160 -9.03 14.11 23.59
C THR C 160 -9.63 13.12 24.59
N TRP C 161 -10.34 13.65 25.60
CA TRP C 161 -11.05 12.84 26.56
C TRP C 161 -12.17 12.07 25.86
N ASP C 162 -12.87 12.76 24.95
CA ASP C 162 -14.02 12.21 24.22
C ASP C 162 -13.56 11.07 23.32
N GLU C 163 -12.36 11.20 22.76
CA GLU C 163 -11.79 10.17 21.88
C GLU C 163 -11.37 8.96 22.72
N PHE C 164 -10.91 9.21 23.95
CA PHE C 164 -10.56 8.16 24.89
C PHE C 164 -11.84 7.41 25.30
N GLU C 165 -12.90 8.18 25.59
CA GLU C 165 -14.20 7.65 25.95
C GLU C 165 -14.69 6.72 24.84
N GLN C 166 -14.60 7.21 23.60
CA GLN C 166 -15.11 6.49 22.43
C GLN C 166 -14.28 5.24 22.18
N LEU C 167 -12.97 5.35 22.38
CA LEU C 167 -12.04 4.25 22.17
C LEU C 167 -12.45 3.05 23.04
N VAL C 168 -12.75 3.33 24.31
CA VAL C 168 -13.11 2.31 25.29
C VAL C 168 -14.41 1.64 24.84
N LYS C 169 -15.39 2.45 24.42
CA LYS C 169 -16.71 1.96 24.03
C LYS C 169 -16.59 1.13 22.75
N ASP C 170 -15.67 1.50 21.87
CA ASP C 170 -15.47 0.84 20.59
C ASP C 170 -14.88 -0.56 20.81
N ILE C 171 -14.02 -0.69 21.82
CA ILE C 171 -13.37 -1.95 22.14
C ILE C 171 -14.39 -2.93 22.73
N VAL C 172 -15.31 -2.38 23.54
CA VAL C 172 -16.37 -3.17 24.18
C VAL C 172 -17.28 -3.74 23.11
N ALA C 173 -17.58 -2.93 22.08
CA ALA C 173 -18.50 -3.29 21.02
C ALA C 173 -17.91 -4.39 20.12
N LYS C 174 -16.58 -4.54 20.16
CA LYS C 174 -15.88 -5.53 19.35
C LYS C 174 -15.68 -6.81 20.15
N GLY C 175 -16.18 -6.83 21.40
CA GLY C 175 -16.15 -8.01 22.25
C GLY C 175 -14.76 -8.24 22.86
N GLN C 176 -14.05 -7.15 23.14
CA GLN C 176 -12.73 -7.20 23.75
C GLN C 176 -12.72 -6.34 25.00
N THR C 177 -11.76 -6.62 25.90
CA THR C 177 -11.66 -5.93 27.17
C THR C 177 -10.67 -4.77 27.05
N PRO C 178 -11.14 -3.51 27.20
CA PRO C 178 -10.27 -2.33 27.09
C PRO C 178 -9.14 -2.29 28.10
N PHE C 179 -9.49 -2.26 29.39
CA PHE C 179 -8.51 -2.00 30.44
C PHE C 179 -8.26 -3.24 31.28
N GLY C 180 -7.03 -3.32 31.80
CA GLY C 180 -6.67 -4.22 32.89
C GLY C 180 -6.29 -3.41 34.13
N ILE C 181 -7.10 -3.51 35.17
CA ILE C 181 -6.96 -2.69 36.37
C ILE C 181 -6.59 -3.59 37.55
N ALA C 182 -5.54 -3.18 38.28
CA ALA C 182 -5.10 -3.87 39.48
C ALA C 182 -5.83 -3.30 40.69
N GLY C 183 -6.96 -3.93 41.05
CA GLY C 183 -7.84 -3.45 42.10
C GLY C 183 -7.22 -3.61 43.49
N ALA C 184 -6.29 -4.57 43.62
CA ALA C 184 -5.63 -4.86 44.88
C ALA C 184 -4.41 -3.97 45.07
N ASP C 185 -4.07 -3.21 44.02
CA ASP C 185 -2.93 -2.30 44.05
C ASP C 185 -3.39 -0.92 43.57
N ALA C 186 -3.83 -0.09 44.53
CA ALA C 186 -4.44 1.20 44.25
C ALA C 186 -3.41 2.19 43.71
N TRP C 187 -2.13 1.95 44.01
CA TRP C 187 -1.05 2.85 43.65
C TRP C 187 -0.85 2.90 42.14
N THR C 188 -1.41 1.91 41.43
CA THR C 188 -1.24 1.78 39.99
C THR C 188 -2.03 2.87 39.27
N LEU C 189 -3.05 3.42 39.93
CA LEU C 189 -3.91 4.43 39.33
C LEU C 189 -3.55 5.83 39.85
N ASN C 190 -2.43 5.93 40.57
CA ASN C 190 -1.98 7.19 41.13
C ASN C 190 -1.69 8.19 40.01
N GLY C 191 -0.93 7.74 39.01
CA GLY C 191 -0.54 8.56 37.88
C GLY C 191 -1.73 8.94 37.00
N TYR C 192 -2.76 8.09 37.00
CA TYR C 192 -3.94 8.29 36.17
C TYR C 192 -4.75 9.48 36.69
N ASN C 193 -5.04 9.47 38.00
CA ASN C 193 -5.89 10.46 38.63
C ASN C 193 -5.14 11.80 38.75
N GLN C 194 -3.81 11.71 38.91
CA GLN C 194 -2.97 12.91 38.98
C GLN C 194 -2.97 13.61 37.63
N LEU C 195 -2.91 12.82 36.55
CA LEU C 195 -2.92 13.36 35.19
C LEU C 195 -4.34 13.81 34.82
N ALA C 196 -5.34 13.25 35.50
CA ALA C 196 -6.72 13.64 35.32
C ALA C 196 -6.91 15.09 35.78
N PHE C 197 -6.31 15.42 36.93
CA PHE C 197 -6.35 16.76 37.48
C PHE C 197 -5.40 17.68 36.71
N ALA C 198 -4.28 17.11 36.25
CA ALA C 198 -3.23 17.88 35.58
C ALA C 198 -3.72 18.41 34.23
N THR C 199 -4.39 17.55 33.46
CA THR C 199 -4.85 17.90 32.12
C THR C 199 -6.09 18.80 32.22
N ALA C 200 -6.80 18.70 33.35
CA ALA C 200 -7.98 19.51 33.59
C ALA C 200 -7.60 20.94 33.94
N THR C 201 -6.54 21.08 34.74
CA THR C 201 -6.08 22.38 35.22
C THR C 201 -5.13 23.00 34.20
N GLY C 202 -4.24 22.17 33.63
CA GLY C 202 -3.34 22.60 32.57
C GLY C 202 -1.87 22.51 32.96
N GLY C 203 -1.58 21.71 34.00
CA GLY C 203 -0.21 21.51 34.45
C GLY C 203 -0.14 20.99 35.89
N GLY C 204 1.08 20.67 36.33
CA GLY C 204 1.34 20.11 37.65
C GLY C 204 1.13 21.13 38.76
N LYS C 205 1.64 22.35 38.54
CA LYS C 205 1.53 23.43 39.50
C LYS C 205 0.08 23.87 39.64
N GLU C 206 -0.65 23.85 38.51
CA GLU C 206 -2.04 24.27 38.45
C GLU C 206 -2.92 23.26 39.16
N ALA C 207 -2.49 21.99 39.17
CA ALA C 207 -3.21 20.91 39.81
C ALA C 207 -3.10 21.02 41.33
N ASN C 208 -1.91 21.40 41.81
CA ASN C 208 -1.64 21.52 43.23
C ASN C 208 -2.29 22.78 43.79
N GLN C 209 -2.51 23.77 42.92
CA GLN C 209 -3.16 25.02 43.31
C GLN C 209 -4.64 24.77 43.59
N TYR C 210 -5.21 23.77 42.90
CA TYR C 210 -6.61 23.42 43.05
C TYR C 210 -6.81 22.49 44.26
N LEU C 211 -5.84 21.60 44.47
CA LEU C 211 -5.99 20.52 45.45
C LEU C 211 -5.33 20.91 46.77
N ARG C 212 -4.05 21.30 46.71
CA ARG C 212 -3.21 21.38 47.88
C ARG C 212 -3.20 22.81 48.45
N TYR C 213 -3.06 23.80 47.58
CA TYR C 213 -2.80 25.16 48.01
C TYR C 213 -4.08 26.00 47.99
N SER C 214 -5.23 25.34 47.81
CA SER C 214 -6.52 25.99 47.89
C SER C 214 -6.97 26.07 49.35
N GLN C 215 -8.11 26.72 49.58
CA GLN C 215 -8.69 26.85 50.91
C GLN C 215 -9.26 25.49 51.35
N PRO C 216 -9.38 25.23 52.67
CA PRO C 216 -10.08 24.03 53.15
C PRO C 216 -11.50 23.96 52.64
N ASN C 217 -11.88 22.79 52.12
CA ASN C 217 -13.23 22.50 51.61
C ASN C 217 -13.50 23.31 50.34
N ALA C 218 -12.45 23.55 49.55
CA ALA C 218 -12.57 24.31 48.32
C ALA C 218 -13.03 23.42 47.18
N ILE C 219 -12.66 22.14 47.24
CA ILE C 219 -13.01 21.16 46.23
C ILE C 219 -14.49 20.84 46.36
N LYS C 220 -15.26 21.18 45.32
CA LYS C 220 -16.70 20.99 45.29
C LYS C 220 -17.08 20.22 44.03
N LEU C 221 -18.24 19.54 44.08
CA LEU C 221 -18.74 18.72 43.00
C LEU C 221 -19.12 19.59 41.81
N SER C 222 -19.53 20.83 42.09
CA SER C 222 -20.03 21.76 41.09
C SER C 222 -18.89 22.40 40.30
N ASP C 223 -17.66 22.27 40.83
CA ASP C 223 -16.48 22.85 40.21
C ASP C 223 -16.25 22.23 38.84
N PRO C 224 -16.01 23.05 37.79
CA PRO C 224 -15.77 22.54 36.43
C PRO C 224 -14.55 21.62 36.32
N ILE C 225 -13.53 21.90 37.13
CA ILE C 225 -12.31 21.10 37.17
C ILE C 225 -12.63 19.73 37.75
N MET C 226 -13.49 19.72 38.79
CA MET C 226 -13.90 18.48 39.44
C MET C 226 -14.78 17.67 38.48
N LYS C 227 -15.61 18.37 37.70
CA LYS C 227 -16.43 17.77 36.67
C LYS C 227 -15.54 17.09 35.62
N ASP C 228 -14.41 17.75 35.32
CA ASP C 228 -13.46 17.27 34.33
C ASP C 228 -12.74 16.03 34.85
N ASP C 229 -12.43 16.02 36.16
CA ASP C 229 -11.74 14.92 36.81
C ASP C 229 -12.63 13.68 36.80
N ILE C 230 -13.91 13.88 37.11
CA ILE C 230 -14.90 12.81 37.15
C ILE C 230 -15.04 12.21 35.75
N LYS C 231 -14.97 13.06 34.73
CA LYS C 231 -15.12 12.66 33.34
C LYS C 231 -13.99 11.73 32.92
N VAL C 232 -12.76 12.03 33.38
CA VAL C 232 -11.58 11.25 33.05
C VAL C 232 -11.61 9.93 33.83
N MET C 233 -12.11 9.99 35.07
CA MET C 233 -12.18 8.83 35.93
C MET C 233 -13.33 7.91 35.51
N ASP C 234 -14.32 8.48 34.82
CA ASP C 234 -15.49 7.73 34.37
C ASP C 234 -15.14 6.87 33.15
N ILE C 235 -13.98 7.12 32.56
CA ILE C 235 -13.48 6.35 31.43
C ILE C 235 -13.21 4.92 31.89
N LEU C 236 -12.83 4.77 33.18
CA LEU C 236 -12.55 3.48 33.76
C LEU C 236 -13.85 2.87 34.30
N ARG C 237 -14.96 3.59 34.15
CA ARG C 237 -16.26 3.17 34.68
C ARG C 237 -17.23 2.87 33.55
N ILE C 238 -16.72 2.88 32.31
CA ILE C 238 -17.52 2.56 31.13
C ILE C 238 -17.86 1.07 31.19
N ASN C 239 -19.10 0.74 30.77
CA ASN C 239 -19.62 -0.61 30.83
C ASN C 239 -18.69 -1.57 30.11
N GLY C 240 -18.22 -2.59 30.84
CA GLY C 240 -17.38 -3.65 30.30
C GLY C 240 -15.97 -3.16 29.94
N SER C 241 -15.46 -2.21 30.72
CA SER C 241 -14.17 -1.59 30.45
C SER C 241 -13.04 -2.39 31.09
N LYS C 242 -13.35 -3.09 32.18
CA LYS C 242 -12.34 -3.77 32.98
C LYS C 242 -12.56 -5.28 32.93
N GLN C 243 -11.49 -6.04 33.19
CA GLN C 243 -11.49 -7.49 33.11
C GLN C 243 -12.25 -8.08 34.28
N LYS C 244 -12.51 -9.39 34.20
CA LYS C 244 -13.23 -10.13 35.23
C LYS C 244 -12.32 -10.34 36.43
N ASN C 245 -12.89 -10.17 37.64
CA ASN C 245 -12.21 -10.34 38.91
C ASN C 245 -11.08 -9.32 39.05
N TRP C 246 -11.36 -8.08 38.63
CA TRP C 246 -10.38 -7.01 38.65
C TRP C 246 -10.22 -6.45 40.06
N GLU C 247 -11.27 -6.62 40.89
CA GLU C 247 -11.33 -6.05 42.23
C GLU C 247 -10.18 -6.58 43.08
N GLY C 248 -9.88 -7.88 42.92
CA GLY C 248 -8.83 -8.53 43.70
C GLY C 248 -7.57 -8.81 42.88
N ALA C 249 -7.49 -8.20 41.69
CA ALA C 249 -6.36 -8.39 40.79
C ALA C 249 -5.19 -7.53 41.26
N GLY C 250 -3.98 -8.12 41.19
CA GLY C 250 -2.76 -7.45 41.60
C GLY C 250 -1.98 -6.89 40.41
N TYR C 251 -0.82 -6.30 40.71
CA TYR C 251 0.05 -5.66 39.74
C TYR C 251 0.59 -6.70 38.76
N THR C 252 1.02 -7.86 39.30
CA THR C 252 1.59 -8.94 38.52
C THR C 252 0.52 -9.58 37.63
N ASP C 253 -0.71 -9.66 38.15
CA ASP C 253 -1.83 -10.29 37.46
C ASP C 253 -2.16 -9.52 36.19
N VAL C 254 -2.11 -8.18 36.29
CA VAL C 254 -2.52 -7.29 35.22
C VAL C 254 -1.44 -7.24 34.15
N ILE C 255 -0.18 -7.39 34.57
CA ILE C 255 0.95 -7.47 33.65
C ILE C 255 0.74 -8.66 32.71
N GLY C 256 0.43 -9.82 33.30
CA GLY C 256 0.22 -11.05 32.56
C GLY C 256 -0.98 -10.97 31.62
N ALA C 257 -2.06 -10.35 32.10
CA ALA C 257 -3.31 -10.22 31.35
C ALA C 257 -3.07 -9.42 30.06
N PHE C 258 -2.27 -8.35 30.17
CA PHE C 258 -1.94 -7.50 29.04
C PHE C 258 -1.01 -8.25 28.09
N ALA C 259 -0.06 -9.00 28.67
CA ALA C 259 0.95 -9.71 27.91
C ALA C 259 0.32 -10.82 27.09
N ARG C 260 -0.66 -11.52 27.67
CA ARG C 260 -1.36 -12.60 27.00
C ARG C 260 -2.30 -12.03 25.95
N GLY C 261 -2.73 -10.78 26.16
CA GLY C 261 -3.62 -10.08 25.24
C GLY C 261 -5.08 -10.16 25.66
N ASP C 262 -5.30 -10.48 26.94
CA ASP C 262 -6.64 -10.57 27.51
C ASP C 262 -7.24 -9.18 27.61
N VAL C 263 -6.39 -8.18 27.89
CA VAL C 263 -6.78 -6.78 27.89
C VAL C 263 -5.93 -6.02 26.88
N LEU C 264 -6.52 -4.99 26.26
CA LEU C 264 -5.88 -4.25 25.19
C LEU C 264 -5.03 -3.11 25.75
N MET C 265 -5.43 -2.59 26.92
CA MET C 265 -4.76 -1.45 27.54
C MET C 265 -4.60 -1.69 29.03
N THR C 266 -3.65 -0.97 29.64
CA THR C 266 -3.49 -0.92 31.08
C THR C 266 -2.77 0.36 31.49
N PRO C 267 -3.37 1.18 32.40
CA PRO C 267 -2.72 2.40 32.89
C PRO C 267 -1.69 2.07 33.97
N ASN C 268 -0.43 2.44 33.71
CA ASN C 268 0.67 2.18 34.62
C ASN C 268 1.86 3.05 34.26
N GLY C 269 2.91 2.98 35.08
CA GLY C 269 4.13 3.74 34.87
C GLY C 269 5.11 3.03 33.94
N SER C 270 6.20 3.72 33.60
CA SER C 270 7.20 3.24 32.66
C SER C 270 8.00 2.08 33.25
N TRP C 271 7.80 1.83 34.55
CA TRP C 271 8.53 0.82 35.29
C TRP C 271 8.02 -0.57 34.95
N ALA C 272 6.85 -0.63 34.29
CA ALA C 272 6.13 -1.88 34.07
C ALA C 272 6.66 -2.61 32.84
N ILE C 273 7.21 -1.85 31.87
CA ILE C 273 7.53 -2.37 30.55
C ILE C 273 8.55 -3.51 30.63
N THR C 274 9.47 -3.43 31.60
CA THR C 274 10.51 -4.44 31.76
C THR C 274 9.90 -5.77 32.17
N ALA C 275 8.85 -5.72 33.00
CA ALA C 275 8.16 -6.90 33.49
C ALA C 275 7.29 -7.50 32.39
N ILE C 276 6.72 -6.62 31.54
CA ILE C 276 5.85 -7.01 30.46
C ILE C 276 6.67 -7.69 29.37
N ASN C 277 7.89 -7.18 29.14
CA ASN C 277 8.79 -7.70 28.13
C ASN C 277 9.24 -9.11 28.50
N GLU C 278 9.31 -9.39 29.81
CA GLU C 278 9.81 -10.65 30.33
C GLU C 278 8.74 -11.73 30.20
N GLN C 279 7.49 -11.31 29.99
CA GLN C 279 6.37 -12.23 29.82
C GLN C 279 6.29 -12.67 28.36
N LYS C 280 7.05 -12.00 27.49
CA LYS C 280 7.20 -12.31 26.08
C LYS C 280 5.83 -12.30 25.39
N PRO C 281 5.25 -11.10 25.12
CA PRO C 281 3.97 -11.01 24.41
C PRO C 281 4.13 -11.25 22.91
N ASN C 282 3.02 -11.65 22.26
CA ASN C 282 3.01 -11.98 20.85
C ASN C 282 2.45 -10.79 20.06
N PHE C 283 2.87 -9.58 20.45
CA PHE C 283 2.44 -8.35 19.79
C PHE C 283 3.43 -7.23 20.11
N LYS C 284 3.41 -6.19 19.27
CA LYS C 284 4.22 -5.00 19.50
C LYS C 284 3.52 -4.11 20.52
N ILE C 285 4.26 -3.74 21.57
CA ILE C 285 3.73 -2.92 22.65
C ILE C 285 3.88 -1.45 22.28
N GLY C 286 2.87 -0.66 22.64
CA GLY C 286 2.91 0.79 22.46
C GLY C 286 2.41 1.52 23.70
N THR C 287 2.68 2.82 23.77
CA THR C 287 2.22 3.66 24.86
C THR C 287 1.69 4.98 24.29
N PHE C 288 0.82 5.64 25.07
CA PHE C 288 0.37 6.99 24.77
C PHE C 288 0.07 7.72 26.08
N MET C 289 0.32 9.04 26.07
CA MET C 289 0.04 9.90 27.21
C MET C 289 -1.47 10.08 27.34
N ILE C 290 -1.93 10.27 28.58
CA ILE C 290 -3.33 10.57 28.85
C ILE C 290 -3.64 11.95 28.27
N PRO C 291 -4.61 12.05 27.34
CA PRO C 291 -4.88 13.31 26.64
C PRO C 291 -5.64 14.30 27.50
N GLY C 292 -5.73 15.55 27.02
CA GLY C 292 -6.47 16.60 27.70
C GLY C 292 -7.88 16.76 27.12
N LYS C 293 -8.49 17.92 27.39
CA LYS C 293 -9.83 18.24 26.92
C LYS C 293 -9.83 18.32 25.40
N GLU C 294 -8.80 18.99 24.85
CA GLU C 294 -8.63 19.15 23.41
C GLU C 294 -7.30 18.57 22.98
N LYS C 295 -7.03 18.63 21.67
CA LYS C 295 -5.83 18.03 21.08
C LYS C 295 -4.60 18.84 21.47
N GLY C 296 -3.50 18.14 21.74
CA GLY C 296 -2.22 18.74 22.06
C GLY C 296 -2.16 19.24 23.50
N GLN C 297 -2.93 18.59 24.38
CA GLN C 297 -2.99 18.96 25.79
C GLN C 297 -2.62 17.75 26.66
N SER C 298 -1.89 16.80 26.06
CA SER C 298 -1.47 15.58 26.73
C SER C 298 -0.33 15.88 27.69
N LEU C 299 -0.35 15.22 28.85
CA LEU C 299 0.67 15.38 29.88
C LEU C 299 1.11 14.02 30.39
N THR C 300 2.33 13.98 30.96
CA THR C 300 2.83 12.81 31.66
C THR C 300 3.37 13.25 33.02
N VAL C 301 3.47 12.29 33.95
CA VAL C 301 3.90 12.57 35.32
C VAL C 301 4.98 11.56 35.71
N GLY C 302 5.94 12.02 36.53
CA GLY C 302 6.98 11.16 37.06
C GLY C 302 8.10 11.94 37.75
N ALA C 303 9.04 11.18 38.33
CA ALA C 303 10.24 11.72 38.94
C ALA C 303 11.33 10.65 38.96
N GLY C 304 12.35 10.84 39.80
CA GLY C 304 13.46 9.92 39.92
C GLY C 304 12.99 8.50 40.22
N ASP C 305 13.42 7.55 39.37
CA ASP C 305 13.03 6.16 39.49
C ASP C 305 14.12 5.41 40.25
N LEU C 306 15.22 5.09 39.54
CA LEU C 306 16.44 4.62 40.16
C LEU C 306 17.18 5.83 40.70
N ALA C 307 16.99 6.11 41.99
CA ALA C 307 17.52 7.30 42.63
C ALA C 307 18.09 6.92 44.00
N TRP C 308 19.40 7.17 44.18
CA TRP C 308 20.10 6.68 45.36
C TRP C 308 20.55 7.83 46.25
N SER C 309 20.50 7.58 47.56
CA SER C 309 21.03 8.46 48.58
C SER C 309 21.94 7.66 49.51
N ILE C 310 22.89 8.35 50.15
CA ILE C 310 23.85 7.71 51.03
C ILE C 310 23.57 8.12 52.46
N SER C 311 23.61 7.13 53.37
CA SER C 311 23.43 7.34 54.80
C SER C 311 24.53 8.28 55.32
N ALA C 312 24.14 9.17 56.24
CA ALA C 312 25.08 10.11 56.84
C ALA C 312 25.78 9.45 58.03
N THR C 313 25.21 8.35 58.51
CA THR C 313 25.73 7.63 59.67
C THR C 313 26.29 6.28 59.25
N THR C 314 26.71 6.18 57.98
CA THR C 314 27.31 4.97 57.45
C THR C 314 28.72 4.81 58.01
N LYS C 315 29.09 3.56 58.33
CA LYS C 315 30.39 3.23 58.87
C LYS C 315 31.41 3.12 57.74
N HIS C 316 30.90 3.06 56.49
CA HIS C 316 31.73 2.92 55.31
C HIS C 316 31.29 3.93 54.26
N PRO C 317 31.64 5.23 54.40
CA PRO C 317 31.24 6.26 53.44
C PRO C 317 31.95 6.17 52.09
N LYS C 318 33.19 5.66 52.10
CA LYS C 318 34.02 5.58 50.91
C LYS C 318 33.52 4.45 50.01
N GLU C 319 33.11 3.34 50.63
CA GLU C 319 32.62 2.18 49.91
C GLU C 319 31.24 2.47 49.32
N ALA C 320 30.45 3.24 50.08
CA ALA C 320 29.09 3.61 49.67
C ALA C 320 29.14 4.57 48.50
N ASN C 321 30.12 5.47 48.52
CA ASN C 321 30.31 6.47 47.46
C ASN C 321 30.81 5.80 46.19
N ALA C 322 31.62 4.76 46.35
CA ALA C 322 32.20 4.02 45.23
C ALA C 322 31.11 3.26 44.48
N PHE C 323 30.10 2.79 45.22
CA PHE C 323 28.99 2.04 44.65
C PHE C 323 28.08 2.95 43.83
N VAL C 324 27.90 4.19 44.31
CA VAL C 324 27.07 5.18 43.64
C VAL C 324 27.81 5.69 42.41
N GLU C 325 29.12 5.92 42.56
CA GLU C 325 29.98 6.39 41.48
C GLU C 325 29.99 5.36 40.34
N TYR C 326 29.94 4.08 40.71
CA TYR C 326 29.99 2.99 39.75
C TYR C 326 28.78 3.03 38.83
N MET C 327 27.63 3.43 39.38
CA MET C 327 26.37 3.42 38.65
C MET C 327 26.29 4.62 37.71
N THR C 328 27.07 5.67 38.01
CA THR C 328 27.07 6.89 37.21
C THR C 328 27.88 6.67 35.93
N ARG C 329 28.64 5.57 35.89
CA ARG C 329 29.46 5.23 34.74
C ARG C 329 28.55 4.88 33.55
N PRO C 330 28.82 5.42 32.34
CA PRO C 330 27.93 5.21 31.18
C PRO C 330 27.85 3.77 30.70
N GLU C 331 28.94 3.02 30.89
CA GLU C 331 29.00 1.62 30.45
C GLU C 331 28.25 0.72 31.43
N VAL C 332 28.01 1.25 32.65
CA VAL C 332 27.32 0.52 33.69
C VAL C 332 25.83 0.79 33.60
N MET C 333 25.47 2.05 33.34
CA MET C 333 24.09 2.48 33.23
C MET C 333 23.44 1.88 31.98
N GLN C 334 24.23 1.73 30.91
CA GLN C 334 23.76 1.19 29.65
C GLN C 334 23.15 -0.19 29.87
N LYS C 335 23.75 -0.96 30.77
CA LYS C 335 23.30 -2.30 31.09
C LYS C 335 21.92 -2.26 31.75
N TYR C 336 21.71 -1.24 32.59
CA TYR C 336 20.46 -1.07 33.31
C TYR C 336 19.36 -0.59 32.37
N TYR C 337 19.70 0.40 31.52
CA TYR C 337 18.73 1.05 30.66
C TYR C 337 18.16 0.06 29.62
N ASP C 338 19.02 -0.81 29.11
CA ASP C 338 18.67 -1.72 28.02
C ASP C 338 17.64 -2.75 28.48
N VAL C 339 17.45 -2.85 29.81
CA VAL C 339 16.47 -3.75 30.38
C VAL C 339 15.29 -2.94 30.91
N ASP C 340 15.59 -1.82 31.59
CA ASP C 340 14.59 -0.97 32.20
C ASP C 340 13.81 -0.23 31.12
N GLY C 341 14.47 0.72 30.45
CA GLY C 341 13.88 1.41 29.32
C GLY C 341 13.47 2.84 29.63
N SER C 342 13.32 3.14 30.93
CA SER C 342 12.91 4.46 31.39
C SER C 342 13.99 5.49 31.04
N PRO C 343 13.62 6.73 30.66
CA PRO C 343 14.60 7.77 30.29
C PRO C 343 15.59 8.06 31.42
N THR C 344 16.84 8.31 31.02
CA THR C 344 17.95 8.47 31.96
C THR C 344 18.51 9.89 31.86
N ALA C 345 19.21 10.31 32.93
CA ALA C 345 19.82 11.62 33.01
C ALA C 345 21.35 11.48 33.10
N ILE C 346 21.84 10.27 32.81
CA ILE C 346 23.26 9.96 32.89
C ILE C 346 23.90 10.19 31.52
N GLU C 347 25.06 10.85 31.52
CA GLU C 347 25.80 11.18 30.31
C GLU C 347 26.31 9.90 29.64
N GLY C 348 26.28 9.91 28.30
CA GLY C 348 26.91 8.88 27.49
C GLY C 348 26.12 7.58 27.47
N VAL C 349 24.81 7.66 27.67
CA VAL C 349 23.94 6.49 27.62
C VAL C 349 23.09 6.58 26.35
N LYS C 350 23.23 5.56 25.50
CA LYS C 350 22.51 5.48 24.23
C LYS C 350 21.07 5.08 24.49
N GLN C 351 20.14 5.98 24.15
CA GLN C 351 18.72 5.78 24.40
C GLN C 351 18.03 5.36 23.10
N ALA C 352 16.89 4.66 23.26
CA ALA C 352 16.15 4.07 22.15
C ALA C 352 15.41 5.15 21.37
N GLY C 353 15.02 4.80 20.13
CA GLY C 353 14.36 5.73 19.23
C GLY C 353 12.87 5.86 19.51
N GLU C 354 12.10 6.22 18.47
CA GLU C 354 10.68 6.49 18.59
C GLU C 354 9.87 5.27 18.14
N ASP C 355 10.56 4.14 17.99
CA ASP C 355 9.92 2.89 17.59
C ASP C 355 9.88 1.93 18.78
N SER C 356 10.31 2.43 19.95
CA SER C 356 10.34 1.67 21.19
C SER C 356 8.94 1.64 21.81
N PRO C 357 8.65 0.67 22.72
CA PRO C 357 7.36 0.64 23.41
C PRO C 357 7.02 1.88 24.22
N LEU C 358 8.04 2.48 24.87
CA LEU C 358 7.85 3.59 25.79
C LEU C 358 7.87 4.92 25.04
N ALA C 359 7.97 4.87 23.71
CA ALA C 359 8.16 6.06 22.89
C ALA C 359 7.05 7.09 23.12
N GLY C 360 5.81 6.61 23.21
CA GLY C 360 4.65 7.48 23.36
C GLY C 360 4.56 8.09 24.76
N MET C 361 4.95 7.32 25.77
CA MET C 361 4.84 7.72 27.16
C MET C 361 5.97 8.69 27.52
N THR C 362 7.15 8.48 26.92
CA THR C 362 8.35 9.19 27.32
C THR C 362 8.80 10.15 26.22
N GLU C 363 7.84 10.57 25.37
CA GLU C 363 8.13 11.46 24.26
C GLU C 363 8.59 12.81 24.79
N TYR C 364 7.94 13.29 25.86
CA TYR C 364 8.18 14.62 26.40
C TYR C 364 8.90 14.52 27.75
N ALA C 365 9.88 13.63 27.83
CA ALA C 365 10.69 13.47 29.03
C ALA C 365 11.60 14.68 29.20
N PHE C 366 11.70 15.16 30.45
CA PHE C 366 12.48 16.32 30.84
C PHE C 366 11.98 17.57 30.13
N THR C 367 10.63 17.69 30.06
CA THR C 367 9.97 18.81 29.40
C THR C 367 8.91 19.36 30.35
N ASP C 368 8.26 20.47 29.93
CA ASP C 368 7.17 21.09 30.67
C ASP C 368 6.02 20.12 30.84
N ARG C 369 5.86 19.22 29.86
CA ARG C 369 4.74 18.31 29.80
C ARG C 369 5.04 17.02 30.57
N HIS C 370 6.19 17.00 31.25
CA HIS C 370 6.55 15.93 32.18
C HIS C 370 6.69 16.52 33.58
N LEU C 371 5.56 16.65 34.26
CA LEU C 371 5.50 17.28 35.57
C LEU C 371 5.89 16.28 36.65
N VAL C 372 6.36 16.82 37.78
CA VAL C 372 6.78 16.01 38.92
C VAL C 372 5.55 15.48 39.63
N TRP C 373 5.68 14.30 40.25
CA TRP C 373 4.66 13.74 41.11
C TRP C 373 4.12 14.83 42.03
N LEU C 374 2.79 14.89 42.15
CA LEU C 374 2.12 15.97 42.87
C LEU C 374 2.36 15.84 44.36
N GLN C 375 2.67 14.62 44.83
CA GLN C 375 2.84 14.34 46.25
C GLN C 375 4.19 14.88 46.75
N GLN C 376 4.89 15.61 45.87
CA GLN C 376 6.10 16.33 46.23
C GLN C 376 5.76 17.39 47.29
N TYR C 377 4.53 17.91 47.21
CA TYR C 377 4.07 18.96 48.12
C TYR C 377 2.88 18.46 48.94
N TRP C 378 2.75 17.13 49.06
CA TRP C 378 1.79 16.52 49.98
C TRP C 378 2.55 15.89 51.14
N THR C 379 1.82 15.57 52.22
CA THR C 379 2.39 14.96 53.40
C THR C 379 2.37 13.43 53.26
N SER C 380 1.43 12.93 52.45
CA SER C 380 1.32 11.51 52.13
C SER C 380 0.67 11.35 50.76
N GLU C 381 0.52 10.10 50.30
CA GLU C 381 -0.04 9.82 48.99
C GLU C 381 -0.91 8.56 49.03
N ALA C 382 -0.83 7.81 50.15
CA ALA C 382 -1.50 6.52 50.28
C ALA C 382 -3.00 6.67 50.15
N ASP C 383 -3.56 7.70 50.80
CA ASP C 383 -5.00 7.92 50.86
C ASP C 383 -5.53 8.41 49.52
N PHE C 384 -4.64 9.03 48.72
CA PHE C 384 -4.99 9.50 47.38
C PHE C 384 -5.18 8.31 46.45
N HIS C 385 -4.37 7.26 46.67
CA HIS C 385 -4.49 6.02 45.91
C HIS C 385 -5.83 5.36 46.20
N THR C 386 -6.22 5.39 47.47
CA THR C 386 -7.41 4.70 47.96
C THR C 386 -8.65 5.34 47.37
N LEU C 387 -8.76 6.68 47.47
CA LEU C 387 -9.96 7.39 47.04
C LEU C 387 -10.11 7.30 45.53
N THR C 388 -9.00 7.10 44.83
CA THR C 388 -8.98 6.92 43.38
C THR C 388 -9.64 5.58 43.03
N MET C 389 -9.15 4.51 43.67
CA MET C 389 -9.62 3.15 43.44
C MET C 389 -11.06 3.00 43.94
N ASN C 390 -11.37 3.70 45.04
CA ASN C 390 -12.70 3.66 45.65
C ASN C 390 -13.76 4.09 44.64
N TYR C 391 -13.43 5.09 43.82
CA TYR C 391 -14.37 5.63 42.85
C TYR C 391 -14.58 4.64 41.70
N VAL C 392 -13.52 3.93 41.32
CA VAL C 392 -13.59 2.95 40.25
C VAL C 392 -14.46 1.77 40.71
N LEU C 393 -14.49 1.57 42.04
CA LEU C 393 -15.22 0.46 42.64
C LEU C 393 -16.69 0.82 42.85
N THR C 394 -16.97 2.08 43.17
CA THR C 394 -18.29 2.48 43.62
C THR C 394 -18.96 3.43 42.63
N GLY C 395 -18.21 4.46 42.21
CA GLY C 395 -18.75 5.50 41.35
C GLY C 395 -19.40 6.62 42.16
N ASP C 396 -19.05 6.69 43.44
CA ASP C 396 -19.56 7.70 44.35
C ASP C 396 -18.83 9.01 44.11
N LYS C 397 -19.52 9.96 43.46
CA LYS C 397 -18.93 11.22 43.04
C LYS C 397 -18.71 12.12 44.26
N GLN C 398 -19.78 12.33 45.05
CA GLN C 398 -19.74 13.16 46.23
C GLN C 398 -18.79 12.55 47.26
N GLY C 399 -18.77 11.21 47.33
CA GLY C 399 -17.89 10.47 48.21
C GLY C 399 -16.41 10.74 47.92
N MET C 400 -16.08 10.83 46.63
CA MET C 400 -14.71 11.09 46.19
C MET C 400 -14.34 12.53 46.49
N VAL C 401 -15.29 13.46 46.30
CA VAL C 401 -15.09 14.87 46.59
C VAL C 401 -14.80 15.02 48.08
N ASN C 402 -15.58 14.30 48.90
CA ASN C 402 -15.44 14.31 50.36
C ASN C 402 -14.11 13.69 50.76
N ASP C 403 -13.64 12.70 49.98
CA ASP C 403 -12.38 12.02 50.23
C ASP C 403 -11.22 12.97 50.03
N LEU C 404 -11.30 13.80 48.96
CA LEU C 404 -10.24 14.70 48.57
C LEU C 404 -10.06 15.80 49.62
N ASN C 405 -11.19 16.36 50.09
CA ASN C 405 -11.19 17.39 51.10
C ASN C 405 -10.60 16.83 52.40
N ALA C 406 -11.05 15.63 52.78
CA ALA C 406 -10.60 14.97 54.00
C ALA C 406 -9.09 14.74 53.96
N PHE C 407 -8.55 14.54 52.74
CA PHE C 407 -7.15 14.20 52.54
C PHE C 407 -6.30 15.48 52.55
N PHE C 408 -6.84 16.57 52.02
CA PHE C 408 -6.06 17.77 51.76
C PHE C 408 -6.26 18.82 52.86
N ASN C 409 -7.32 18.66 53.67
CA ASN C 409 -7.66 19.62 54.72
C ASN C 409 -6.54 19.67 55.77
N PRO C 410 -6.06 18.52 56.31
CA PRO C 410 -5.01 18.53 57.34
C PRO C 410 -3.68 19.12 56.89
N MET C 411 -3.49 19.24 55.56
CA MET C 411 -2.26 19.76 54.99
C MET C 411 -2.31 21.28 54.93
N LYS C 412 -3.53 21.84 54.93
CA LYS C 412 -3.75 23.26 54.77
C LYS C 412 -3.71 23.95 56.14
N ALA C 413 -3.65 23.15 57.20
CA ALA C 413 -3.56 23.65 58.57
C ALA C 413 -2.10 23.90 58.94
N THR D 30 26.09 57.74 35.21
CA THR D 30 25.47 56.53 34.60
C THR D 30 26.56 55.61 34.04
N VAL D 31 26.18 54.36 33.80
CA VAL D 31 27.09 53.34 33.27
C VAL D 31 26.51 52.81 31.97
N THR D 32 27.38 52.69 30.95
CA THR D 32 26.97 52.23 29.62
C THR D 32 27.55 50.85 29.35
N ILE D 33 26.68 49.89 29.06
CA ILE D 33 27.06 48.56 28.61
C ILE D 33 26.48 48.32 27.22
N GLU D 34 27.11 47.39 26.49
CA GLU D 34 26.69 47.08 25.12
C GLU D 34 26.04 45.69 25.09
N TYR D 35 24.90 45.62 24.39
CA TYR D 35 24.31 44.34 24.04
C TYR D 35 24.37 44.16 22.52
N PHE D 36 25.12 43.14 22.10
CA PHE D 36 25.25 42.80 20.69
C PHE D 36 24.14 41.81 20.31
N ASN D 37 23.22 42.28 19.47
CA ASN D 37 22.02 41.53 19.13
C ASN D 37 22.18 40.88 17.76
N GLN D 38 21.69 39.64 17.65
CA GLN D 38 21.64 38.92 16.38
C GLN D 38 20.17 38.67 16.02
N LYS D 39 19.28 38.81 17.01
CA LYS D 39 17.85 38.64 16.81
C LYS D 39 17.28 39.91 16.17
N LYS D 40 17.47 40.03 14.85
CA LYS D 40 17.18 41.24 14.11
C LYS D 40 15.67 41.42 13.93
N GLU D 41 14.93 40.31 14.00
CA GLU D 41 13.49 40.32 13.81
C GLU D 41 12.80 40.94 15.03
N MET D 42 13.46 40.83 16.19
CA MET D 42 12.87 41.20 17.46
C MET D 42 13.51 42.49 18.00
N THR D 43 14.05 43.31 17.08
CA THR D 43 14.76 44.52 17.43
C THR D 43 13.88 45.44 18.28
N LYS D 44 12.65 45.68 17.83
CA LYS D 44 11.76 46.65 18.44
C LYS D 44 11.42 46.24 19.87
N THR D 45 11.08 44.96 20.05
CA THR D 45 10.61 44.45 21.33
C THR D 45 11.76 44.41 22.34
N LEU D 46 12.96 44.05 21.87
CA LEU D 46 14.13 43.93 22.72
C LEU D 46 14.55 45.30 23.24
N GLU D 47 14.30 46.35 22.44
CA GLU D 47 14.63 47.71 22.82
C GLU D 47 13.59 48.23 23.81
N GLU D 48 12.35 47.77 23.68
CA GLU D 48 11.27 48.09 24.59
C GLU D 48 11.57 47.49 25.96
N ILE D 49 12.09 46.26 25.96
CA ILE D 49 12.51 45.55 27.16
C ILE D 49 13.67 46.31 27.79
N THR D 50 14.60 46.79 26.94
CA THR D 50 15.78 47.52 27.35
C THR D 50 15.37 48.84 28.00
N ARG D 51 14.36 49.50 27.41
CA ARG D 51 13.83 50.76 27.93
C ARG D 51 13.23 50.54 29.32
N ASP D 52 12.55 49.40 29.49
CA ASP D 52 11.92 49.03 30.75
C ASP D 52 12.98 48.76 31.81
N PHE D 53 14.13 48.26 31.37
CA PHE D 53 15.25 47.98 32.26
C PHE D 53 15.95 49.29 32.65
N GLU D 54 16.06 50.20 31.69
CA GLU D 54 16.74 51.48 31.89
C GLU D 54 15.91 52.37 32.83
N LYS D 55 14.58 52.22 32.77
CA LYS D 55 13.67 53.00 33.59
C LYS D 55 13.75 52.53 35.04
N GLU D 56 13.93 51.22 35.22
CA GLU D 56 13.96 50.59 36.54
C GLU D 56 15.38 50.62 37.10
N ASN D 57 16.37 50.79 36.22
CA ASN D 57 17.77 50.96 36.60
C ASN D 57 18.27 52.28 36.01
N PRO D 58 18.02 53.43 36.67
CA PRO D 58 18.28 54.74 36.07
C PRO D 58 19.76 55.10 35.93
N LYS D 59 20.62 54.30 36.56
CA LYS D 59 22.06 54.53 36.55
C LYS D 59 22.74 53.61 35.53
N ILE D 60 21.92 52.86 34.78
CA ILE D 60 22.43 51.93 33.79
C ILE D 60 21.78 52.24 32.43
N LYS D 61 22.63 52.39 31.41
CA LYS D 61 22.19 52.55 30.04
C LYS D 61 22.73 51.40 29.20
N VAL D 62 21.91 50.92 28.27
CA VAL D 62 22.26 49.80 27.41
C VAL D 62 22.10 50.20 25.95
N LYS D 63 23.20 50.07 25.19
CA LYS D 63 23.20 50.34 23.76
C LYS D 63 23.06 49.02 23.00
N VAL D 64 21.93 48.86 22.33
CA VAL D 64 21.64 47.66 21.54
C VAL D 64 22.22 47.85 20.15
N VAL D 65 23.08 46.91 19.73
CA VAL D 65 23.76 46.98 18.45
C VAL D 65 23.10 45.99 17.49
N ASN D 66 22.72 46.50 16.31
CA ASN D 66 22.12 45.70 15.26
C ASN D 66 22.81 46.00 13.93
N VAL D 67 23.67 45.07 13.49
CA VAL D 67 24.40 45.21 12.25
C VAL D 67 24.11 44.01 11.36
N PRO D 68 24.10 44.18 10.02
CA PRO D 68 24.00 43.05 9.09
C PRO D 68 25.19 42.12 9.22
N ASN D 69 24.95 40.81 8.99
CA ASN D 69 25.97 39.78 9.08
C ASN D 69 26.64 39.84 10.46
N ALA D 70 25.80 39.77 11.50
CA ALA D 70 26.24 39.97 12.87
C ALA D 70 27.16 38.84 13.33
N GLY D 71 27.00 37.66 12.72
CA GLY D 71 27.81 36.50 13.03
C GLY D 71 29.28 36.68 12.64
N GLU D 72 29.50 37.35 11.50
CA GLU D 72 30.84 37.59 10.98
C GLU D 72 31.48 38.76 11.73
N VAL D 73 30.66 39.78 12.03
CA VAL D 73 31.12 40.98 12.74
C VAL D 73 31.54 40.57 14.15
N LEU D 74 30.81 39.64 14.76
CA LEU D 74 31.10 39.14 16.09
C LEU D 74 32.42 38.36 16.07
N LYS D 75 32.59 37.51 15.05
CA LYS D 75 33.80 36.72 14.88
C LYS D 75 35.01 37.64 14.75
N THR D 76 34.85 38.72 14.00
CA THR D 76 35.92 39.68 13.74
C THR D 76 36.28 40.44 15.03
N ARG D 77 35.25 40.78 15.81
CA ARG D 77 35.42 41.61 17.00
C ARG D 77 36.05 40.82 18.13
N VAL D 78 35.60 39.57 18.32
CA VAL D 78 36.06 38.73 19.42
C VAL D 78 37.52 38.34 19.20
N LEU D 79 37.87 38.03 17.95
CA LEU D 79 39.23 37.68 17.58
C LEU D 79 40.15 38.90 17.76
N ALA D 80 39.57 40.09 17.57
CA ALA D 80 40.30 41.34 17.70
C ALA D 80 40.50 41.69 19.18
N GLY D 81 39.69 41.07 20.05
CA GLY D 81 39.72 41.36 21.48
C GLY D 81 38.87 42.58 21.81
N ASP D 82 37.77 42.74 21.07
CA ASP D 82 36.79 43.80 21.29
C ASP D 82 35.43 43.15 21.51
N VAL D 83 35.25 42.60 22.72
CA VAL D 83 34.09 41.77 23.04
C VAL D 83 33.03 42.65 23.68
N PRO D 84 31.79 42.66 23.15
CA PRO D 84 30.66 43.37 23.78
C PRO D 84 30.35 42.80 25.16
N ASP D 85 29.77 43.65 26.02
CA ASP D 85 29.48 43.32 27.40
C ASP D 85 28.53 42.13 27.47
N VAL D 86 27.44 42.20 26.69
CA VAL D 86 26.49 41.10 26.58
C VAL D 86 26.37 40.71 25.11
N VAL D 87 26.60 39.42 24.84
CA VAL D 87 26.73 38.93 23.47
C VAL D 87 25.60 37.92 23.21
N ASN D 88 24.81 38.20 22.17
CA ASN D 88 23.85 37.24 21.65
C ASN D 88 24.58 36.26 20.75
N ILE D 89 24.95 35.11 21.33
CA ILE D 89 25.66 34.06 20.62
C ILE D 89 24.89 32.74 20.77
N TYR D 90 24.76 32.01 19.67
CA TYR D 90 24.08 30.74 19.64
C TYR D 90 24.94 29.69 20.35
N PRO D 91 24.40 29.00 21.39
CA PRO D 91 25.23 28.24 22.32
C PRO D 91 25.72 26.88 21.83
N GLN D 92 25.26 26.48 20.64
CA GLN D 92 25.66 25.21 20.05
C GLN D 92 26.90 25.42 19.19
N SER D 93 27.20 26.69 18.89
CA SER D 93 28.24 27.06 17.94
C SER D 93 29.62 26.67 18.47
N ILE D 94 30.53 26.39 17.53
CA ILE D 94 31.92 26.06 17.84
C ILE D 94 32.64 27.32 18.32
N GLU D 95 32.07 28.48 18.00
CA GLU D 95 32.60 29.78 18.42
C GLU D 95 32.57 29.86 19.95
N LEU D 96 31.41 29.58 20.55
CA LEU D 96 31.24 29.64 21.99
C LEU D 96 32.17 28.63 22.66
N GLN D 97 32.26 27.43 22.07
CA GLN D 97 33.09 26.36 22.60
C GLN D 97 34.54 26.81 22.69
N GLU D 98 35.05 27.40 21.60
CA GLU D 98 36.44 27.84 21.51
C GLU D 98 36.68 29.03 22.44
N TRP D 99 35.74 29.99 22.42
CA TRP D 99 35.89 31.24 23.16
C TRP D 99 35.72 31.00 24.66
N ALA D 100 34.92 29.99 25.02
CA ALA D 100 34.71 29.62 26.42
C ALA D 100 36.00 29.06 27.00
N LYS D 101 36.69 28.23 26.20
CA LYS D 101 37.95 27.62 26.60
C LYS D 101 39.04 28.68 26.69
N ALA D 102 38.93 29.71 25.84
CA ALA D 102 39.91 30.78 25.73
C ALA D 102 39.77 31.76 26.88
N GLY D 103 38.61 31.73 27.55
CA GLY D 103 38.33 32.61 28.68
C GLY D 103 37.80 33.96 28.25
N VAL D 104 36.92 33.94 27.23
CA VAL D 104 36.33 35.15 26.68
C VAL D 104 35.07 35.49 27.46
N PHE D 105 34.33 34.44 27.86
CA PHE D 105 33.03 34.61 28.50
C PHE D 105 33.11 34.30 29.98
N GLU D 106 32.24 34.98 30.75
CA GLU D 106 32.12 34.83 32.19
C GLU D 106 31.44 33.50 32.50
N ASP D 107 31.92 32.83 33.56
CA ASP D 107 31.30 31.60 34.04
C ASP D 107 30.00 31.94 34.77
N LEU D 108 28.90 31.35 34.30
CA LEU D 108 27.57 31.69 34.78
C LEU D 108 26.95 30.50 35.53
N SER D 109 27.80 29.51 35.85
CA SER D 109 27.35 28.24 36.41
C SER D 109 26.64 28.44 37.74
N ASN D 110 27.16 29.36 38.57
CA ASN D 110 26.68 29.51 39.94
C ASN D 110 25.87 30.81 40.08
N LYS D 111 25.24 31.23 38.99
CA LYS D 111 24.35 32.39 39.02
C LYS D 111 22.98 31.96 39.51
N ASP D 112 22.39 32.80 40.37
CA ASP D 112 21.12 32.50 41.01
C ASP D 112 19.98 32.59 40.00
N TYR D 113 20.17 33.39 38.95
CA TYR D 113 19.15 33.59 37.94
C TYR D 113 19.12 32.43 36.94
N LEU D 114 20.17 31.61 36.97
CA LEU D 114 20.30 30.49 36.04
C LEU D 114 19.35 29.36 36.43
N LYS D 115 18.83 29.41 37.67
CA LYS D 115 17.91 28.41 38.18
C LYS D 115 16.53 28.62 37.58
N ARG D 116 16.34 29.76 36.89
CA ARG D 116 15.09 30.09 36.22
C ARG D 116 15.02 29.38 34.87
N VAL D 117 16.15 28.80 34.44
CA VAL D 117 16.21 28.00 33.23
C VAL D 117 15.80 26.57 33.59
N LYS D 118 14.81 26.05 32.85
CA LYS D 118 14.16 24.79 33.17
C LYS D 118 14.91 23.62 32.53
N ASN D 119 14.88 22.48 33.24
CA ASN D 119 15.30 21.18 32.73
C ASN D 119 16.78 21.20 32.37
N GLY D 120 17.54 22.11 32.99
CA GLY D 120 18.97 22.25 32.77
C GLY D 120 19.32 22.44 31.30
N TYR D 121 18.61 23.36 30.64
CA TYR D 121 18.81 23.62 29.23
C TYR D 121 20.08 24.44 29.02
N ALA D 122 20.52 25.14 30.08
CA ALA D 122 21.74 25.92 30.04
C ALA D 122 22.96 25.00 30.14
N GLU D 123 22.79 23.89 30.88
CA GLU D 123 23.85 22.91 31.09
C GLU D 123 24.00 22.03 29.84
N LYS D 124 23.02 22.13 28.93
CA LYS D 124 23.00 21.35 27.70
C LYS D 124 24.15 21.79 26.79
N TYR D 125 24.47 23.09 26.84
CA TYR D 125 25.50 23.66 25.99
C TYR D 125 26.73 24.04 26.82
N ALA D 126 26.97 23.29 27.90
CA ALA D 126 28.06 23.57 28.81
C ALA D 126 29.40 23.19 28.17
N VAL D 127 30.43 23.95 28.52
CA VAL D 127 31.79 23.70 28.07
C VAL D 127 32.67 23.45 29.29
N ASN D 128 33.29 22.27 29.33
CA ASN D 128 34.11 21.82 30.45
C ASN D 128 33.27 21.80 31.73
N GLU D 129 32.02 21.36 31.59
CA GLU D 129 31.05 21.23 32.67
C GLU D 129 30.78 22.59 33.32
N LYS D 130 30.84 23.65 32.50
CA LYS D 130 30.59 25.01 32.96
C LYS D 130 29.68 25.73 31.97
N VAL D 131 28.74 26.51 32.52
CA VAL D 131 27.76 27.24 31.73
C VAL D 131 28.33 28.62 31.42
N TYR D 132 28.26 29.01 30.15
CA TYR D 132 28.80 30.28 29.69
C TYR D 132 27.74 31.06 28.91
N ASN D 133 26.53 30.49 28.81
CA ASN D 133 25.47 31.06 28.01
C ASN D 133 24.11 30.76 28.65
N VAL D 134 23.19 31.74 28.55
CA VAL D 134 21.84 31.59 29.05
C VAL D 134 20.89 31.51 27.85
N PRO D 135 20.50 30.28 27.41
CA PRO D 135 19.57 30.12 26.29
C PRO D 135 18.12 30.34 26.74
N PHE D 136 17.60 31.55 26.48
CA PHE D 136 16.26 31.93 26.88
C PHE D 136 15.23 31.18 26.04
N THR D 137 15.47 31.13 24.72
CA THR D 137 14.59 30.44 23.79
C THR D 137 15.39 29.45 22.95
N ALA D 138 14.66 28.56 22.27
CA ALA D 138 15.23 27.63 21.32
C ALA D 138 14.47 27.72 20.00
N ASN D 139 15.20 27.87 18.90
CA ASN D 139 14.58 27.96 17.58
C ASN D 139 14.24 26.55 17.07
N ALA D 140 13.32 26.50 16.10
CA ALA D 140 12.93 25.27 15.44
C ALA D 140 12.79 25.52 13.95
N TYR D 141 12.88 24.46 13.14
CA TYR D 141 12.78 24.56 11.70
C TYR D 141 11.66 23.65 11.19
N GLY D 142 10.87 24.18 10.24
CA GLY D 142 9.81 23.44 9.60
C GLY D 142 9.36 24.12 8.31
N ILE D 143 8.10 23.85 7.91
CA ILE D 143 7.52 24.43 6.72
C ILE D 143 6.29 25.24 7.12
N TYR D 144 6.35 26.56 6.91
CA TYR D 144 5.19 27.42 7.05
C TYR D 144 4.23 27.15 5.90
N TYR D 145 2.92 27.23 6.19
CA TYR D 145 1.90 27.00 5.17
C TYR D 145 0.64 27.80 5.49
N ASN D 146 -0.12 28.12 4.43
CA ASN D 146 -1.38 28.83 4.52
C ASN D 146 -2.49 27.83 4.82
N LYS D 147 -3.11 27.96 6.00
CA LYS D 147 -4.13 27.03 6.45
C LYS D 147 -5.45 27.28 5.70
N ASP D 148 -5.75 28.56 5.47
CA ASP D 148 -6.98 28.97 4.81
C ASP D 148 -6.99 28.49 3.36
N LYS D 149 -5.82 28.54 2.71
CA LYS D 149 -5.68 28.15 1.31
C LYS D 149 -5.62 26.63 1.20
N PHE D 150 -5.12 25.98 2.25
CA PHE D 150 -5.08 24.52 2.33
C PHE D 150 -6.49 23.98 2.54
N GLU D 151 -7.33 24.77 3.23
CA GLU D 151 -8.71 24.40 3.50
C GLU D 151 -9.57 24.73 2.28
N GLU D 152 -9.12 25.71 1.48
CA GLU D 152 -9.84 26.16 0.30
C GLU D 152 -9.76 25.11 -0.80
N LEU D 153 -8.58 24.49 -0.95
CA LEU D 153 -8.33 23.50 -1.98
C LEU D 153 -8.46 22.09 -1.40
N GLY D 154 -8.51 22.01 -0.07
CA GLY D 154 -8.69 20.75 0.63
C GLY D 154 -7.48 19.83 0.48
N LEU D 155 -6.34 20.26 1.03
CA LEU D 155 -5.11 19.50 0.98
C LEU D 155 -4.62 19.24 2.41
N LYS D 156 -3.93 18.11 2.59
CA LYS D 156 -3.52 17.65 3.90
C LYS D 156 -2.02 17.83 4.09
N VAL D 157 -1.58 17.86 5.36
CA VAL D 157 -0.19 17.95 5.74
C VAL D 157 0.50 16.62 5.41
N PRO D 158 1.69 16.62 4.78
CA PRO D 158 2.36 15.38 4.39
C PRO D 158 3.00 14.67 5.58
N GLU D 159 3.08 13.34 5.49
CA GLU D 159 3.58 12.51 6.57
C GLU D 159 4.81 11.72 6.12
N THR D 160 5.08 11.76 4.80
CA THR D 160 6.22 11.06 4.22
C THR D 160 6.86 11.93 3.14
N TRP D 161 8.00 11.47 2.61
CA TRP D 161 8.68 12.12 1.49
C TRP D 161 7.80 12.08 0.25
N ASP D 162 7.18 10.91 0.02
CA ASP D 162 6.39 10.64 -1.16
C ASP D 162 5.14 11.51 -1.17
N GLU D 163 4.59 11.79 0.01
CA GLU D 163 3.42 12.62 0.18
C GLU D 163 3.78 14.09 -0.09
N PHE D 164 4.98 14.48 0.36
CA PHE D 164 5.47 15.84 0.24
C PHE D 164 5.89 16.13 -1.20
N GLU D 165 6.31 15.08 -1.91
CA GLU D 165 6.62 15.16 -3.33
C GLU D 165 5.36 15.43 -4.12
N GLN D 166 4.27 14.74 -3.75
CA GLN D 166 3.00 14.81 -4.46
C GLN D 166 2.32 16.14 -4.16
N LEU D 167 2.52 16.65 -2.94
CA LEU D 167 1.89 17.89 -2.48
C LEU D 167 2.37 19.07 -3.32
N VAL D 168 3.66 19.04 -3.70
CA VAL D 168 4.26 20.09 -4.50
C VAL D 168 3.69 20.03 -5.92
N LYS D 169 3.49 18.80 -6.41
CA LYS D 169 2.98 18.56 -7.76
C LYS D 169 1.49 18.90 -7.83
N ASP D 170 0.79 18.72 -6.71
CA ASP D 170 -0.65 18.94 -6.63
C ASP D 170 -0.97 20.43 -6.65
N ILE D 171 -0.07 21.24 -6.05
CA ILE D 171 -0.26 22.67 -5.96
C ILE D 171 0.01 23.31 -7.32
N VAL D 172 1.03 22.81 -8.01
CA VAL D 172 1.42 23.30 -9.33
C VAL D 172 0.28 23.04 -10.32
N ALA D 173 -0.26 21.81 -10.29
CA ALA D 173 -1.32 21.39 -11.19
C ALA D 173 -2.60 22.18 -10.91
N LYS D 174 -2.71 22.72 -9.69
CA LYS D 174 -3.86 23.51 -9.27
C LYS D 174 -3.68 24.96 -9.70
N GLY D 175 -2.42 25.35 -9.96
CA GLY D 175 -2.13 26.64 -10.57
C GLY D 175 -1.56 27.67 -9.59
N GLN D 176 -1.42 27.28 -8.32
CA GLN D 176 -0.81 28.13 -7.32
C GLN D 176 0.65 27.71 -7.11
N THR D 177 1.42 28.55 -6.41
CA THR D 177 2.84 28.33 -6.24
C THR D 177 3.11 27.67 -4.88
N PRO D 178 3.82 26.50 -4.85
CA PRO D 178 4.09 25.78 -3.61
C PRO D 178 4.96 26.53 -2.61
N PHE D 179 6.20 26.86 -3.00
CA PHE D 179 7.17 27.41 -2.08
C PHE D 179 7.55 28.84 -2.46
N GLY D 180 8.03 29.58 -1.46
CA GLY D 180 8.75 30.84 -1.65
C GLY D 180 10.19 30.71 -1.15
N ILE D 181 11.13 30.70 -2.09
CA ILE D 181 12.53 30.36 -1.82
C ILE D 181 13.39 31.60 -2.01
N ALA D 182 14.37 31.78 -1.13
CA ALA D 182 15.28 32.91 -1.15
C ALA D 182 16.65 32.47 -1.68
N GLY D 183 16.90 32.76 -2.96
CA GLY D 183 18.11 32.33 -3.65
C GLY D 183 19.34 33.10 -3.20
N ALA D 184 19.13 34.37 -2.81
CA ALA D 184 20.21 35.25 -2.38
C ALA D 184 20.67 34.85 -0.97
N ASP D 185 19.73 34.37 -0.15
CA ASP D 185 20.01 33.99 1.23
C ASP D 185 19.95 32.47 1.36
N ALA D 186 21.12 31.84 1.25
CA ALA D 186 21.24 30.39 1.19
C ALA D 186 21.10 29.76 2.57
N TRP D 187 21.13 30.60 3.61
CA TRP D 187 21.07 30.14 4.99
C TRP D 187 19.66 29.68 5.35
N THR D 188 18.69 30.08 4.53
CA THR D 188 17.28 29.80 4.78
C THR D 188 16.97 28.33 4.58
N LEU D 189 17.83 27.64 3.82
CA LEU D 189 17.64 26.23 3.50
C LEU D 189 18.65 25.37 4.24
N ASN D 190 19.24 25.92 5.31
CA ASN D 190 20.21 25.21 6.13
C ASN D 190 19.50 24.07 6.86
N GLY D 191 18.33 24.38 7.45
CA GLY D 191 17.56 23.43 8.23
C GLY D 191 16.96 22.33 7.37
N TYR D 192 16.59 22.68 6.14
CA TYR D 192 15.92 21.77 5.22
C TYR D 192 16.83 20.59 4.90
N ASN D 193 18.06 20.88 4.50
CA ASN D 193 19.01 19.88 4.04
C ASN D 193 19.57 19.09 5.21
N GLN D 194 19.67 19.75 6.38
CA GLN D 194 20.15 19.13 7.60
C GLN D 194 19.16 18.04 8.05
N LEU D 195 17.86 18.36 7.92
CA LEU D 195 16.81 17.44 8.29
C LEU D 195 16.70 16.32 7.26
N ALA D 196 17.05 16.64 6.00
CA ALA D 196 17.05 15.67 4.91
C ALA D 196 18.02 14.54 5.23
N PHE D 197 19.18 14.90 5.79
CA PHE D 197 20.18 13.93 6.21
C PHE D 197 19.73 13.25 7.51
N ALA D 198 19.08 14.02 8.38
CA ALA D 198 18.71 13.57 9.71
C ALA D 198 17.61 12.52 9.64
N THR D 199 16.62 12.75 8.77
CA THR D 199 15.48 11.85 8.61
C THR D 199 15.91 10.56 7.90
N ALA D 200 16.92 10.69 7.03
CA ALA D 200 17.44 9.56 6.27
C ALA D 200 18.25 8.63 7.18
N THR D 201 19.09 9.24 8.03
CA THR D 201 19.97 8.50 8.92
C THR D 201 19.21 8.10 10.18
N GLY D 202 18.11 8.80 10.46
CA GLY D 202 17.23 8.47 11.57
C GLY D 202 17.63 9.15 12.88
N GLY D 203 18.29 10.31 12.76
CA GLY D 203 18.71 11.08 13.92
C GLY D 203 19.79 12.10 13.58
N GLY D 204 19.98 13.07 14.47
CA GLY D 204 20.97 14.13 14.30
C GLY D 204 22.39 13.62 14.50
N LYS D 205 22.55 12.68 15.45
CA LYS D 205 23.85 12.11 15.78
C LYS D 205 24.30 11.18 14.65
N GLU D 206 23.33 10.53 13.99
CA GLU D 206 23.60 9.57 12.92
C GLU D 206 23.98 10.33 11.64
N ALA D 207 23.45 11.55 11.49
CA ALA D 207 23.72 12.39 10.33
C ALA D 207 25.17 12.85 10.34
N ASN D 208 25.71 13.09 11.56
CA ASN D 208 27.08 13.54 11.74
C ASN D 208 28.04 12.37 11.54
N GLN D 209 27.54 11.14 11.73
CA GLN D 209 28.34 9.93 11.56
C GLN D 209 28.57 9.67 10.08
N TYR D 210 27.58 10.03 9.25
CA TYR D 210 27.66 9.84 7.81
C TYR D 210 28.51 10.92 7.18
N LEU D 211 28.37 12.15 7.68
CA LEU D 211 28.96 13.33 7.03
C LEU D 211 30.30 13.67 7.68
N ARG D 212 30.26 13.98 8.98
CA ARG D 212 31.39 14.58 9.67
C ARG D 212 32.42 13.52 10.07
N TYR D 213 31.98 12.52 10.83
CA TYR D 213 32.89 11.58 11.47
C TYR D 213 33.12 10.36 10.59
N SER D 214 33.01 10.54 9.27
CA SER D 214 33.32 9.50 8.31
C SER D 214 34.76 9.64 7.83
N GLN D 215 35.20 8.69 7.00
CA GLN D 215 36.52 8.73 6.39
C GLN D 215 36.53 9.74 5.26
N PRO D 216 37.71 10.28 4.85
CA PRO D 216 37.79 11.16 3.69
C PRO D 216 37.27 10.49 2.42
N ASN D 217 36.42 11.23 1.69
CA ASN D 217 35.82 10.78 0.45
C ASN D 217 34.99 9.51 0.68
N ALA D 218 34.15 9.54 1.72
CA ALA D 218 33.29 8.42 2.07
C ALA D 218 31.88 8.65 1.52
N ILE D 219 31.55 9.92 1.24
CA ILE D 219 30.25 10.28 0.69
C ILE D 219 30.22 9.92 -0.78
N LYS D 220 29.35 8.97 -1.13
CA LYS D 220 29.22 8.46 -2.49
C LYS D 220 27.81 8.73 -2.98
N LEU D 221 27.67 8.85 -4.31
CA LEU D 221 26.37 8.99 -4.97
C LEU D 221 25.63 7.64 -4.91
N SER D 222 26.41 6.56 -4.82
CA SER D 222 25.90 5.20 -4.83
C SER D 222 25.22 4.87 -3.49
N ASP D 223 25.63 5.57 -2.43
CA ASP D 223 25.13 5.36 -1.09
C ASP D 223 23.62 5.59 -1.06
N PRO D 224 22.84 4.69 -0.40
CA PRO D 224 21.39 4.87 -0.27
C PRO D 224 21.05 6.10 0.58
N ILE D 225 21.98 6.47 1.47
CA ILE D 225 21.84 7.62 2.35
C ILE D 225 21.81 8.89 1.50
N MET D 226 22.72 8.96 0.53
CA MET D 226 22.88 10.12 -0.33
C MET D 226 21.72 10.21 -1.32
N LYS D 227 21.25 9.04 -1.77
CA LYS D 227 20.15 8.94 -2.72
C LYS D 227 18.88 9.51 -2.09
N ASP D 228 18.74 9.30 -0.78
CA ASP D 228 17.59 9.79 -0.01
C ASP D 228 17.68 11.31 0.12
N ASP D 229 18.90 11.80 0.41
CA ASP D 229 19.15 13.22 0.61
C ASP D 229 18.84 13.99 -0.68
N ILE D 230 19.22 13.40 -1.81
CA ILE D 230 19.00 13.98 -3.13
C ILE D 230 17.50 14.03 -3.41
N LYS D 231 16.79 12.97 -3.02
CA LYS D 231 15.36 12.83 -3.26
C LYS D 231 14.59 13.91 -2.52
N VAL D 232 15.03 14.25 -1.30
CA VAL D 232 14.38 15.24 -0.47
C VAL D 232 14.66 16.64 -1.03
N MET D 233 15.85 16.81 -1.59
CA MET D 233 16.26 18.09 -2.18
C MET D 233 15.59 18.27 -3.53
N ASP D 234 15.15 17.16 -4.14
CA ASP D 234 14.54 17.16 -5.46
C ASP D 234 13.10 17.64 -5.37
N ILE D 235 12.56 17.74 -4.15
CA ILE D 235 11.20 18.19 -3.92
C ILE D 235 11.11 19.68 -4.27
N LEU D 236 12.22 20.41 -4.07
CA LEU D 236 12.29 21.83 -4.34
C LEU D 236 12.61 22.07 -5.82
N ARG D 237 13.03 21.01 -6.52
CA ARG D 237 13.47 21.12 -7.90
C ARG D 237 12.35 20.69 -8.86
N ILE D 238 11.16 20.41 -8.30
CA ILE D 238 10.00 20.05 -9.10
C ILE D 238 9.56 21.26 -9.92
N ASN D 239 9.04 21.00 -11.12
CA ASN D 239 8.67 22.03 -12.08
C ASN D 239 7.58 22.93 -11.49
N GLY D 240 7.87 24.24 -11.46
CA GLY D 240 6.92 25.26 -11.06
C GLY D 240 6.76 25.35 -9.54
N SER D 241 7.71 24.77 -8.80
CA SER D 241 7.65 24.73 -7.35
C SER D 241 8.10 26.06 -6.75
N LYS D 242 8.94 26.79 -7.48
CA LYS D 242 9.50 28.05 -7.01
C LYS D 242 8.87 29.21 -7.78
N GLN D 243 8.79 30.37 -7.11
CA GLN D 243 8.20 31.57 -7.68
C GLN D 243 9.18 32.21 -8.66
N LYS D 244 8.71 33.23 -9.39
CA LYS D 244 9.51 33.94 -10.37
C LYS D 244 10.57 34.78 -9.67
N ASN D 245 11.79 34.74 -10.22
CA ASN D 245 12.94 35.51 -9.74
C ASN D 245 13.30 35.07 -8.32
N TRP D 246 13.35 33.74 -8.12
CA TRP D 246 13.67 33.17 -6.82
C TRP D 246 15.18 33.24 -6.56
N GLU D 247 15.96 33.25 -7.65
CA GLU D 247 17.41 33.21 -7.59
C GLU D 247 17.94 34.48 -6.94
N GLY D 248 17.24 35.59 -7.15
CA GLY D 248 17.64 36.89 -6.62
C GLY D 248 16.78 37.34 -5.44
N ALA D 249 15.88 36.45 -4.99
CA ALA D 249 14.98 36.73 -3.89
C ALA D 249 15.74 36.58 -2.57
N GLY D 250 15.39 37.45 -1.60
CA GLY D 250 16.02 37.45 -0.29
C GLY D 250 15.09 36.95 0.81
N TYR D 251 15.55 37.06 2.05
CA TYR D 251 14.83 36.57 3.22
C TYR D 251 13.58 37.42 3.46
N THR D 252 13.70 38.74 3.22
CA THR D 252 12.62 39.68 3.43
C THR D 252 11.56 39.53 2.33
N ASP D 253 12.01 39.09 1.15
CA ASP D 253 11.16 38.97 -0.03
C ASP D 253 10.17 37.81 0.15
N VAL D 254 10.67 36.69 0.68
CA VAL D 254 9.90 35.45 0.78
C VAL D 254 8.89 35.55 1.93
N ILE D 255 9.19 36.42 2.90
CA ILE D 255 8.27 36.71 3.99
C ILE D 255 7.08 37.49 3.42
N GLY D 256 7.40 38.52 2.62
CA GLY D 256 6.40 39.36 1.99
C GLY D 256 5.49 38.57 1.03
N ALA D 257 6.10 37.64 0.30
CA ALA D 257 5.39 36.81 -0.67
C ALA D 257 4.44 35.86 0.04
N PHE D 258 4.82 35.43 1.25
CA PHE D 258 4.03 34.49 2.03
C PHE D 258 2.90 35.23 2.75
N ALA D 259 3.21 36.44 3.25
CA ALA D 259 2.30 37.23 4.05
C ALA D 259 1.11 37.70 3.21
N ARG D 260 1.38 38.11 1.97
CA ARG D 260 0.35 38.58 1.05
C ARG D 260 -0.49 37.39 0.60
N GLY D 261 0.19 36.31 0.20
CA GLY D 261 -0.45 35.09 -0.25
C GLY D 261 -0.10 34.73 -1.69
N ASP D 262 1.14 35.04 -2.09
CA ASP D 262 1.65 34.74 -3.41
C ASP D 262 2.10 33.28 -3.45
N VAL D 263 2.87 32.88 -2.43
CA VAL D 263 3.33 31.52 -2.26
C VAL D 263 2.54 30.88 -1.12
N LEU D 264 2.42 29.54 -1.16
CA LEU D 264 1.60 28.81 -0.21
C LEU D 264 2.45 28.30 0.96
N MET D 265 3.73 28.05 0.70
CA MET D 265 4.65 27.54 1.71
C MET D 265 5.98 28.27 1.61
N THR D 266 6.78 28.15 2.67
CA THR D 266 8.16 28.64 2.69
C THR D 266 8.94 27.91 3.78
N PRO D 267 9.99 27.15 3.42
CA PRO D 267 10.83 26.46 4.40
C PRO D 267 11.76 27.44 5.13
N ASN D 268 11.49 27.64 6.42
CA ASN D 268 12.25 28.58 7.24
C ASN D 268 12.17 28.17 8.71
N GLY D 269 12.84 28.95 9.56
CA GLY D 269 12.88 28.69 10.99
C GLY D 269 11.79 29.43 11.75
N SER D 270 11.72 29.17 13.07
CA SER D 270 10.68 29.70 13.94
C SER D 270 10.88 31.20 14.17
N TRP D 271 12.00 31.73 13.69
CA TRP D 271 12.37 33.13 13.85
C TRP D 271 11.57 34.01 12.88
N ALA D 272 11.02 33.37 11.84
CA ALA D 272 10.41 34.08 10.72
C ALA D 272 9.01 34.57 11.06
N ILE D 273 8.33 33.86 11.98
CA ILE D 273 6.91 34.05 12.23
C ILE D 273 6.62 35.47 12.70
N THR D 274 7.53 36.06 13.49
CA THR D 274 7.34 37.37 14.06
C THR D 274 7.40 38.44 12.96
N ALA D 275 8.12 38.14 11.88
CA ALA D 275 8.23 39.03 10.74
C ALA D 275 7.06 38.81 9.79
N ILE D 276 6.55 37.57 9.77
CA ILE D 276 5.40 37.20 8.95
C ILE D 276 4.14 37.83 9.55
N ASN D 277 4.08 37.87 10.89
CA ASN D 277 2.94 38.42 11.61
C ASN D 277 2.92 39.95 11.51
N GLU D 278 4.10 40.54 11.36
CA GLU D 278 4.27 41.99 11.37
C GLU D 278 3.75 42.60 10.07
N GLN D 279 3.68 41.78 9.01
CA GLN D 279 3.25 42.22 7.70
C GLN D 279 1.73 42.22 7.61
N LYS D 280 1.09 41.72 8.69
CA LYS D 280 -0.36 41.65 8.82
C LYS D 280 -0.96 40.80 7.70
N PRO D 281 -0.85 39.45 7.76
CA PRO D 281 -1.46 38.58 6.76
C PRO D 281 -2.96 38.43 7.01
N ASN D 282 -3.69 37.99 5.97
CA ASN D 282 -5.13 37.84 6.05
C ASN D 282 -5.48 36.35 5.91
N PHE D 283 -4.89 35.53 6.79
CA PHE D 283 -5.17 34.11 6.87
C PHE D 283 -4.51 33.53 8.13
N LYS D 284 -5.06 32.42 8.61
CA LYS D 284 -4.48 31.68 9.73
C LYS D 284 -3.24 30.94 9.24
N ILE D 285 -2.12 31.13 9.95
CA ILE D 285 -0.85 30.52 9.58
C ILE D 285 -0.67 29.22 10.35
N GLY D 286 -0.05 28.24 9.69
CA GLY D 286 0.29 26.97 10.30
C GLY D 286 1.66 26.48 9.86
N THR D 287 2.18 25.46 10.56
CA THR D 287 3.46 24.86 10.23
C THR D 287 3.36 23.33 10.32
N PHE D 288 4.36 22.65 9.74
CA PHE D 288 4.53 21.22 9.90
C PHE D 288 6.01 20.86 9.79
N MET D 289 6.36 19.73 10.40
CA MET D 289 7.73 19.23 10.40
C MET D 289 8.01 18.49 9.09
N ILE D 290 9.26 18.56 8.64
CA ILE D 290 9.70 17.82 7.47
C ILE D 290 9.72 16.34 7.80
N PRO D 291 8.89 15.51 7.12
CA PRO D 291 8.75 14.09 7.45
C PRO D 291 9.91 13.23 6.95
N GLY D 292 9.91 11.95 7.35
CA GLY D 292 10.92 10.99 6.92
C GLY D 292 10.41 10.11 5.78
N LYS D 293 10.98 8.91 5.68
CA LYS D 293 10.64 7.96 4.63
C LYS D 293 9.27 7.36 4.90
N GLU D 294 9.11 6.79 6.10
CA GLU D 294 7.83 6.27 6.56
C GLU D 294 7.19 7.29 7.51
N LYS D 295 5.88 7.11 7.74
CA LYS D 295 5.10 8.03 8.57
C LYS D 295 5.51 7.88 10.03
N GLY D 296 5.66 9.02 10.71
CA GLY D 296 6.03 9.07 12.12
C GLY D 296 7.54 9.11 12.31
N GLN D 297 8.25 9.67 11.32
CA GLN D 297 9.70 9.78 11.36
C GLN D 297 10.11 11.24 11.17
N SER D 298 9.15 12.15 11.37
CA SER D 298 9.36 13.57 11.19
C SER D 298 10.25 14.13 12.30
N LEU D 299 11.18 15.01 11.91
CA LEU D 299 12.15 15.59 12.84
C LEU D 299 12.20 17.10 12.64
N THR D 300 12.71 17.81 13.65
CA THR D 300 12.95 19.24 13.59
C THR D 300 14.36 19.54 14.12
N VAL D 301 14.94 20.63 13.64
CA VAL D 301 16.30 21.02 14.01
C VAL D 301 16.27 22.43 14.60
N GLY D 302 17.16 22.67 15.57
CA GLY D 302 17.31 23.98 16.18
C GLY D 302 18.19 23.95 17.44
N ALA D 303 18.47 25.14 17.96
CA ALA D 303 19.19 25.33 19.21
C ALA D 303 18.83 26.68 19.82
N GLY D 304 19.58 27.08 20.85
CA GLY D 304 19.37 28.35 21.53
C GLY D 304 19.24 29.52 20.56
N ASP D 305 18.11 30.24 20.66
CA ASP D 305 17.81 31.34 19.76
C ASP D 305 18.28 32.64 20.43
N LEU D 306 17.45 33.16 21.35
CA LEU D 306 17.86 34.27 22.22
C LEU D 306 18.73 33.69 23.32
N ALA D 307 20.05 33.81 23.14
CA ALA D 307 21.02 33.20 24.03
C ALA D 307 22.16 34.19 24.29
N TRP D 308 22.30 34.61 25.55
CA TRP D 308 23.23 35.67 25.92
C TRP D 308 24.42 35.11 26.69
N SER D 309 25.59 35.68 26.40
CA SER D 309 26.81 35.43 27.14
C SER D 309 27.37 36.77 27.62
N ILE D 310 28.10 36.73 28.74
CA ILE D 310 28.71 37.93 29.30
C ILE D 310 30.22 37.85 29.12
N SER D 311 30.81 38.95 28.64
CA SER D 311 32.25 39.08 28.51
C SER D 311 32.91 38.93 29.89
N ALA D 312 33.96 38.11 29.94
CA ALA D 312 34.68 37.83 31.18
C ALA D 312 35.44 39.07 31.64
N THR D 313 35.72 39.97 30.69
CA THR D 313 36.58 41.12 30.94
C THR D 313 35.79 42.42 30.76
N THR D 314 34.49 42.37 31.08
CA THR D 314 33.65 43.55 31.08
C THR D 314 34.05 44.45 32.26
N LYS D 315 34.02 45.76 32.01
CA LYS D 315 34.39 46.76 33.01
C LYS D 315 33.23 46.95 33.99
N HIS D 316 32.05 46.45 33.61
CA HIS D 316 30.85 46.56 34.43
C HIS D 316 30.15 45.20 34.52
N PRO D 317 30.67 44.25 35.34
CA PRO D 317 30.08 42.92 35.44
C PRO D 317 28.76 42.88 36.22
N LYS D 318 28.62 43.80 37.18
CA LYS D 318 27.44 43.86 38.03
C LYS D 318 26.24 44.37 37.22
N GLU D 319 26.51 45.27 36.28
CA GLU D 319 25.48 45.87 35.43
C GLU D 319 25.11 44.89 34.31
N ALA D 320 26.12 44.14 33.83
CA ALA D 320 25.94 43.20 32.73
C ALA D 320 25.10 42.00 33.18
N ASN D 321 25.35 41.54 34.41
CA ASN D 321 24.64 40.42 34.99
C ASN D 321 23.19 40.81 35.27
N ALA D 322 22.97 42.08 35.62
CA ALA D 322 21.66 42.61 35.96
C ALA D 322 20.76 42.63 34.73
N PHE D 323 21.35 42.90 33.55
CA PHE D 323 20.62 42.96 32.30
C PHE D 323 20.22 41.55 31.86
N VAL D 324 21.07 40.57 32.16
CA VAL D 324 20.81 39.17 31.86
C VAL D 324 19.77 38.64 32.85
N GLU D 325 19.89 39.07 34.10
CA GLU D 325 18.98 38.69 35.17
C GLU D 325 17.58 39.19 34.86
N TYR D 326 17.50 40.38 34.24
CA TYR D 326 16.23 41.02 33.93
C TYR D 326 15.46 40.20 32.90
N MET D 327 16.19 39.56 31.98
CA MET D 327 15.59 38.83 30.88
C MET D 327 15.11 37.46 31.35
N THR D 328 15.63 36.99 32.49
CA THR D 328 15.25 35.70 33.04
C THR D 328 13.95 35.81 33.82
N ARG D 329 13.48 37.05 34.01
CA ARG D 329 12.25 37.32 34.77
C ARG D 329 11.04 36.86 33.96
N PRO D 330 10.04 36.22 34.60
CA PRO D 330 8.88 35.67 33.90
C PRO D 330 8.09 36.69 33.08
N GLU D 331 7.85 37.87 33.67
CA GLU D 331 6.98 38.88 33.09
C GLU D 331 7.71 39.63 31.98
N VAL D 332 9.05 39.58 32.00
CA VAL D 332 9.87 40.22 30.99
C VAL D 332 9.99 39.27 29.80
N MET D 333 10.21 37.98 30.10
CA MET D 333 10.33 36.94 29.10
C MET D 333 9.00 36.75 28.38
N GLN D 334 7.90 36.98 29.11
CA GLN D 334 6.55 36.87 28.57
C GLN D 334 6.35 37.89 27.46
N LYS D 335 6.86 39.11 27.69
CA LYS D 335 6.73 40.22 26.75
C LYS D 335 7.42 39.87 25.44
N TYR D 336 8.57 39.18 25.55
CA TYR D 336 9.36 38.77 24.39
C TYR D 336 8.66 37.63 23.66
N TYR D 337 8.21 36.63 24.43
CA TYR D 337 7.65 35.39 23.89
C TYR D 337 6.38 35.67 23.09
N ASP D 338 5.56 36.60 23.58
CA ASP D 338 4.26 36.91 23.00
C ASP D 338 4.41 37.39 21.55
N VAL D 339 5.56 38.01 21.25
CA VAL D 339 5.83 38.54 19.92
C VAL D 339 6.65 37.52 19.13
N ASP D 340 7.69 36.96 19.78
CA ASP D 340 8.61 36.03 19.15
C ASP D 340 7.88 34.73 18.79
N GLY D 341 7.57 33.92 19.81
CA GLY D 341 6.77 32.72 19.64
C GLY D 341 7.57 31.44 19.78
N SER D 342 8.90 31.54 19.64
CA SER D 342 9.79 30.39 19.71
C SER D 342 9.77 29.79 21.12
N PRO D 343 9.85 28.45 21.27
CA PRO D 343 9.80 27.79 22.58
C PRO D 343 10.85 28.33 23.56
N THR D 344 10.42 28.55 24.80
CA THR D 344 11.27 29.13 25.83
C THR D 344 11.53 28.10 26.93
N ALA D 345 12.63 28.28 27.65
CA ALA D 345 13.02 27.41 28.74
C ALA D 345 13.06 28.19 30.05
N ILE D 346 12.33 29.30 30.10
CA ILE D 346 12.28 30.18 31.26
C ILE D 346 11.01 29.87 32.06
N GLU D 347 11.15 29.85 33.39
CA GLU D 347 10.07 29.59 34.31
C GLU D 347 9.04 30.72 34.29
N GLY D 348 7.77 30.36 34.50
CA GLY D 348 6.70 31.32 34.72
C GLY D 348 6.24 32.00 33.43
N VAL D 349 6.46 31.34 32.29
CA VAL D 349 6.05 31.87 31.00
C VAL D 349 4.87 31.04 30.50
N LYS D 350 3.76 31.71 30.19
CA LYS D 350 2.57 31.08 29.66
C LYS D 350 2.80 30.72 28.20
N GLN D 351 2.89 29.42 27.93
CA GLN D 351 3.17 28.90 26.60
C GLN D 351 1.91 28.99 25.74
N ALA D 352 2.10 29.09 24.42
CA ALA D 352 1.00 29.17 23.47
C ALA D 352 0.35 27.81 23.28
N GLY D 353 -0.90 27.80 22.84
CA GLY D 353 -1.69 26.60 22.68
C GLY D 353 -1.50 25.94 21.31
N GLU D 354 -2.47 25.10 20.93
CA GLU D 354 -2.43 24.36 19.68
C GLU D 354 -2.87 25.27 18.53
N ASP D 355 -3.66 26.30 18.85
CA ASP D 355 -4.10 27.28 17.88
C ASP D 355 -2.99 28.33 17.69
N SER D 356 -1.79 27.84 17.39
CA SER D 356 -0.60 28.67 17.21
C SER D 356 0.07 28.32 15.88
N PRO D 357 0.61 29.32 15.14
CA PRO D 357 1.30 29.06 13.88
C PRO D 357 2.44 28.05 13.97
N LEU D 358 3.16 28.07 15.10
CA LEU D 358 4.36 27.27 15.28
C LEU D 358 4.03 25.91 15.90
N ALA D 359 2.75 25.66 16.18
CA ALA D 359 2.31 24.49 16.91
C ALA D 359 2.77 23.21 16.22
N GLY D 360 2.67 23.19 14.88
CA GLY D 360 3.07 22.02 14.09
C GLY D 360 4.59 21.85 14.05
N MET D 361 5.31 22.97 14.07
CA MET D 361 6.76 22.99 13.99
C MET D 361 7.35 22.63 15.36
N THR D 362 6.70 23.12 16.42
CA THR D 362 7.25 23.07 17.77
C THR D 362 6.43 22.12 18.65
N GLU D 363 5.87 21.07 18.03
CA GLU D 363 5.08 20.08 18.73
C GLU D 363 6.02 19.22 19.59
N TYR D 364 7.13 18.79 18.99
CA TYR D 364 8.10 17.93 19.66
C TYR D 364 9.36 18.73 19.97
N ALA D 365 9.18 19.85 20.66
CA ALA D 365 10.29 20.72 21.05
C ALA D 365 10.88 20.24 22.37
N PHE D 366 12.21 20.34 22.47
CA PHE D 366 13.00 19.92 23.62
C PHE D 366 12.95 18.40 23.81
N THR D 367 12.58 17.69 22.73
CA THR D 367 12.48 16.24 22.76
C THR D 367 13.63 15.63 21.96
N ASP D 368 13.61 14.30 21.80
CA ASP D 368 14.60 13.58 21.03
C ASP D 368 14.47 13.93 19.55
N ARG D 369 13.26 14.36 19.16
CA ARG D 369 12.93 14.64 17.78
C ARG D 369 13.29 16.09 17.43
N HIS D 370 13.82 16.82 18.42
CA HIS D 370 14.34 18.16 18.20
C HIS D 370 15.86 18.15 18.42
N LEU D 371 16.60 17.91 17.32
CA LEU D 371 18.04 17.72 17.37
C LEU D 371 18.75 19.07 17.20
N VAL D 372 20.00 19.12 17.67
CA VAL D 372 20.83 20.31 17.62
C VAL D 372 21.37 20.48 16.20
N TRP D 373 21.57 21.74 15.78
CA TRP D 373 22.19 22.07 14.52
C TRP D 373 23.45 21.22 14.33
N LEU D 374 23.64 20.73 13.09
CA LEU D 374 24.67 19.75 12.80
C LEU D 374 26.06 20.41 12.79
N GLN D 375 26.10 21.75 12.68
CA GLN D 375 27.35 22.48 12.66
C GLN D 375 27.90 22.63 14.07
N GLN D 376 27.28 21.93 15.03
CA GLN D 376 27.76 21.83 16.40
C GLN D 376 29.14 21.19 16.41
N TYR D 377 29.39 20.32 15.42
CA TYR D 377 30.63 19.57 15.34
C TYR D 377 31.33 19.84 14.01
N TRP D 378 30.96 20.96 13.36
CA TRP D 378 31.64 21.42 12.15
C TRP D 378 32.47 22.66 12.49
N THR D 379 33.42 22.98 11.60
CA THR D 379 34.28 24.15 11.76
C THR D 379 33.61 25.37 11.15
N SER D 380 32.81 25.14 10.09
CA SER D 380 32.04 26.19 9.43
C SER D 380 30.70 25.62 8.96
N GLU D 381 29.85 26.49 8.40
CA GLU D 381 28.53 26.08 7.93
C GLU D 381 28.15 26.85 6.67
N ALA D 382 28.92 27.89 6.35
CA ALA D 382 28.61 28.80 5.26
C ALA D 382 28.64 28.08 3.91
N ASP D 383 29.60 27.15 3.75
CA ASP D 383 29.77 26.43 2.51
C ASP D 383 28.70 25.35 2.37
N PHE D 384 28.16 24.88 3.50
CA PHE D 384 27.08 23.91 3.52
C PHE D 384 25.79 24.58 3.05
N HIS D 385 25.63 25.86 3.40
CA HIS D 385 24.52 26.69 2.94
C HIS D 385 24.60 26.82 1.42
N THR D 386 25.83 26.96 0.91
CA THR D 386 26.10 27.21 -0.49
C THR D 386 25.75 25.98 -1.34
N LEU D 387 26.35 24.83 -0.97
CA LEU D 387 26.21 23.61 -1.76
C LEU D 387 24.76 23.13 -1.77
N THR D 388 24.00 23.52 -0.74
CA THR D 388 22.59 23.20 -0.62
C THR D 388 21.81 23.98 -1.67
N MET D 389 22.03 25.30 -1.70
CA MET D 389 21.33 26.22 -2.60
C MET D 389 21.82 26.00 -4.03
N ASN D 390 23.10 25.64 -4.17
CA ASN D 390 23.73 25.46 -5.47
C ASN D 390 23.13 24.24 -6.17
N TYR D 391 22.48 23.36 -5.41
CA TYR D 391 21.82 22.20 -5.97
C TYR D 391 20.40 22.55 -6.40
N VAL D 392 19.78 23.51 -5.70
CA VAL D 392 18.43 23.95 -5.99
C VAL D 392 18.38 24.54 -7.40
N LEU D 393 19.45 25.26 -7.76
CA LEU D 393 19.57 25.87 -9.08
C LEU D 393 20.05 24.81 -10.09
N THR D 394 21.28 24.34 -9.89
CA THR D 394 21.89 23.35 -10.78
C THR D 394 21.70 21.96 -10.17
N GLY D 395 21.02 21.09 -10.94
CA GLY D 395 20.66 19.76 -10.47
C GLY D 395 21.81 18.76 -10.62
N ASP D 396 23.05 19.25 -10.45
CA ASP D 396 24.24 18.42 -10.49
C ASP D 396 24.36 17.65 -9.18
N LYS D 397 24.07 16.34 -9.25
CA LYS D 397 24.07 15.48 -8.08
C LYS D 397 25.50 15.14 -7.68
N GLN D 398 26.33 14.80 -8.67
CA GLN D 398 27.72 14.44 -8.46
C GLN D 398 28.50 15.65 -7.97
N GLY D 399 28.08 16.85 -8.42
CA GLY D 399 28.69 18.11 -8.02
C GLY D 399 28.51 18.40 -6.54
N MET D 400 27.32 18.08 -6.02
CA MET D 400 26.98 18.28 -4.61
C MET D 400 27.78 17.31 -3.75
N VAL D 401 27.96 16.08 -4.26
CA VAL D 401 28.70 15.03 -3.58
C VAL D 401 30.15 15.49 -3.36
N ASN D 402 30.74 16.08 -4.40
CA ASN D 402 32.10 16.58 -4.35
C ASN D 402 32.18 17.81 -3.45
N ASP D 403 31.13 18.64 -3.48
CA ASP D 403 31.04 19.85 -2.68
C ASP D 403 30.99 19.49 -1.20
N LEU D 404 30.29 18.40 -0.87
CA LEU D 404 30.15 17.92 0.49
C LEU D 404 31.50 17.39 0.99
N ASN D 405 32.15 16.57 0.15
CA ASN D 405 33.43 15.97 0.48
C ASN D 405 34.48 17.05 0.71
N ALA D 406 34.52 18.04 -0.20
CA ALA D 406 35.48 19.14 -0.13
C ALA D 406 35.25 19.97 1.13
N PHE D 407 34.02 19.90 1.66
CA PHE D 407 33.63 20.67 2.83
C PHE D 407 34.01 19.92 4.11
N PHE D 408 33.86 18.59 4.08
CA PHE D 408 33.98 17.77 5.28
C PHE D 408 35.39 17.18 5.42
N ASN D 409 36.11 17.06 4.30
CA ASN D 409 37.42 16.41 4.28
C ASN D 409 38.40 17.15 5.20
N PRO D 410 38.53 18.49 5.13
CA PRO D 410 39.48 19.22 5.97
C PRO D 410 39.27 19.05 7.48
N MET D 411 38.04 18.70 7.87
CA MET D 411 37.68 18.53 9.26
C MET D 411 38.16 17.18 9.77
N LYS D 412 38.25 16.21 8.86
CA LYS D 412 38.54 14.83 9.19
C LYS D 412 40.05 14.66 9.44
N ALA D 413 40.84 14.77 8.37
CA ALA D 413 42.28 14.59 8.45
C ALA D 413 42.95 15.95 8.70
C1 GLC E . 8.06 -17.20 -51.53
C2 GLC E . 7.08 -16.05 -51.75
C3 GLC E . 6.71 -15.37 -50.43
C4 GLC E . 6.28 -16.38 -49.38
C5 GLC E . 7.31 -17.51 -49.24
C6 GLC E . 6.85 -18.60 -48.29
O2 GLC E . 7.65 -15.10 -52.66
O3 GLC E . 5.65 -14.43 -50.66
O4 GLC E . 6.09 -15.72 -48.12
O5 GLC E . 7.57 -18.10 -50.52
O6 GLC E . 5.50 -18.97 -48.62
C1 GLA E . 5.13 -20.23 -48.01
C2 GLA E . 3.82 -20.72 -48.64
C3 GLA E . 2.65 -19.87 -48.17
C4 GLA E . 2.60 -19.77 -46.64
C5 GLA E . 3.97 -19.29 -46.12
C6 GLA E . 4.03 -19.17 -44.60
O2 GLA E . 3.92 -20.70 -50.07
O3 GLA E . 1.41 -20.39 -48.67
O4 GLA E . 2.29 -21.06 -46.09
O5 GLA E . 5.01 -20.16 -46.59
O6 GLA E . 3.93 -20.48 -44.01
C1 GLA E . 3.75 -20.38 -42.58
C2 GLA E . 3.96 -21.76 -41.96
C3 GLA E . 2.82 -22.71 -42.37
C4 GLA E . 1.44 -22.09 -42.05
C5 GLA E . 1.35 -20.66 -42.57
C6 GLA E . 0.07 -19.96 -42.12
O2 GLA E . 5.22 -22.29 -42.37
O3 GLA E . 2.96 -23.96 -41.69
O4 GLA E . 1.22 -22.13 -40.64
O5 GLA E . 2.48 -19.86 -42.17
O6 GLA E . -0.32 -19.06 -43.15
C1 GLA E . -0.74 -17.80 -42.59
C2 GLA E . -1.66 -17.08 -43.58
C3 GLA E . -0.86 -16.59 -44.79
C4 GLA E . 0.32 -15.74 -44.34
C5 GLA E . 1.17 -16.50 -43.31
C6 GLA E . 2.34 -15.66 -42.79
O2 GLA E . -2.69 -17.97 -44.02
O3 GLA E . -1.70 -15.83 -45.66
O4 GLA E . -0.15 -14.51 -43.78
O5 GLA E . 0.35 -16.94 -42.22
O6 GLA E . 1.86 -14.71 -41.83
C1 FRU E . 10.82 -16.91 -53.05
C2 FRU E . 10.49 -17.38 -51.64
C3 FRU E . 11.66 -17.12 -50.70
C4 FRU E . 11.91 -18.42 -49.96
C5 FRU E . 11.05 -19.47 -50.64
C6 FRU E . 10.15 -20.16 -49.64
O1 FRU E . 11.41 -17.97 -53.82
O2 FRU E . 9.35 -16.67 -51.14
O3 FRU E . 11.35 -16.09 -49.76
O4 FRU E . 13.30 -18.77 -50.06
O5 FRU E . 10.26 -18.80 -51.62
O6 FRU E . 10.27 -21.58 -49.82
C1 GLC F . -34.94 -19.36 -3.89
C2 GLC F . -34.56 -20.79 -4.28
C3 GLC F . -33.05 -20.94 -4.45
C4 GLC F . -32.51 -19.90 -5.43
C5 GLC F . -33.00 -18.48 -5.07
C6 GLC F . -32.66 -17.47 -6.17
O2 GLC F . -35.04 -21.71 -3.28
O3 GLC F . -32.74 -22.25 -4.91
O4 GLC F . -31.09 -19.95 -5.44
O5 GLC F . -34.41 -18.44 -4.87
O6 GLC F . -32.97 -18.04 -7.45
C1 GLA F . -33.08 -17.02 -8.46
C2 GLA F . -33.68 -17.61 -9.74
C3 GLA F . -32.68 -18.55 -10.41
C4 GLA F . -31.34 -17.85 -10.63
C5 GLA F . -30.84 -17.25 -9.32
C6 GLA F . -29.52 -16.50 -9.45
O2 GLA F . -34.89 -18.32 -9.43
O3 GLA F . -33.18 -19.04 -11.65
O4 GLA F . -31.49 -16.83 -11.62
O5 GLA F . -31.84 -16.36 -8.77
O6 GLA F . -29.73 -15.30 -10.22
C1 GLA F . -28.47 -14.69 -10.54
C2 GLA F . -28.71 -13.28 -11.09
C3 GLA F . -29.33 -13.33 -12.49
C4 GLA F . -28.55 -14.24 -13.43
C5 GLA F . -28.26 -15.60 -12.77
C6 GLA F . -27.35 -16.49 -13.63
O2 GLA F . -29.56 -12.56 -10.20
O3 GLA F . -29.39 -12.01 -13.04
O4 GLA F . -27.33 -13.61 -13.82
O5 GLA F . -27.66 -15.43 -11.48
O6 GLA F . -27.69 -17.84 -13.36
C1 GLA F . -26.49 -18.62 -13.18
C2 GLA F . -26.77 -20.08 -13.53
C3 GLA F . -27.69 -20.72 -12.48
C4 GLA F . -27.10 -20.54 -11.08
C5 GLA F . -26.78 -19.07 -10.81
C6 GLA F . -26.10 -18.87 -9.45
O2 GLA F . -27.37 -20.16 -14.82
O3 GLA F . -27.88 -22.11 -12.76
O4 GLA F . -25.93 -21.36 -10.95
O5 GLA F . -25.94 -18.53 -11.86
O6 GLA F . -24.72 -19.19 -9.53
C1 FRU F . -36.17 -18.83 -0.91
C2 FRU F . -35.18 -18.10 -1.82
C3 FRU F . -34.21 -17.27 -0.98
C4 FRU F . -34.37 -15.82 -1.43
C5 FRU F . -35.52 -15.81 -2.43
C6 FRU F . -35.09 -15.17 -3.73
O1 FRU F . -37.39 -19.12 -1.61
O2 FRU F . -34.44 -19.05 -2.59
O3 FRU F . -32.86 -17.68 -1.19
O4 FRU F . -34.70 -15.00 -0.30
O5 FRU F . -35.90 -17.17 -2.67
O6 FRU F . -36.18 -15.19 -4.66
C1 GLC G . 1.53 -1.39 50.46
C2 GLC G . 1.28 0.03 50.96
C3 GLC G . 0.91 0.96 49.80
C4 GLC G . 1.92 0.86 48.66
C5 GLC G . 2.20 -0.60 48.27
C6 GLC G . 3.35 -0.72 47.27
O2 GLC G . 0.24 0.02 51.94
O3 GLC G . 0.84 2.30 50.28
O4 GLC G . 1.43 1.59 47.52
O5 GLC G . 2.54 -1.38 49.43
O6 GLC G . 4.38 0.22 47.60
C1 GLA G . 5.64 -0.16 47.01
C2 GLA G . 6.76 0.63 47.68
C3 GLA G . 6.69 2.11 47.29
C4 GLA G . 6.63 2.28 45.77
C5 GLA G . 5.50 1.41 45.20
C6 GLA G . 5.33 1.52 43.69
O2 GLA G . 6.67 0.50 49.10
O3 GLA G . 7.80 2.83 47.83
O4 GLA G . 7.88 1.89 45.19
O5 GLA G . 5.69 0.05 45.59
O6 GLA G . 6.47 0.95 43.03
C1 GLA G . 6.44 1.27 41.63
C2 GLA G . 7.45 0.41 40.87
C3 GLA G . 8.88 0.79 41.26
C4 GLA G . 9.12 2.29 41.04
C5 GLA G . 8.00 3.12 41.70
C6 GLA G . 8.11 4.61 41.36
O2 GLA G . 7.21 -0.98 41.14
O3 GLA G . 9.82 0.03 40.50
O4 GLA G . 9.18 2.56 39.63
O5 GLA G . 6.70 2.65 41.33
O6 GLA G . 7.61 5.35 42.47
C1 GLA G . 6.79 6.44 42.02
C2 GLA G . 6.77 7.54 43.08
C3 GLA G . 6.02 7.06 44.32
C4 GLA G . 4.61 6.58 43.94
C5 GLA G . 4.67 5.57 42.80
C6 GLA G . 3.27 5.17 42.32
O2 GLA G . 8.11 7.90 43.43
O3 GLA G . 5.96 8.11 45.30
O4 GLA G . 3.80 7.71 43.58
O5 GLA G . 5.44 6.08 41.69
O6 GLA G . 2.68 6.23 41.57
C1 FRU G . -0.86 -3.72 51.13
C2 FRU G . 0.17 -3.38 50.04
C3 FRU G . -0.30 -3.92 48.69
C4 FRU G . 0.71 -4.97 48.26
C5 FRU G . 1.66 -5.13 49.43
C6 FRU G . 3.12 -5.12 48.99
O1 FRU G . -0.26 -3.52 52.42
O2 FRU G . 0.31 -1.96 49.96
O3 FRU G . -0.34 -2.87 47.71
O4 FRU G . 0.05 -6.21 48.00
O5 FRU G . 1.41 -4.04 50.33
O6 FRU G . 3.56 -3.79 48.69
C1 GLC H . 26.30 36.70 5.16
C2 GLC H . 27.14 35.44 5.37
C3 GLC H . 26.25 34.19 5.47
C4 GLC H . 25.13 34.37 6.48
C5 GLC H . 24.35 35.67 6.21
C6 GLC H . 23.30 35.96 7.29
O2 GLC H . 28.07 35.30 4.30
O3 GLC H . 27.06 33.06 5.83
O4 GLC H . 24.25 33.25 6.42
O5 GLC H . 25.26 36.79 6.16
O6 GLC H . 23.88 35.74 8.59
C1 GLA H . 23.07 36.32 9.63
C2 GLA H . 23.87 36.32 10.94
C3 GLA H . 24.05 34.88 11.44
C4 GLA H . 22.69 34.18 11.57
C5 GLA H . 21.91 34.30 10.26
C6 GLA H . 20.51 33.67 10.32
O2 GLA H . 25.15 36.92 10.73
O3 GLA H . 24.75 34.87 12.69
O4 GLA H . 21.96 34.78 12.64
O5 GLA H . 21.82 35.67 9.85
O6 GLA H . 19.70 34.43 11.22
C1 GLA H . 18.47 33.72 11.51
C2 GLA H . 17.50 34.68 12.20
C3 GLA H . 17.99 35.00 13.61
C4 GLA H . 18.23 33.73 14.42
C5 GLA H . 19.14 32.78 13.64
C6 GLA H . 19.32 31.43 14.34
O2 GLA H . 17.37 35.89 11.44
O3 GLA H . 17.03 35.84 14.28
O4 GLA H . 16.98 33.09 14.73
O5 GLA H . 18.63 32.54 12.31
O6 GLA H . 20.63 30.95 14.04
C1 GLA H . 20.59 29.54 13.73
C2 GLA H . 21.95 28.90 14.00
C3 GLA H . 22.97 29.39 12.97
C4 GLA H . 22.48 29.17 11.55
C5 GLA H . 21.07 29.73 11.36
C6 GLA H . 20.49 29.37 9.99
O2 GLA H . 22.38 29.24 15.33
O3 GLA H . 24.23 28.72 13.19
O4 GLA H . 22.50 27.76 11.24
O5 GLA H . 20.18 29.27 12.39
O6 GLA H . 20.02 28.02 9.99
C1 FRU H . 26.93 38.49 2.69
C2 FRU H . 25.58 37.98 3.21
C3 FRU H . 24.62 37.83 2.05
C4 FRU H . 23.30 38.40 2.52
C5 FRU H . 23.64 39.23 3.75
C6 FRU H . 22.71 38.91 4.92
O1 FRU H . 27.54 39.38 3.63
O2 FRU H . 25.73 36.70 3.84
O3 FRU H . 24.45 36.46 1.66
O4 FRU H . 22.71 39.23 1.51
O5 FRU H . 24.99 38.93 4.11
O6 FRU H . 23.08 39.70 6.05
C1 EDO I . -18.76 -19.53 -21.10
O1 EDO I . -18.58 -19.47 -22.50
C2 EDO I . -18.74 -20.92 -20.57
O2 EDO I . -17.77 -21.75 -21.17
#